data_8U1L
#
_entry.id   8U1L
#
_cell.length_a   1.00
_cell.length_b   1.00
_cell.length_c   1.00
_cell.angle_alpha   90.00
_cell.angle_beta   90.00
_cell.angle_gamma   90.00
#
_symmetry.space_group_name_H-M   'P 1'
#
loop_
_entity.id
_entity.type
_entity.pdbx_description
1 polymer 'Heat shock protein 83'
2 polymer 'RAF proto-oncogene serine/threonine-protein kinase'
3 polymer 'Hsp90 co-chaperone Cdc37, N-terminally processed'
4 non-polymer "ADENOSINE-5'-TRIPHOSPHATE"
5 non-polymer 'MAGNESIUM ION'
#
loop_
_entity_poly.entity_id
_entity_poly.type
_entity_poly.pdbx_seq_one_letter_code
_entity_poly.pdbx_strand_id
1 'polypeptide(L)'
;MPEEMQTDSGEVETFAFQAEIAQLMSLIINTFYSNKEIFLRELISNSSDALDKIRYESLTDPSKLDSGKELYIKIIPNKS
EGTFTIIDTGIGMTKADLVNNLGTIAKSGTKAFMEALQAGADISMIGQFGVGFYSCYLVADRVTVHSKHNDDEQYMWESS
AGGSFTVRTDHGEPLGRGTKIVLHIKEDLAEYLEVNKIKEIVKKHSQFIGYPIKLTVEKEREKELAYDEEEEKKEGEEDK
KEDEKEDEKPKIEDVGEDDEEDKDKKKKKTIKEKYTEDEELNKTKPIWTRNADDITQEEYGDFYKSLTNDWEDHLAVKHF
SVEGQLEFRALLFVPRRAPFDLFENKKRKNNIKLYVRRVFIMDNCEDLIPEYLNFIKGVVDSEDLPLNISREMLQQNKIL
KVIRKNLVKKCLELFEELAEDKENYKKYYEQFSKNLKLGIHEDAQNRTKLADLLRYHTSASGDEACSLKEYVSRMKENQK
HIYYITGENRDQVANSSFVERVKKRGYEVVYMTEPIDEYVVQQMREYDGKTLVSVTKEGLELPEDEEEKKKREEDKVKFE
GLCKVMKNILDNKVEKVVVSNRLVESPCCIVTAQYGWSANMERIMKAQALRDTSTMGYMAAKKHLEINPDHSIVETLRQK
AEADKNDKAVKDLVILLYETALLSSGFTLDEPQVHASRIYRMIKLGLGIDEDEPIQVEESSVGDVPPLEGDADDASRMEE
VD
;
A,B
2 'polypeptide(L)'
;GGEHIQGAWKTISNGFGFKDAVFDGSSCISPTIVQQFGYQRRASDDGKLTDPSKTSNTIRVFLPNKQRTVVNVRNGMSLH
DCLMKALKVRGLQPECCAVFRLLHEHKGKKARLDWNTDAASLIGEELQVDFLDHVPLTTHNFARKTFLKLAFCDICQKFL
LNGFRCQTCGYKFHEHCSTKVPTMCVDWSNIRQLLLFPNSTIGDSGVPALPSLTMRRMRESVSRMPVSSQHRYSTPHAFT
FNTSSPSSEGSLSQRQRSTSTPNVHMVSTTLPVDSRMIEDAIRSHSESASPSALSSSPNNLSPTGWSQPKTPVPAQRERA
PVSGTQEKNKIRPRGQRDSSYYWEIEASEVMLSTRIGSGSFGTVYKGKWHGDVAVKILKVVDPTPEQFQAFRNEVAVLRK
TRHVNILLFMGYMTKDNLAIVTQWCEGSSLYKHLHVQETKFQMFQLIDIARQTAQGMDYLHAKNIIHRDMKSNNIFLHEG
LTVKIGDFGLATVKSRWSGSQQVEQPTGSVLWMAPEVIRMQDNNPFSFQSDVYSYGIVLYELMTGELPYSHINNRDQIIF
MVGRGYASPDLSKLYKNCPKAMKRLVADCVKKVKEERPLFPQILSSIELLQHSLPKINRSASEPSLHRAAHTEDINACTL
TTSPRLPVFGHHHHHH
;
C
3 'polypeptide(L)'
;MVDYSVWDHIEV(SEP)DDEDETHPNIDTASLFRWRHQARVERMEQFQKEKEELDRGCRECKRKVAECQRKLKELEVAEG
GKAELERLQAEAQQLRKEERSWEQKLEEMRKKEKSMPWNVDTLSKDGFSKSMVNTKPEKTEEDSEEVREQKHKTFVEKYE
KQIKHFGMLRRWDDSQKYLSDNVHLVCEETANYLVIWCIDLEVEEKCALMEQVAHQTIVMQFILELAKSLKVDPRACFRQ
FFTKIKTADRQYMEGFNDELEAFKERVRGRAKLRIEKAMKEYEEEERKKRLGPGGLDPVEVYESLPEELQKCFDVKDVQM
LQDAISKMDPTDAKYHMQRCIDSGLWVPNSKASEAKEGEEAGPGDPLLEAVPKTGDEKDVSV
;
D
#
# COMPACT_ATOMS: atom_id res chain seq x y z
N GLY A 10 -36.04 32.32 -44.69
CA GLY A 10 -35.10 33.02 -43.84
C GLY A 10 -33.66 32.89 -44.30
N GLU A 11 -32.87 33.91 -44.03
CA GLU A 11 -31.47 33.94 -44.46
C GLU A 11 -30.64 33.10 -43.49
N VAL A 12 -30.11 31.99 -43.98
CA VAL A 12 -29.29 31.08 -43.18
C VAL A 12 -27.86 31.17 -43.68
N GLU A 13 -26.94 31.53 -42.79
CA GLU A 13 -25.53 31.66 -43.12
C GLU A 13 -24.76 30.44 -42.60
N THR A 14 -23.89 29.90 -43.44
CA THR A 14 -23.08 28.74 -43.09
C THR A 14 -21.63 29.17 -42.93
N PHE A 15 -21.01 28.75 -41.83
CA PHE A 15 -19.62 29.04 -41.54
C PHE A 15 -18.90 27.78 -41.13
N ALA A 16 -17.64 27.67 -41.52
CA ALA A 16 -16.79 26.55 -41.13
C ALA A 16 -16.07 26.87 -39.83
N PHE A 17 -15.91 25.84 -39.00
CA PHE A 17 -15.26 26.03 -37.71
C PHE A 17 -13.80 26.44 -37.88
N GLN A 18 -13.33 27.28 -36.96
CA GLN A 18 -11.96 27.77 -36.99
C GLN A 18 -11.29 27.49 -35.65
N ALA A 19 -10.02 27.85 -35.55
CA ALA A 19 -9.23 27.61 -34.35
C ALA A 19 -8.20 28.71 -34.17
N GLU A 20 -7.83 28.96 -32.92
CA GLU A 20 -6.76 29.90 -32.59
C GLU A 20 -5.48 29.11 -32.39
N ILE A 21 -4.45 29.44 -33.20
CA ILE A 21 -3.25 28.62 -33.24
C ILE A 21 -2.45 28.76 -31.95
N ALA A 22 -2.29 29.98 -31.46
CA ALA A 22 -1.46 30.21 -30.27
C ALA A 22 -2.04 29.51 -29.05
N GLN A 23 -3.36 29.64 -28.84
CA GLN A 23 -3.99 28.98 -27.70
C GLN A 23 -3.93 27.46 -27.84
N LEU A 24 -4.06 26.96 -29.06
CA LEU A 24 -3.93 25.51 -29.28
C LEU A 24 -2.53 25.03 -28.95
N MET A 25 -1.50 25.78 -29.36
CA MET A 25 -0.13 25.45 -28.98
C MET A 25 0.04 25.45 -27.48
N SER A 26 -0.51 26.46 -26.79
CA SER A 26 -0.41 26.51 -25.34
C SER A 26 -1.11 25.32 -24.70
N LEU A 27 -2.27 24.93 -25.21
CA LEU A 27 -2.99 23.78 -24.68
C LEU A 27 -2.17 22.50 -24.87
N ILE A 28 -1.62 22.31 -26.06
CA ILE A 28 -0.81 21.11 -26.32
C ILE A 28 0.38 21.07 -25.38
N ILE A 29 1.05 22.21 -25.19
CA ILE A 29 2.26 22.24 -24.36
C ILE A 29 1.92 21.96 -22.90
N ASN A 30 1.02 22.75 -22.32
CA ASN A 30 0.86 22.74 -20.87
C ASN A 30 -0.23 21.82 -20.36
N THR A 31 -1.15 21.36 -21.22
CA THR A 31 -2.37 20.72 -20.74
C THR A 31 -2.45 19.23 -21.01
N PHE A 32 -1.77 18.72 -22.03
CA PHE A 32 -1.96 17.32 -22.43
C PHE A 32 -1.04 16.35 -21.71
N TYR A 33 0.14 16.80 -21.28
CA TYR A 33 1.16 15.90 -20.73
C TYR A 33 1.51 16.33 -19.33
N SER A 34 1.28 15.44 -18.35
CA SER A 34 1.60 15.75 -16.97
C SER A 34 3.10 15.67 -16.69
N ASN A 35 3.78 14.69 -17.26
CA ASN A 35 5.20 14.48 -17.04
C ASN A 35 5.97 14.87 -18.30
N LYS A 36 7.10 15.53 -18.12
CA LYS A 36 7.86 16.04 -19.26
C LYS A 36 8.64 14.94 -19.97
N GLU A 37 8.89 13.81 -19.30
CA GLU A 37 9.75 12.79 -19.87
C GLU A 37 9.15 12.12 -21.10
N ILE A 38 7.86 12.34 -21.38
CA ILE A 38 7.21 11.72 -22.52
C ILE A 38 7.78 12.19 -23.85
N PHE A 39 8.48 13.33 -23.87
CA PHE A 39 8.98 13.88 -25.14
C PHE A 39 9.97 12.92 -25.79
N LEU A 40 10.77 12.21 -24.99
CA LEU A 40 11.61 11.15 -25.55
C LEU A 40 10.77 10.03 -26.15
N ARG A 41 9.68 9.64 -25.49
CA ARG A 41 8.85 8.55 -25.99
C ARG A 41 8.33 8.86 -27.38
N GLU A 42 7.81 10.07 -27.58
CA GLU A 42 7.25 10.45 -28.87
C GLU A 42 8.32 10.51 -29.95
N LEU A 43 9.51 11.02 -29.60
CA LEU A 43 10.59 11.10 -30.57
C LEU A 43 11.05 9.71 -31.01
N ILE A 44 11.19 8.79 -30.04
CA ILE A 44 11.56 7.42 -30.40
C ILE A 44 10.45 6.79 -31.24
N SER A 45 9.19 7.05 -30.91
CA SER A 45 8.09 6.52 -31.69
C SER A 45 8.15 7.01 -33.14
N ASN A 46 8.38 8.31 -33.34
CA ASN A 46 8.44 8.85 -34.69
C ASN A 46 9.65 8.34 -35.46
N SER A 47 10.79 8.21 -34.79
CA SER A 47 11.98 7.67 -35.47
C SER A 47 11.75 6.23 -35.88
N SER A 48 11.14 5.43 -35.01
CA SER A 48 10.79 4.06 -35.37
C SER A 48 9.77 4.03 -36.50
N ASP A 49 8.86 5.01 -36.52
CA ASP A 49 7.90 5.11 -37.63
C ASP A 49 8.65 5.31 -38.96
N ALA A 50 9.62 6.22 -38.97
CA ALA A 50 10.38 6.46 -40.20
C ALA A 50 11.18 5.22 -40.60
N LEU A 51 11.79 4.55 -39.62
CA LEU A 51 12.56 3.35 -39.91
C LEU A 51 11.68 2.25 -40.50
N ASP A 52 10.48 2.05 -39.93
CA ASP A 52 9.58 1.05 -40.49
C ASP A 52 9.08 1.48 -41.86
N LYS A 53 8.94 2.79 -42.09
CA LYS A 53 8.55 3.28 -43.41
C LYS A 53 9.57 2.88 -44.46
N ILE A 54 10.86 3.19 -44.21
CA ILE A 54 11.88 2.83 -45.20
C ILE A 54 12.01 1.33 -45.31
N ARG A 55 11.82 0.60 -44.20
CA ARG A 55 11.91 -0.85 -44.24
C ARG A 55 10.82 -1.43 -45.15
N TYR A 56 9.59 -0.95 -45.00
CA TYR A 56 8.50 -1.44 -45.85
C TYR A 56 8.71 -1.03 -47.30
N GLU A 57 9.24 0.17 -47.53
CA GLU A 57 9.54 0.59 -48.89
C GLU A 57 10.61 -0.30 -49.52
N SER A 58 11.64 -0.65 -48.76
CA SER A 58 12.70 -1.52 -49.27
C SER A 58 12.22 -2.95 -49.46
N LEU A 59 11.20 -3.38 -48.71
CA LEU A 59 10.62 -4.70 -48.95
C LEU A 59 10.10 -4.84 -50.37
N THR A 60 9.73 -3.72 -51.00
CA THR A 60 9.31 -3.73 -52.39
C THR A 60 10.40 -3.28 -53.35
N ASP A 61 11.20 -2.29 -52.97
CA ASP A 61 12.29 -1.79 -53.80
C ASP A 61 13.58 -1.85 -52.99
N PRO A 62 14.39 -2.89 -53.17
CA PRO A 62 15.65 -2.99 -52.40
C PRO A 62 16.61 -1.85 -52.66
N SER A 63 16.49 -1.15 -53.79
CA SER A 63 17.38 -0.03 -54.08
C SER A 63 17.08 1.19 -53.22
N LYS A 64 15.98 1.17 -52.45
CA LYS A 64 15.63 2.32 -51.63
C LYS A 64 16.69 2.61 -50.57
N LEU A 65 17.42 1.60 -50.12
CA LEU A 65 18.39 1.76 -49.04
C LEU A 65 19.78 2.11 -49.55
N ASP A 66 19.94 2.45 -50.83
CA ASP A 66 21.26 2.80 -51.34
C ASP A 66 21.85 4.00 -50.61
N SER A 67 21.00 4.90 -50.11
CA SER A 67 21.48 6.01 -49.30
C SER A 67 21.92 5.58 -47.90
N GLY A 68 21.46 4.44 -47.42
CA GLY A 68 21.85 3.93 -46.12
C GLY A 68 21.29 2.56 -45.82
N LYS A 69 22.14 1.65 -45.34
CA LYS A 69 21.71 0.27 -45.13
C LYS A 69 21.35 0.00 -43.68
N GLU A 70 21.99 0.69 -42.74
CA GLU A 70 21.78 0.42 -41.32
C GLU A 70 20.56 1.16 -40.81
N LEU A 71 19.65 0.44 -40.16
CA LEU A 71 18.41 0.99 -39.64
C LEU A 71 18.53 1.05 -38.11
N TYR A 72 18.43 2.25 -37.56
CA TYR A 72 18.62 2.42 -36.12
C TYR A 72 18.17 3.82 -35.71
N ILE A 73 18.26 4.07 -34.40
CA ILE A 73 18.09 5.39 -33.82
C ILE A 73 19.34 5.67 -32.99
N LYS A 74 19.96 6.83 -33.21
CA LYS A 74 21.14 7.23 -32.48
C LYS A 74 20.85 8.49 -31.67
N ILE A 75 21.24 8.47 -30.40
CA ILE A 75 21.05 9.60 -29.50
C ILE A 75 22.42 10.20 -29.20
N ILE A 76 22.54 11.51 -29.37
CA ILE A 76 23.81 12.20 -29.13
C ILE A 76 23.57 13.35 -28.14
N PRO A 77 23.44 13.07 -26.86
CA PRO A 77 23.37 14.16 -25.88
C PRO A 77 24.67 14.96 -25.87
N ASN A 78 24.55 16.26 -25.66
CA ASN A 78 25.71 17.16 -25.65
C ASN A 78 25.54 18.11 -24.47
N LYS A 79 26.19 17.79 -23.35
CA LYS A 79 26.07 18.62 -22.16
C LYS A 79 26.77 19.97 -22.36
N SER A 80 27.79 20.02 -23.20
CA SER A 80 28.51 21.28 -23.41
C SER A 80 27.64 22.33 -24.08
N GLU A 81 26.92 21.95 -25.14
CA GLU A 81 26.00 22.86 -25.82
C GLU A 81 24.56 22.71 -25.36
N GLY A 82 24.28 21.79 -24.45
CA GLY A 82 22.91 21.55 -24.03
C GLY A 82 21.99 21.11 -25.15
N THR A 83 22.53 20.46 -26.17
CA THR A 83 21.75 20.02 -27.32
C THR A 83 21.56 18.51 -27.27
N PHE A 84 20.30 18.09 -27.22
CA PHE A 84 19.92 16.68 -27.21
C PHE A 84 19.63 16.27 -28.64
N THR A 85 20.63 15.67 -29.31
CA THR A 85 20.56 15.37 -30.73
C THR A 85 20.00 13.96 -30.94
N ILE A 86 18.93 13.86 -31.72
CA ILE A 86 18.34 12.59 -32.09
C ILE A 86 18.55 12.41 -33.59
N ILE A 87 19.22 11.33 -33.96
CA ILE A 87 19.48 11.00 -35.35
C ILE A 87 19.01 9.57 -35.60
N ASP A 88 18.09 9.43 -36.55
CA ASP A 88 17.64 8.13 -37.00
C ASP A 88 17.76 8.06 -38.51
N THR A 89 18.03 6.86 -39.03
CA THR A 89 18.27 6.65 -40.44
C THR A 89 16.98 6.34 -41.20
N GLY A 90 15.85 6.82 -40.70
CA GLY A 90 14.55 6.54 -41.29
C GLY A 90 14.33 7.24 -42.62
N ILE A 91 13.06 7.50 -42.91
CA ILE A 91 12.67 8.17 -44.14
C ILE A 91 12.87 9.68 -43.92
N GLY A 92 13.34 10.37 -44.96
CA GLY A 92 13.51 11.80 -44.89
C GLY A 92 12.23 12.54 -45.23
N MET A 93 12.30 13.86 -45.32
CA MET A 93 11.15 14.68 -45.67
C MET A 93 11.41 15.42 -46.96
N THR A 94 10.40 15.47 -47.82
CA THR A 94 10.38 16.48 -48.87
C THR A 94 9.91 17.80 -48.27
N LYS A 95 10.09 18.89 -49.01
CA LYS A 95 9.67 20.20 -48.52
C LYS A 95 8.17 20.22 -48.27
N ALA A 96 7.39 19.67 -49.22
CA ALA A 96 5.95 19.59 -49.02
C ALA A 96 5.59 18.73 -47.82
N ASP A 97 6.24 17.56 -47.69
CA ASP A 97 6.02 16.73 -46.51
C ASP A 97 6.44 17.45 -45.24
N LEU A 98 7.58 18.15 -45.29
CA LEU A 98 8.05 18.89 -44.12
C LEU A 98 7.00 19.88 -43.64
N VAL A 99 6.51 20.73 -44.54
CA VAL A 99 5.54 21.74 -44.12
C VAL A 99 4.23 21.09 -43.70
N ASN A 100 3.75 20.11 -44.47
CA ASN A 100 2.43 19.52 -44.19
C ASN A 100 2.45 18.73 -42.89
N ASN A 101 3.63 18.27 -42.45
CA ASN A 101 3.69 17.45 -41.26
C ASN A 101 4.07 18.23 -40.01
N LEU A 102 4.90 19.28 -40.14
CA LEU A 102 5.30 20.00 -38.95
C LEU A 102 4.56 21.31 -38.75
N GLY A 103 4.05 21.93 -39.82
CA GLY A 103 3.32 23.17 -39.67
C GLY A 103 1.84 23.01 -39.42
N THR A 104 1.30 21.82 -39.67
CA THR A 104 -0.14 21.58 -39.57
C THR A 104 -0.44 20.83 -38.27
N ILE A 105 -1.23 21.47 -37.40
CA ILE A 105 -1.67 20.82 -36.18
C ILE A 105 -2.72 19.77 -36.52
N ALA A 106 -2.75 18.69 -35.74
CA ALA A 106 -3.71 17.59 -35.90
C ALA A 106 -3.57 16.88 -37.25
N LYS A 107 -2.43 17.02 -37.91
CA LYS A 107 -2.15 16.33 -39.16
C LYS A 107 -1.02 15.34 -38.91
N SER A 108 -1.28 14.07 -39.16
CA SER A 108 -0.30 13.01 -38.98
C SER A 108 0.04 12.44 -40.34
N GLY A 109 1.29 12.63 -40.78
CA GLY A 109 1.74 11.98 -41.99
C GLY A 109 1.74 10.47 -41.88
N THR A 110 1.99 9.94 -40.68
CA THR A 110 1.91 8.51 -40.46
C THR A 110 0.48 8.01 -40.67
N LYS A 111 -0.51 8.73 -40.13
CA LYS A 111 -1.90 8.34 -40.32
C LYS A 111 -2.24 8.27 -41.79
N ALA A 112 -1.85 9.30 -42.53
CA ALA A 112 -2.00 9.28 -43.98
C ALA A 112 -1.26 8.09 -44.58
N PHE A 113 -0.14 7.69 -43.98
CA PHE A 113 0.64 6.58 -44.53
C PHE A 113 -0.13 5.26 -44.44
N MET A 114 -0.66 4.90 -43.27
CA MET A 114 -1.45 3.66 -43.23
C MET A 114 -2.77 3.80 -43.98
N GLU A 115 -3.40 4.99 -43.95
CA GLU A 115 -4.59 5.17 -44.77
C GLU A 115 -4.29 4.98 -46.25
N ALA A 116 -3.06 5.24 -46.68
CA ALA A 116 -2.64 4.94 -48.03
C ALA A 116 -2.38 3.47 -48.27
N LEU A 117 -1.90 2.75 -47.25
CA LEU A 117 -1.56 1.34 -47.40
C LEU A 117 -2.81 0.47 -47.52
N GLN A 118 -2.69 -0.61 -48.29
CA GLN A 118 -3.78 -1.56 -48.43
C GLN A 118 -3.84 -2.50 -47.22
N ALA A 119 -4.96 -3.20 -47.09
CA ALA A 119 -5.16 -4.11 -45.97
C ALA A 119 -4.21 -5.30 -46.09
N GLY A 120 -3.76 -5.79 -44.93
CA GLY A 120 -2.90 -6.96 -44.87
C GLY A 120 -1.44 -6.68 -44.57
N ALA A 121 -0.98 -5.43 -44.62
CA ALA A 121 0.42 -5.13 -44.36
C ALA A 121 0.72 -5.24 -42.87
N ASP A 122 1.91 -5.75 -42.55
CA ASP A 122 2.37 -5.86 -41.18
C ASP A 122 2.84 -4.49 -40.74
N ILE A 123 2.02 -3.83 -39.92
CA ILE A 123 2.27 -2.45 -39.50
C ILE A 123 2.06 -2.37 -38.00
N SER A 124 3.06 -1.84 -37.28
CA SER A 124 2.96 -1.57 -35.86
C SER A 124 2.98 -0.07 -35.54
N MET A 125 2.41 0.74 -36.42
CA MET A 125 2.50 2.20 -36.29
C MET A 125 1.75 2.67 -35.05
N ILE A 126 2.30 3.71 -34.41
CA ILE A 126 1.76 4.21 -33.15
C ILE A 126 1.33 5.66 -33.31
N GLY A 127 1.97 6.38 -34.23
CA GLY A 127 1.68 7.78 -34.43
C GLY A 127 0.39 8.04 -35.17
N GLN A 128 -0.61 8.58 -34.47
CA GLN A 128 -1.92 8.78 -35.06
C GLN A 128 -2.45 10.20 -34.87
N PHE A 129 -2.19 10.81 -33.71
CA PHE A 129 -2.81 12.09 -33.40
C PHE A 129 -2.12 13.27 -34.06
N GLY A 130 -0.93 13.08 -34.62
CA GLY A 130 -0.24 14.16 -35.30
C GLY A 130 0.22 15.28 -34.40
N VAL A 131 0.28 15.06 -33.10
CA VAL A 131 0.69 16.10 -32.15
C VAL A 131 1.83 15.67 -31.25
N GLY A 132 2.30 14.43 -31.32
CA GLY A 132 3.37 14.00 -30.42
C GLY A 132 4.67 14.75 -30.63
N PHE A 133 4.92 15.19 -31.86
CA PHE A 133 6.17 15.91 -32.15
C PHE A 133 6.26 17.21 -31.37
N TYR A 134 5.13 17.90 -31.21
CA TYR A 134 5.12 19.18 -30.50
C TYR A 134 5.44 19.03 -29.02
N SER A 135 5.45 17.80 -28.49
CA SER A 135 5.80 17.60 -27.09
C SER A 135 7.27 17.95 -26.81
N CYS A 136 8.08 18.11 -27.86
CA CYS A 136 9.46 18.52 -27.65
C CYS A 136 9.55 19.88 -26.97
N TYR A 137 8.56 20.74 -27.18
CA TYR A 137 8.56 22.06 -26.54
C TYR A 137 8.31 21.99 -25.04
N LEU A 138 7.95 20.81 -24.50
CA LEU A 138 7.87 20.66 -23.05
C LEU A 138 9.22 20.95 -22.40
N VAL A 139 10.31 20.56 -23.05
CA VAL A 139 11.65 20.72 -22.50
C VAL A 139 12.56 21.56 -23.39
N ALA A 140 12.23 21.73 -24.66
CA ALA A 140 13.06 22.48 -25.58
C ALA A 140 12.36 23.76 -26.03
N ASP A 141 13.08 24.89 -25.92
CA ASP A 141 12.52 26.16 -26.37
C ASP A 141 12.54 26.30 -27.88
N ARG A 142 13.50 25.67 -28.55
CA ARG A 142 13.62 25.76 -29.99
C ARG A 142 13.94 24.38 -30.55
N VAL A 143 13.32 24.05 -31.68
CA VAL A 143 13.48 22.75 -32.32
C VAL A 143 14.25 22.94 -33.62
N THR A 144 15.37 22.23 -33.77
CA THR A 144 16.18 22.24 -34.97
C THR A 144 16.11 20.88 -35.63
N VAL A 145 15.73 20.86 -36.91
CA VAL A 145 15.51 19.63 -37.65
C VAL A 145 16.36 19.63 -38.91
N HIS A 146 17.15 18.59 -39.09
CA HIS A 146 17.83 18.31 -40.35
C HIS A 146 17.14 17.14 -41.02
N SER A 147 16.72 17.33 -42.27
CA SER A 147 16.03 16.28 -42.99
C SER A 147 16.62 16.14 -44.39
N LYS A 148 16.58 14.91 -44.91
CA LYS A 148 17.11 14.60 -46.23
C LYS A 148 16.39 13.37 -46.75
N HIS A 149 15.45 13.57 -47.68
CA HIS A 149 14.76 12.47 -48.32
C HIS A 149 15.54 12.00 -49.55
N ASN A 150 15.24 10.78 -49.99
CA ASN A 150 15.92 10.23 -51.16
C ASN A 150 15.60 11.02 -52.42
N ASP A 151 14.36 11.48 -52.56
CA ASP A 151 13.91 12.18 -53.76
C ASP A 151 14.04 13.70 -53.63
N ASP A 152 14.61 14.20 -52.55
CA ASP A 152 14.72 15.63 -52.32
C ASP A 152 16.09 15.96 -51.76
N GLU A 153 16.39 17.25 -51.71
CA GLU A 153 17.66 17.70 -51.13
C GLU A 153 17.56 17.73 -49.61
N GLN A 154 18.60 18.28 -48.99
CA GLN A 154 18.63 18.40 -47.53
C GLN A 154 18.12 19.78 -47.13
N TYR A 155 17.22 19.80 -46.15
CA TYR A 155 16.53 21.02 -45.75
C TYR A 155 16.65 21.25 -44.26
N MET A 156 16.44 22.50 -43.86
CA MET A 156 16.45 22.92 -42.47
C MET A 156 15.06 23.42 -42.08
N TRP A 157 14.55 22.91 -40.97
CA TRP A 157 13.32 23.41 -40.37
C TRP A 157 13.61 23.84 -38.94
N GLU A 158 13.08 25.00 -38.56
CA GLU A 158 13.37 25.56 -37.24
C GLU A 158 12.20 26.41 -36.78
N SER A 159 11.87 26.31 -35.49
CA SER A 159 10.82 27.12 -34.90
C SER A 159 11.02 27.16 -33.40
N SER A 160 10.44 28.18 -32.76
CA SER A 160 10.48 28.34 -31.32
C SER A 160 9.09 28.34 -30.71
N ALA A 161 8.13 27.64 -31.33
CA ALA A 161 6.74 27.57 -30.91
C ALA A 161 6.09 28.95 -30.86
N GLY A 162 6.59 29.92 -31.61
CA GLY A 162 6.01 31.25 -31.61
C GLY A 162 4.97 31.45 -32.69
N GLY A 163 4.39 30.35 -33.16
CA GLY A 163 3.39 30.41 -34.21
C GLY A 163 3.92 30.45 -35.61
N SER A 164 5.24 30.45 -35.79
CA SER A 164 5.84 30.48 -37.13
C SER A 164 7.09 29.62 -37.14
N PHE A 165 7.44 29.14 -38.33
CA PHE A 165 8.62 28.30 -38.52
C PHE A 165 9.37 28.76 -39.77
N THR A 166 10.65 28.41 -39.82
CA THR A 166 11.52 28.76 -40.93
C THR A 166 11.97 27.51 -41.67
N VAL A 167 11.97 27.58 -42.99
CA VAL A 167 12.37 26.49 -43.87
C VAL A 167 13.43 26.98 -44.83
N ARG A 168 14.54 26.24 -44.93
CA ARG A 168 15.62 26.56 -45.84
C ARG A 168 16.35 25.28 -46.21
N THR A 169 17.08 25.32 -47.31
CA THR A 169 17.90 24.19 -47.71
C THR A 169 19.07 24.02 -46.75
N ASP A 170 19.45 22.77 -46.51
CA ASP A 170 20.54 22.44 -45.60
C ASP A 170 21.78 22.08 -46.40
N HIS A 171 22.91 22.68 -46.04
CA HIS A 171 24.18 22.46 -46.73
C HIS A 171 25.29 22.05 -45.77
N GLY A 172 24.95 21.54 -44.59
CA GLY A 172 25.96 21.10 -43.64
C GLY A 172 26.48 19.71 -43.94
N GLU A 173 26.67 18.91 -42.91
CA GLU A 173 27.12 17.54 -43.10
C GLU A 173 26.05 16.74 -43.84
N PRO A 174 26.40 16.03 -44.91
CA PRO A 174 25.39 15.24 -45.64
C PRO A 174 24.89 14.08 -44.79
N LEU A 175 23.57 14.02 -44.61
CA LEU A 175 22.94 12.95 -43.86
C LEU A 175 22.64 11.72 -44.71
N GLY A 176 22.60 11.88 -46.03
CA GLY A 176 22.28 10.78 -46.91
C GLY A 176 20.81 10.46 -46.92
N ARG A 177 20.32 9.93 -45.80
CA ARG A 177 18.89 9.67 -45.62
C ARG A 177 18.60 9.56 -44.13
N GLY A 178 17.38 9.92 -43.75
CA GLY A 178 16.96 9.89 -42.36
C GLY A 178 16.48 11.25 -41.88
N THR A 179 16.65 11.48 -40.59
CA THR A 179 16.26 12.75 -39.99
C THR A 179 17.16 13.00 -38.78
N LYS A 180 17.55 14.26 -38.60
CA LYS A 180 18.39 14.69 -37.48
C LYS A 180 17.65 15.78 -36.72
N ILE A 181 17.13 15.42 -35.55
CA ILE A 181 16.41 16.35 -34.69
C ILE A 181 17.37 16.82 -33.60
N VAL A 182 17.55 18.13 -33.50
CA VAL A 182 18.37 18.73 -32.45
C VAL A 182 17.48 19.62 -31.61
N LEU A 183 17.42 19.33 -30.31
CA LEU A 183 16.58 20.08 -29.37
C LEU A 183 17.46 20.96 -28.50
N HIS A 184 17.12 22.24 -28.42
CA HIS A 184 17.80 23.17 -27.52
C HIS A 184 17.04 23.13 -26.19
N ILE A 185 17.48 22.26 -25.28
CA ILE A 185 16.75 22.02 -24.05
C ILE A 185 16.82 23.25 -23.17
N LYS A 186 15.70 23.55 -22.49
CA LYS A 186 15.65 24.69 -21.59
C LYS A 186 16.62 24.48 -20.42
N GLU A 187 17.09 25.60 -19.86
CA GLU A 187 18.17 25.55 -18.88
C GLU A 187 17.78 24.78 -17.62
N ASP A 188 16.51 24.71 -17.30
CA ASP A 188 16.04 24.05 -16.09
C ASP A 188 15.89 22.54 -16.27
N LEU A 189 16.14 22.01 -17.46
CA LEU A 189 15.88 20.62 -17.77
C LEU A 189 17.12 19.87 -18.25
N ALA A 190 18.27 20.11 -17.63
CA ALA A 190 19.48 19.34 -17.93
C ALA A 190 19.37 17.91 -17.45
N GLU A 191 18.34 17.57 -16.67
CA GLU A 191 18.17 16.21 -16.18
C GLU A 191 18.12 15.19 -17.32
N TYR A 192 17.58 15.59 -18.49
CA TYR A 192 17.46 14.67 -19.60
C TYR A 192 18.77 14.44 -20.33
N LEU A 193 19.83 15.15 -19.96
CA LEU A 193 21.16 14.86 -20.45
C LEU A 193 21.91 13.86 -19.57
N GLU A 194 21.37 13.52 -18.41
CA GLU A 194 22.01 12.54 -17.53
C GLU A 194 21.90 11.15 -18.13
N VAL A 195 23.05 10.46 -18.21
CA VAL A 195 23.08 9.15 -18.85
C VAL A 195 22.18 8.16 -18.11
N ASN A 196 22.21 8.22 -16.78
CA ASN A 196 21.33 7.35 -15.99
C ASN A 196 19.87 7.70 -16.24
N LYS A 197 19.55 8.99 -16.32
CA LYS A 197 18.17 9.39 -16.59
C LYS A 197 17.72 8.90 -17.96
N ILE A 198 18.57 9.04 -18.98
CA ILE A 198 18.21 8.59 -20.33
C ILE A 198 17.98 7.09 -20.32
N LYS A 199 18.88 6.34 -19.67
CA LYS A 199 18.72 4.88 -19.61
C LYS A 199 17.44 4.51 -18.89
N GLU A 200 17.13 5.18 -17.78
CA GLU A 200 15.88 4.91 -17.07
C GLU A 200 14.68 5.15 -17.96
N ILE A 201 14.66 6.28 -18.67
CA ILE A 201 13.50 6.61 -19.50
C ILE A 201 13.34 5.60 -20.64
N VAL A 202 14.45 5.23 -21.29
CA VAL A 202 14.33 4.34 -22.44
C VAL A 202 13.92 2.94 -21.99
N LYS A 203 14.47 2.47 -20.86
CA LYS A 203 14.09 1.15 -20.37
C LYS A 203 12.66 1.15 -19.86
N LYS A 204 12.18 2.30 -19.36
CA LYS A 204 10.81 2.37 -18.86
C LYS A 204 9.81 2.39 -20.00
N HIS A 205 10.09 3.18 -21.05
CA HIS A 205 9.11 3.40 -22.11
C HIS A 205 9.41 2.66 -23.40
N SER A 206 10.61 2.84 -23.98
CA SER A 206 10.93 2.26 -25.27
C SER A 206 11.93 1.11 -25.15
N GLN A 207 11.80 0.29 -24.10
CA GLN A 207 12.72 -0.82 -23.89
C GLN A 207 12.62 -1.87 -25.00
N PHE A 208 11.45 -2.05 -25.60
CA PHE A 208 11.22 -3.12 -26.56
C PHE A 208 11.03 -2.59 -27.98
N ILE A 209 11.72 -1.51 -28.35
CA ILE A 209 11.70 -1.06 -29.74
C ILE A 209 12.57 -1.98 -30.58
N GLY A 210 12.04 -2.40 -31.72
CA GLY A 210 12.69 -3.41 -32.54
C GLY A 210 13.85 -2.91 -33.38
N TYR A 211 14.49 -1.82 -32.95
CA TYR A 211 15.65 -1.29 -33.64
C TYR A 211 16.74 -0.92 -32.65
N PRO A 212 18.00 -1.06 -33.03
CA PRO A 212 19.11 -0.76 -32.12
C PRO A 212 19.17 0.72 -31.77
N ILE A 213 19.21 1.02 -30.48
CA ILE A 213 19.32 2.37 -29.98
C ILE A 213 20.71 2.54 -29.37
N LYS A 214 21.55 3.35 -30.00
CA LYS A 214 22.89 3.63 -29.52
C LYS A 214 22.90 4.98 -28.82
N LEU A 215 23.48 5.02 -27.63
CA LEU A 215 23.58 6.25 -26.85
C LEU A 215 25.06 6.55 -26.63
N THR A 216 25.51 7.72 -27.06
CA THR A 216 26.93 8.08 -27.04
C THR A 216 27.15 9.13 -25.95
N VAL A 217 28.09 8.85 -25.04
CA VAL A 217 28.27 9.68 -23.85
C VAL A 217 29.74 9.97 -23.61
N GLU A 218 30.05 10.56 -22.46
CA GLU A 218 31.35 11.12 -22.11
C GLU A 218 32.53 10.17 -22.31
N LYS A 219 33.73 10.73 -22.39
CA LYS A 219 34.93 10.00 -22.73
C LYS A 219 35.24 8.91 -21.72
N GLU A 220 35.78 7.80 -22.21
CA GLU A 220 36.33 6.73 -21.38
C GLU A 220 37.85 6.86 -21.39
N ARG A 221 38.39 7.74 -20.55
CA ARG A 221 39.82 7.95 -20.50
C ARG A 221 40.32 7.80 -19.07
N GLU A 222 41.32 6.94 -18.89
CA GLU A 222 42.07 6.85 -17.64
C GLU A 222 43.40 7.56 -17.88
N LYS A 223 43.60 8.68 -17.20
CA LYS A 223 44.66 9.61 -17.51
C LYS A 223 45.92 9.25 -16.70
N GLU A 224 47.02 9.01 -17.41
CA GLU A 224 48.30 8.73 -16.77
C GLU A 224 49.16 9.99 -16.73
N LYS A 267 50.68 10.61 -26.80
CA LYS A 267 51.52 10.68 -25.62
C LYS A 267 51.58 9.33 -24.90
N LYS A 268 52.59 9.16 -24.04
CA LYS A 268 52.76 7.90 -23.32
C LYS A 268 51.64 7.64 -22.33
N LYS A 269 50.87 8.65 -21.97
CA LYS A 269 49.73 8.46 -21.09
C LYS A 269 48.66 7.63 -21.78
N THR A 270 47.89 6.90 -20.98
CA THR A 270 46.75 6.17 -21.52
C THR A 270 45.61 7.13 -21.79
N ILE A 271 44.93 6.96 -22.93
CA ILE A 271 43.80 7.81 -23.28
C ILE A 271 42.57 6.96 -23.53
N LYS A 272 42.79 5.72 -23.96
CA LYS A 272 41.70 4.81 -24.35
C LYS A 272 40.83 5.53 -25.39
N GLU A 273 39.51 5.40 -25.24
CA GLU A 273 38.55 6.00 -26.15
C GLU A 273 38.21 7.41 -25.67
N LYS A 274 38.27 8.38 -26.58
CA LYS A 274 37.96 9.76 -26.24
C LYS A 274 36.46 10.02 -26.38
N TYR A 275 35.67 8.95 -26.28
CA TYR A 275 34.22 9.02 -26.18
C TYR A 275 33.76 7.65 -25.69
N THR A 276 32.44 7.50 -25.56
CA THR A 276 31.86 6.23 -25.15
C THR A 276 30.99 5.69 -26.28
N GLU A 277 31.33 4.50 -26.77
CA GLU A 277 30.53 3.86 -27.80
C GLU A 277 29.66 2.78 -27.16
N ASP A 278 28.42 3.14 -26.84
CA ASP A 278 27.41 2.19 -26.37
C ASP A 278 26.48 1.91 -27.53
N GLU A 279 26.28 0.64 -27.85
CA GLU A 279 25.66 0.24 -29.10
C GLU A 279 24.20 -0.14 -28.99
N GLU A 280 23.72 -0.54 -27.80
CA GLU A 280 22.32 -0.93 -27.70
C GLU A 280 21.87 -0.81 -26.25
N LEU A 281 20.69 -0.20 -26.06
CA LEU A 281 20.01 -0.25 -24.77
C LEU A 281 18.80 -1.16 -24.80
N ASN A 282 18.20 -1.36 -25.98
CA ASN A 282 17.09 -2.28 -26.15
C ASN A 282 17.60 -3.65 -26.56
N LYS A 283 18.57 -4.20 -25.81
CA LYS A 283 19.11 -5.51 -26.13
C LYS A 283 18.07 -6.61 -25.94
N THR A 284 17.21 -6.46 -24.94
CA THR A 284 16.18 -7.46 -24.65
C THR A 284 15.10 -7.37 -25.73
N LYS A 285 15.09 -8.34 -26.64
CA LYS A 285 14.09 -8.35 -27.69
C LYS A 285 12.73 -8.76 -27.12
N PRO A 286 11.64 -8.29 -27.73
CA PRO A 286 10.29 -8.68 -27.28
C PRO A 286 9.94 -10.11 -27.69
N ILE A 287 10.39 -11.07 -26.88
CA ILE A 287 10.20 -12.48 -27.20
C ILE A 287 8.71 -12.84 -27.24
N TRP A 288 7.86 -12.08 -26.58
CA TRP A 288 6.42 -12.36 -26.64
C TRP A 288 5.88 -12.23 -28.05
N THR A 289 6.45 -11.35 -28.87
CA THR A 289 6.07 -11.26 -30.28
C THR A 289 6.35 -12.56 -31.03
N ARG A 290 7.35 -13.32 -30.62
CA ARG A 290 7.65 -14.59 -31.26
C ARG A 290 6.65 -15.66 -30.83
N ASN A 291 6.57 -16.72 -31.63
CA ASN A 291 5.71 -17.84 -31.31
C ASN A 291 6.30 -18.61 -30.13
N ALA A 292 5.43 -19.23 -29.33
CA ALA A 292 5.88 -19.92 -28.13
C ALA A 292 6.70 -21.16 -28.47
N ASP A 293 6.37 -21.84 -29.58
CA ASP A 293 7.02 -23.10 -29.92
C ASP A 293 8.51 -22.93 -30.22
N ASP A 294 8.94 -21.76 -30.67
CA ASP A 294 10.33 -21.56 -31.08
C ASP A 294 11.18 -20.90 -29.99
N ILE A 295 10.68 -20.80 -28.76
CA ILE A 295 11.40 -20.20 -27.65
C ILE A 295 11.76 -21.30 -26.66
N THR A 296 13.04 -21.35 -26.28
CA THR A 296 13.52 -22.37 -25.36
C THR A 296 13.52 -21.83 -23.92
N GLN A 297 13.83 -22.72 -22.99
CA GLN A 297 13.82 -22.35 -21.57
C GLN A 297 14.89 -21.31 -21.25
N GLU A 298 16.05 -21.42 -21.88
CA GLU A 298 17.11 -20.44 -21.62
C GLU A 298 16.70 -19.04 -22.05
N GLU A 299 16.00 -18.94 -23.19
CA GLU A 299 15.51 -17.64 -23.65
C GLU A 299 14.55 -17.04 -22.63
N TYR A 300 13.59 -17.84 -22.14
CA TYR A 300 12.66 -17.36 -21.13
C TYR A 300 13.39 -16.93 -19.87
N GLY A 301 14.39 -17.72 -19.44
CA GLY A 301 15.12 -17.37 -18.23
C GLY A 301 15.88 -16.06 -18.37
N ASP A 302 16.56 -15.88 -19.51
CA ASP A 302 17.28 -14.64 -19.74
C ASP A 302 16.33 -13.45 -19.79
N PHE A 303 15.19 -13.61 -20.46
CA PHE A 303 14.21 -12.53 -20.55
C PHE A 303 13.68 -12.17 -19.17
N TYR A 304 13.36 -13.19 -18.36
CA TYR A 304 12.85 -12.95 -17.02
C TYR A 304 13.90 -12.27 -16.14
N LYS A 305 15.15 -12.70 -16.25
CA LYS A 305 16.21 -12.08 -15.48
C LYS A 305 16.44 -10.63 -15.92
N SER A 306 16.29 -10.36 -17.22
CA SER A 306 16.42 -9.00 -17.70
C SER A 306 15.32 -8.10 -17.14
N LEU A 307 14.07 -8.54 -17.23
CA LEU A 307 12.97 -7.71 -16.73
C LEU A 307 13.02 -7.55 -15.22
N THR A 308 13.11 -8.65 -14.48
CA THR A 308 12.94 -8.62 -13.03
C THR A 308 14.23 -8.41 -12.25
N ASN A 309 15.38 -8.36 -12.93
CA ASN A 309 16.68 -8.27 -12.29
C ASN A 309 16.95 -9.47 -11.37
N ASP A 310 16.17 -10.53 -11.51
CA ASP A 310 16.34 -11.72 -10.68
C ASP A 310 17.61 -12.46 -11.06
N TRP A 311 18.19 -13.13 -10.07
CA TRP A 311 19.36 -13.97 -10.31
C TRP A 311 18.99 -15.42 -10.56
N GLU A 312 17.88 -15.89 -9.98
CA GLU A 312 17.37 -17.22 -10.25
C GLU A 312 16.52 -17.21 -11.52
N ASP A 313 16.20 -18.40 -11.99
CA ASP A 313 15.29 -18.53 -13.12
C ASP A 313 13.84 -18.44 -12.65
N HIS A 314 12.93 -18.53 -13.61
CA HIS A 314 11.51 -18.67 -13.32
C HIS A 314 11.22 -20.05 -12.72
N LEU A 315 10.08 -20.14 -12.04
CA LEU A 315 9.59 -21.46 -11.66
C LEU A 315 8.84 -22.12 -12.81
N ALA A 316 8.08 -21.32 -13.58
CA ALA A 316 7.40 -21.78 -14.78
C ALA A 316 7.06 -20.56 -15.62
N VAL A 317 6.75 -20.81 -16.89
CA VAL A 317 6.39 -19.75 -17.82
C VAL A 317 5.08 -20.14 -18.50
N LYS A 318 4.22 -19.16 -18.72
CA LYS A 318 3.02 -19.34 -19.52
C LYS A 318 2.94 -18.18 -20.52
N HIS A 319 2.95 -18.51 -21.81
CA HIS A 319 2.93 -17.53 -22.89
C HIS A 319 1.71 -17.81 -23.75
N PHE A 320 0.97 -16.75 -24.09
CA PHE A 320 -0.24 -16.91 -24.87
C PHE A 320 -0.70 -15.57 -25.41
N SER A 321 -1.56 -15.63 -26.42
CA SER A 321 -2.25 -14.47 -26.94
C SER A 321 -3.75 -14.72 -26.92
N VAL A 322 -4.53 -13.64 -26.99
CA VAL A 322 -5.98 -13.73 -27.02
C VAL A 322 -6.46 -13.05 -28.30
N GLU A 323 -7.29 -13.75 -29.06
CA GLU A 323 -7.79 -13.27 -30.33
C GLU A 323 -9.30 -13.10 -30.27
N GLY A 324 -9.84 -12.48 -31.31
CA GLY A 324 -11.27 -12.23 -31.38
C GLY A 324 -11.60 -10.76 -31.55
N GLN A 325 -12.61 -10.29 -30.82
CA GLN A 325 -12.97 -8.87 -30.89
C GLN A 325 -11.88 -7.96 -30.33
N LEU A 326 -10.92 -8.51 -29.58
CA LEU A 326 -9.76 -7.76 -29.12
C LEU A 326 -8.55 -8.67 -29.18
N GLU A 327 -7.40 -8.11 -29.59
CA GLU A 327 -6.17 -8.87 -29.74
C GLU A 327 -5.14 -8.35 -28.75
N PHE A 328 -4.54 -9.27 -27.98
CA PHE A 328 -3.42 -8.93 -27.13
C PHE A 328 -2.61 -10.18 -26.84
N ARG A 329 -1.36 -9.98 -26.45
CA ARG A 329 -0.47 -11.05 -26.06
C ARG A 329 -0.11 -10.91 -24.58
N ALA A 330 0.18 -12.03 -23.95
CA ALA A 330 0.53 -12.04 -22.54
C ALA A 330 1.57 -13.12 -22.26
N LEU A 331 2.63 -12.72 -21.58
CA LEU A 331 3.71 -13.63 -21.17
C LEU A 331 3.80 -13.57 -19.65
N LEU A 332 3.75 -14.73 -19.00
CA LEU A 332 3.63 -14.79 -17.55
C LEU A 332 4.77 -15.61 -16.95
N PHE A 333 5.30 -15.12 -15.83
CA PHE A 333 6.36 -15.80 -15.09
C PHE A 333 5.96 -15.93 -13.63
N VAL A 334 6.23 -17.09 -13.05
CA VAL A 334 6.07 -17.32 -11.62
C VAL A 334 7.46 -17.47 -11.01
N PRO A 335 7.85 -16.61 -10.06
CA PRO A 335 9.20 -16.72 -9.48
C PRO A 335 9.38 -18.00 -8.70
N ARG A 336 10.65 -18.43 -8.58
CA ARG A 336 10.96 -19.63 -7.83
C ARG A 336 10.88 -19.40 -6.33
N ARG A 337 10.90 -18.14 -5.90
CA ARG A 337 10.85 -17.81 -4.48
C ARG A 337 9.80 -16.73 -4.26
N ALA A 338 9.15 -16.79 -3.10
CA ALA A 338 8.12 -15.83 -2.76
C ALA A 338 8.73 -14.44 -2.63
N PRO A 339 8.08 -13.40 -3.16
CA PRO A 339 8.58 -12.05 -2.93
C PRO A 339 8.45 -11.67 -1.46
N PHE A 340 9.56 -11.21 -0.88
CA PHE A 340 9.62 -10.93 0.54
C PHE A 340 8.64 -9.83 0.97
N ASP A 341 8.17 -9.01 0.04
CA ASP A 341 7.18 -7.98 0.32
C ASP A 341 5.87 -8.23 -0.42
N LEU A 342 5.43 -9.49 -0.49
CA LEU A 342 4.24 -9.82 -1.27
C LEU A 342 2.99 -9.17 -0.71
N PHE A 343 2.85 -9.11 0.61
CA PHE A 343 1.68 -8.51 1.24
C PHE A 343 2.03 -7.24 2.01
N GLU A 344 3.04 -6.51 1.53
CA GLU A 344 3.28 -5.14 2.01
C GLU A 344 2.41 -4.20 1.19
N ASN A 345 1.52 -3.47 1.85
CA ASN A 345 0.44 -2.81 1.15
C ASN A 345 0.77 -1.39 0.72
N LYS A 346 1.89 -0.83 1.20
CA LYS A 346 2.22 0.56 0.88
C LYS A 346 2.77 0.73 -0.52
N LYS A 347 3.09 -0.35 -1.23
CA LYS A 347 3.71 -0.26 -2.54
C LYS A 347 2.83 -0.90 -3.61
N ARG A 348 3.40 -1.02 -4.81
CA ARG A 348 2.65 -1.41 -6.00
C ARG A 348 1.94 -2.74 -5.80
N LYS A 349 0.60 -2.69 -5.83
CA LYS A 349 -0.22 -3.88 -5.64
C LYS A 349 -0.07 -4.88 -6.77
N ASN A 350 -0.22 -4.46 -8.01
CA ASN A 350 -0.18 -5.38 -9.15
C ASN A 350 1.09 -5.10 -9.96
N ASN A 351 1.71 -6.18 -10.42
CA ASN A 351 3.05 -6.12 -11.00
C ASN A 351 3.08 -6.63 -12.44
N ILE A 352 1.97 -6.48 -13.17
CA ILE A 352 1.92 -6.82 -14.59
C ILE A 352 1.95 -5.52 -15.37
N LYS A 353 2.94 -5.37 -16.24
CA LYS A 353 3.10 -4.16 -17.03
C LYS A 353 2.29 -4.25 -18.31
N LEU A 354 1.74 -3.12 -18.74
CA LEU A 354 0.83 -3.08 -19.89
C LEU A 354 1.53 -2.41 -21.07
N TYR A 355 1.35 -3.00 -22.25
CA TYR A 355 1.89 -2.46 -23.49
C TYR A 355 0.81 -2.44 -24.56
N VAL A 356 0.84 -1.42 -25.41
CA VAL A 356 -0.04 -1.34 -26.57
C VAL A 356 0.84 -1.00 -27.77
N ARG A 357 0.87 -1.90 -28.75
CA ARG A 357 1.75 -1.76 -29.91
C ARG A 357 3.20 -1.58 -29.49
N ARG A 358 3.61 -2.33 -28.47
CA ARG A 358 4.97 -2.43 -27.96
C ARG A 358 5.53 -1.11 -27.43
N VAL A 359 4.70 -0.17 -27.01
CA VAL A 359 5.15 1.00 -26.27
C VAL A 359 4.45 1.00 -24.92
N PHE A 360 5.21 1.28 -23.86
CA PHE A 360 4.72 1.15 -22.50
C PHE A 360 3.59 2.15 -22.24
N ILE A 361 2.55 1.69 -21.54
CA ILE A 361 1.38 2.51 -21.25
C ILE A 361 1.26 2.81 -19.76
N MET A 362 1.10 1.77 -18.94
CA MET A 362 1.00 1.94 -17.50
C MET A 362 1.53 0.69 -16.82
N ASP A 363 2.07 0.86 -15.62
CA ASP A 363 2.74 -0.23 -14.91
C ASP A 363 1.82 -1.01 -14.00
N ASN A 364 0.82 -0.37 -13.40
CA ASN A 364 -0.07 -1.05 -12.47
C ASN A 364 -1.48 -0.46 -12.59
N CYS A 365 -2.43 -1.32 -12.91
CA CYS A 365 -3.86 -0.99 -12.88
C CYS A 365 -4.52 -2.02 -11.98
N GLU A 366 -5.31 -1.56 -11.01
CA GLU A 366 -5.93 -2.48 -10.07
C GLU A 366 -7.03 -3.32 -10.72
N ASP A 367 -7.41 -2.99 -11.95
CA ASP A 367 -8.42 -3.77 -12.66
C ASP A 367 -7.81 -4.91 -13.46
N LEU A 368 -6.52 -5.18 -13.30
CA LEU A 368 -5.89 -6.29 -14.01
C LEU A 368 -5.87 -7.58 -13.18
N ILE A 369 -5.26 -7.55 -12.00
CA ILE A 369 -5.14 -8.76 -11.18
C ILE A 369 -5.60 -8.45 -9.76
N PRO A 370 -6.13 -9.44 -9.04
CA PRO A 370 -6.51 -9.22 -7.64
C PRO A 370 -5.31 -9.24 -6.71
N GLU A 371 -5.59 -9.06 -5.42
CA GLU A 371 -4.52 -9.02 -4.43
C GLU A 371 -3.87 -10.39 -4.24
N TYR A 372 -4.65 -11.47 -4.34
CA TYR A 372 -4.09 -12.80 -4.12
C TYR A 372 -3.25 -13.27 -5.30
N LEU A 373 -3.11 -12.45 -6.35
CA LEU A 373 -2.22 -12.74 -7.46
C LEU A 373 -1.09 -11.72 -7.58
N ASN A 374 -0.73 -11.06 -6.49
CA ASN A 374 0.29 -10.02 -6.53
C ASN A 374 1.67 -10.56 -6.88
N PHE A 375 1.88 -11.86 -6.72
CA PHE A 375 3.20 -12.45 -6.97
C PHE A 375 3.46 -12.69 -8.45
N ILE A 376 2.42 -12.67 -9.29
CA ILE A 376 2.59 -12.98 -10.70
C ILE A 376 3.45 -11.92 -11.37
N LYS A 377 4.38 -12.35 -12.21
CA LYS A 377 5.23 -11.46 -12.99
C LYS A 377 5.03 -11.71 -14.49
N GLY A 378 5.02 -10.62 -15.24
CA GLY A 378 4.85 -10.72 -16.68
C GLY A 378 4.42 -9.39 -17.25
N VAL A 379 4.26 -9.38 -18.58
CA VAL A 379 3.87 -8.19 -19.32
C VAL A 379 2.75 -8.55 -20.29
N VAL A 380 1.97 -7.55 -20.67
CA VAL A 380 0.86 -7.71 -21.60
C VAL A 380 1.00 -6.66 -22.70
N ASP A 381 0.91 -7.11 -23.94
CA ASP A 381 1.00 -6.24 -25.10
C ASP A 381 -0.25 -6.41 -25.94
N SER A 382 -0.82 -5.30 -26.42
CA SER A 382 -2.04 -5.31 -27.21
C SER A 382 -1.89 -4.40 -28.42
N GLU A 383 -2.92 -4.39 -29.28
CA GLU A 383 -2.87 -3.63 -30.52
C GLU A 383 -4.11 -2.80 -30.78
N ASP A 384 -5.18 -2.99 -30.01
CA ASP A 384 -6.48 -2.42 -30.36
C ASP A 384 -7.08 -1.49 -29.30
N LEU A 385 -6.43 -1.29 -28.18
CA LEU A 385 -7.01 -0.42 -27.15
C LEU A 385 -6.95 1.04 -27.55
N PRO A 386 -8.08 1.76 -27.56
CA PRO A 386 -8.04 3.20 -27.84
C PRO A 386 -7.59 4.01 -26.65
N LEU A 387 -6.37 4.54 -26.71
CA LEU A 387 -5.83 5.36 -25.63
C LEU A 387 -6.42 6.77 -25.69
N ASN A 388 -6.22 7.52 -24.61
CA ASN A 388 -6.54 8.93 -24.63
C ASN A 388 -5.48 9.71 -25.39
N ILE A 389 -5.64 11.04 -25.41
CA ILE A 389 -4.69 11.87 -26.14
C ILE A 389 -3.31 11.80 -25.50
N SER A 390 -3.23 11.62 -24.19
CA SER A 390 -1.95 11.53 -23.50
C SER A 390 -1.36 10.13 -23.51
N ARG A 391 -2.11 9.12 -23.95
CA ARG A 391 -1.68 7.73 -24.02
C ARG A 391 -1.30 7.18 -22.64
N GLU A 392 -1.63 7.88 -21.56
CA GLU A 392 -1.27 7.47 -20.21
C GLU A 392 -2.42 6.81 -19.47
N MET A 393 -3.59 6.66 -20.10
CA MET A 393 -4.76 6.16 -19.41
C MET A 393 -5.77 5.68 -20.46
N LEU A 394 -6.36 4.53 -20.19
CA LEU A 394 -7.26 3.87 -21.13
C LEU A 394 -8.68 4.36 -20.90
N GLN A 395 -9.29 4.92 -21.94
CA GLN A 395 -10.57 5.61 -21.81
C GLN A 395 -11.72 4.65 -21.51
N GLN A 396 -11.62 3.39 -21.91
CA GLN A 396 -12.69 2.41 -21.72
C GLN A 396 -12.22 1.36 -20.73
N ASN A 397 -12.83 1.34 -19.54
CA ASN A 397 -12.44 0.38 -18.51
C ASN A 397 -13.20 -0.93 -18.60
N LYS A 398 -14.22 -1.00 -19.46
CA LYS A 398 -14.99 -2.24 -19.59
C LYS A 398 -14.12 -3.36 -20.14
N ILE A 399 -13.20 -3.04 -21.04
CA ILE A 399 -12.33 -4.06 -21.63
C ILE A 399 -11.45 -4.70 -20.56
N LEU A 400 -10.92 -3.88 -19.64
CA LEU A 400 -9.98 -4.38 -18.65
C LEU A 400 -10.54 -5.57 -17.87
N LYS A 401 -11.83 -5.53 -17.55
CA LYS A 401 -12.42 -6.61 -16.76
C LYS A 401 -12.43 -7.92 -17.53
N VAL A 402 -12.64 -7.87 -18.84
CA VAL A 402 -12.55 -9.09 -19.65
C VAL A 402 -11.12 -9.63 -19.63
N ILE A 403 -10.14 -8.74 -19.76
CA ILE A 403 -8.74 -9.17 -19.68
C ILE A 403 -8.44 -9.73 -18.30
N ARG A 404 -8.97 -9.10 -17.26
CA ARG A 404 -8.79 -9.61 -15.90
C ARG A 404 -9.34 -11.02 -15.78
N LYS A 405 -10.55 -11.24 -16.28
CA LYS A 405 -11.15 -12.58 -16.25
C LYS A 405 -10.27 -13.58 -16.99
N ASN A 406 -9.84 -13.24 -18.20
CA ASN A 406 -9.05 -14.19 -19.00
C ASN A 406 -7.71 -14.50 -18.32
N LEU A 407 -7.04 -13.48 -17.79
CA LEU A 407 -5.74 -13.71 -17.16
C LEU A 407 -5.89 -14.53 -15.89
N VAL A 408 -6.94 -14.28 -15.11
CA VAL A 408 -7.17 -15.08 -13.91
C VAL A 408 -7.43 -16.53 -14.28
N LYS A 409 -8.26 -16.74 -15.31
CA LYS A 409 -8.53 -18.10 -15.77
C LYS A 409 -7.25 -18.81 -16.21
N LYS A 410 -6.41 -18.11 -16.97
CA LYS A 410 -5.22 -18.76 -17.52
C LYS A 410 -4.17 -18.99 -16.43
N CYS A 411 -4.09 -18.09 -15.45
CA CYS A 411 -3.22 -18.32 -14.31
C CYS A 411 -3.69 -19.52 -13.51
N LEU A 412 -5.00 -19.67 -13.33
CA LEU A 412 -5.53 -20.86 -12.67
C LEU A 412 -5.18 -22.12 -13.45
N GLU A 413 -5.27 -22.06 -14.79
CA GLU A 413 -4.86 -23.19 -15.61
C GLU A 413 -3.39 -23.52 -15.39
N LEU A 414 -2.52 -22.50 -15.36
CA LEU A 414 -1.10 -22.73 -15.15
C LEU A 414 -0.83 -23.36 -13.79
N PHE A 415 -1.50 -22.88 -12.75
CA PHE A 415 -1.35 -23.49 -11.43
C PHE A 415 -1.84 -24.93 -11.43
N GLU A 416 -2.91 -25.22 -12.18
CA GLU A 416 -3.36 -26.60 -12.32
C GLU A 416 -2.29 -27.46 -12.98
N GLU A 417 -1.59 -26.91 -13.97
CA GLU A 417 -0.53 -27.66 -14.64
C GLU A 417 0.59 -28.01 -13.67
N LEU A 418 0.92 -27.09 -12.76
CA LEU A 418 2.04 -27.31 -11.84
C LEU A 418 1.78 -28.50 -10.91
N ALA A 419 0.53 -28.67 -10.49
CA ALA A 419 0.20 -29.70 -9.49
C ALA A 419 0.53 -31.11 -9.97
N GLU A 420 0.53 -31.34 -11.29
CA GLU A 420 0.81 -32.68 -11.80
C GLU A 420 2.25 -33.11 -11.58
N ASP A 421 3.16 -32.17 -11.35
CA ASP A 421 4.56 -32.46 -11.01
C ASP A 421 4.74 -32.10 -9.55
N LYS A 422 4.85 -33.12 -8.69
CA LYS A 422 4.75 -32.90 -7.25
C LYS A 422 5.88 -32.02 -6.71
N GLU A 423 7.12 -32.31 -7.08
CA GLU A 423 8.27 -31.66 -6.46
C GLU A 423 8.28 -30.17 -6.76
N ASN A 424 8.17 -29.81 -8.04
CA ASN A 424 8.02 -28.39 -8.37
C ASN A 424 6.77 -27.80 -7.74
N TYR A 425 5.67 -28.56 -7.74
CA TYR A 425 4.47 -28.08 -7.07
C TYR A 425 4.65 -28.03 -5.57
N LYS A 426 5.49 -28.90 -5.00
CA LYS A 426 5.73 -28.81 -3.57
C LYS A 426 6.49 -27.53 -3.23
N LYS A 427 7.47 -27.16 -4.07
CA LYS A 427 8.13 -25.88 -3.89
C LYS A 427 7.14 -24.72 -4.05
N TYR A 428 6.27 -24.82 -5.05
CA TYR A 428 5.27 -23.78 -5.29
C TYR A 428 4.35 -23.63 -4.07
N TYR A 429 3.89 -24.74 -3.52
CA TYR A 429 3.00 -24.70 -2.36
C TYR A 429 3.73 -24.14 -1.14
N GLU A 430 4.98 -24.54 -0.93
CA GLU A 430 5.73 -24.01 0.20
C GLU A 430 5.91 -22.50 0.07
N GLN A 431 6.16 -22.01 -1.14
CA GLN A 431 6.45 -20.59 -1.30
C GLN A 431 5.19 -19.73 -1.35
N PHE A 432 4.06 -20.30 -1.78
CA PHE A 432 2.85 -19.52 -2.00
C PHE A 432 1.59 -20.20 -1.48
N SER A 433 1.66 -20.86 -0.32
CA SER A 433 0.47 -21.50 0.24
C SER A 433 -0.57 -20.46 0.65
N LYS A 434 -0.11 -19.33 1.21
CA LYS A 434 -1.03 -18.34 1.76
C LYS A 434 -1.91 -17.72 0.67
N ASN A 435 -1.35 -17.46 -0.51
CA ASN A 435 -2.10 -16.80 -1.57
C ASN A 435 -3.22 -17.68 -2.08
N LEU A 436 -3.00 -18.99 -2.15
CA LEU A 436 -4.07 -19.92 -2.53
C LEU A 436 -5.25 -19.80 -1.58
N LYS A 437 -4.97 -19.73 -0.27
CA LYS A 437 -6.04 -19.69 0.71
C LYS A 437 -6.74 -18.33 0.73
N LEU A 438 -5.99 -17.25 0.47
CA LEU A 438 -6.62 -15.96 0.27
C LEU A 438 -7.52 -15.97 -0.94
N GLY A 439 -7.13 -16.70 -2.00
CA GLY A 439 -8.01 -16.88 -3.14
C GLY A 439 -9.26 -17.66 -2.80
N ILE A 440 -9.13 -18.66 -1.92
CA ILE A 440 -10.32 -19.30 -1.38
C ILE A 440 -11.22 -18.28 -0.72
N HIS A 441 -10.63 -17.40 0.10
CA HIS A 441 -11.43 -16.46 0.89
C HIS A 441 -12.15 -15.45 0.00
N GLU A 442 -11.46 -14.88 -0.99
CA GLU A 442 -12.01 -13.73 -1.70
C GLU A 442 -12.56 -14.06 -3.08
N ASP A 443 -11.89 -14.94 -3.84
CA ASP A 443 -12.32 -15.27 -5.20
C ASP A 443 -13.52 -16.21 -5.08
N ALA A 444 -14.72 -15.65 -5.20
CA ALA A 444 -15.93 -16.46 -5.06
C ALA A 444 -16.09 -17.45 -6.20
N GLN A 445 -15.84 -17.03 -7.44
CA GLN A 445 -16.10 -17.90 -8.58
C GLN A 445 -15.10 -19.04 -8.68
N ASN A 446 -13.81 -18.75 -8.51
CA ASN A 446 -12.76 -19.75 -8.73
C ASN A 446 -12.46 -20.56 -7.48
N ARG A 447 -13.28 -20.46 -6.44
CA ARG A 447 -13.04 -21.22 -5.21
C ARG A 447 -13.06 -22.73 -5.50
N THR A 448 -13.86 -23.14 -6.49
CA THR A 448 -13.99 -24.57 -6.80
C THR A 448 -12.66 -25.16 -7.26
N LYS A 449 -12.04 -24.54 -8.26
CA LYS A 449 -10.76 -25.05 -8.75
C LYS A 449 -9.63 -24.70 -7.80
N LEU A 450 -9.72 -23.55 -7.14
CA LEU A 450 -8.69 -23.14 -6.20
C LEU A 450 -8.59 -24.09 -5.02
N ALA A 451 -9.71 -24.72 -4.64
CA ALA A 451 -9.69 -25.67 -3.52
C ALA A 451 -8.88 -26.91 -3.83
N ASP A 452 -9.01 -27.44 -5.05
CA ASP A 452 -8.27 -28.65 -5.42
C ASP A 452 -6.77 -28.46 -5.38
N LEU A 453 -6.30 -27.21 -5.40
CA LEU A 453 -4.87 -26.92 -5.35
C LEU A 453 -4.31 -26.89 -3.94
N LEU A 454 -5.09 -27.30 -2.93
CA LEU A 454 -4.61 -27.27 -1.56
C LEU A 454 -4.09 -28.64 -1.14
N ARG A 455 -2.96 -28.64 -0.45
CA ARG A 455 -2.32 -29.86 0.03
C ARG A 455 -2.17 -29.74 1.55
N TYR A 456 -2.46 -30.82 2.27
CA TYR A 456 -2.54 -30.75 3.72
C TYR A 456 -2.01 -32.04 4.34
N HIS A 457 -1.43 -31.90 5.53
CA HIS A 457 -1.04 -33.07 6.32
C HIS A 457 -2.26 -33.67 7.02
N THR A 458 -2.33 -35.00 7.01
CA THR A 458 -3.44 -35.72 7.63
C THR A 458 -2.89 -36.65 8.70
N SER A 459 -3.80 -37.30 9.42
CA SER A 459 -3.42 -38.19 10.50
C SER A 459 -2.67 -39.43 10.01
N ALA A 460 -2.95 -39.91 8.80
CA ALA A 460 -2.25 -41.06 8.25
C ALA A 460 -1.33 -40.70 7.08
N SER A 461 -1.17 -39.43 6.77
CA SER A 461 -0.27 -39.01 5.68
C SER A 461 1.18 -38.95 6.11
N GLY A 462 1.48 -39.11 7.40
CA GLY A 462 2.85 -39.00 7.85
C GLY A 462 3.36 -37.58 7.72
N ASP A 463 4.51 -37.41 7.08
CA ASP A 463 5.11 -36.10 6.90
C ASP A 463 4.71 -35.44 5.58
N GLU A 464 4.40 -36.22 4.55
CA GLU A 464 3.99 -35.67 3.27
C GLU A 464 2.56 -35.13 3.36
N ALA A 465 2.34 -33.98 2.72
CA ALA A 465 1.03 -33.36 2.67
C ALA A 465 0.17 -34.01 1.59
N CYS A 466 -1.14 -34.02 1.82
CA CYS A 466 -2.07 -34.68 0.93
C CYS A 466 -3.15 -33.70 0.49
N SER A 467 -3.61 -33.90 -0.75
CA SER A 467 -4.71 -33.10 -1.27
C SER A 467 -6.02 -33.54 -0.66
N LEU A 468 -7.04 -32.68 -0.80
CA LEU A 468 -8.38 -33.06 -0.38
C LEU A 468 -8.90 -34.25 -1.18
N LYS A 469 -8.59 -34.29 -2.48
CA LYS A 469 -9.06 -35.39 -3.32
C LYS A 469 -8.47 -36.72 -2.84
N GLU A 470 -7.24 -36.71 -2.33
CA GLU A 470 -6.67 -37.92 -1.75
C GLU A 470 -7.46 -38.34 -0.50
N TYR A 471 -8.00 -37.38 0.24
CA TYR A 471 -8.88 -37.72 1.34
C TYR A 471 -10.17 -38.33 0.82
N VAL A 472 -10.68 -37.79 -0.29
CA VAL A 472 -11.84 -38.39 -0.96
C VAL A 472 -11.49 -39.76 -1.53
N SER A 473 -10.20 -40.07 -1.63
CA SER A 473 -9.82 -41.42 -2.03
C SER A 473 -9.98 -42.43 -0.89
N ARG A 474 -10.19 -41.98 0.35
CA ARG A 474 -10.08 -42.86 1.51
C ARG A 474 -11.23 -42.75 2.51
N MET A 475 -12.49 -42.66 2.09
CA MET A 475 -13.57 -42.72 3.07
C MET A 475 -13.75 -44.14 3.59
N LYS A 476 -14.23 -44.24 4.83
CA LYS A 476 -14.98 -45.43 5.22
C LYS A 476 -16.38 -45.33 4.62
N GLU A 477 -16.95 -46.49 4.31
CA GLU A 477 -18.23 -46.51 3.59
C GLU A 477 -19.32 -45.78 4.38
N ASN A 478 -19.26 -45.86 5.71
CA ASN A 478 -20.24 -45.19 6.55
C ASN A 478 -19.88 -43.73 6.79
N GLN A 479 -18.59 -43.39 6.75
CA GLN A 479 -18.13 -42.02 7.01
C GLN A 479 -18.78 -41.04 6.03
N LYS A 480 -19.29 -39.92 6.56
CA LYS A 480 -20.00 -38.95 5.74
C LYS A 480 -19.37 -37.56 5.76
N HIS A 481 -18.48 -37.27 6.71
CA HIS A 481 -17.96 -35.92 6.88
C HIS A 481 -16.44 -35.93 6.88
N ILE A 482 -15.86 -34.90 6.24
CA ILE A 482 -14.41 -34.71 6.24
C ILE A 482 -14.03 -34.10 7.58
N TYR A 483 -13.58 -34.92 8.51
CA TYR A 483 -13.25 -34.45 9.85
C TYR A 483 -11.94 -33.67 9.84
N TYR A 484 -11.97 -32.48 10.44
CA TYR A 484 -10.81 -31.62 10.51
C TYR A 484 -10.70 -31.05 11.91
N ILE A 485 -9.47 -30.81 12.34
CA ILE A 485 -9.19 -30.25 13.65
C ILE A 485 -8.19 -29.11 13.50
N THR A 486 -8.46 -28.00 14.17
CA THR A 486 -7.64 -26.80 14.08
C THR A 486 -6.72 -26.70 15.29
N GLY A 487 -5.61 -25.99 15.11
CA GLY A 487 -4.65 -25.87 16.19
C GLY A 487 -3.46 -25.02 15.78
N GLU A 488 -2.46 -25.00 16.66
CA GLU A 488 -1.28 -24.18 16.43
C GLU A 488 -0.14 -24.98 15.80
N ASN A 489 0.00 -26.25 16.17
CA ASN A 489 1.09 -27.07 15.64
C ASN A 489 0.56 -28.45 15.31
N ARG A 490 1.30 -29.14 14.43
CA ARG A 490 0.88 -30.48 14.00
C ARG A 490 0.91 -31.46 15.17
N ASP A 491 1.92 -31.39 16.02
CA ASP A 491 2.01 -32.28 17.17
C ASP A 491 0.86 -32.04 18.15
N GLN A 492 0.54 -30.77 18.39
CA GLN A 492 -0.51 -30.42 19.35
C GLN A 492 -1.87 -30.97 18.90
N VAL A 493 -2.07 -31.10 17.59
CA VAL A 493 -3.34 -31.63 17.10
C VAL A 493 -3.24 -33.13 16.84
N ALA A 494 -2.03 -33.66 16.71
CA ALA A 494 -1.88 -35.08 16.43
C ALA A 494 -2.38 -35.96 17.57
N ASN A 495 -2.12 -35.54 18.81
CA ASN A 495 -2.48 -36.32 19.99
C ASN A 495 -3.57 -35.68 20.83
N SER A 496 -4.51 -34.98 20.22
CA SER A 496 -5.56 -34.30 20.98
C SER A 496 -6.52 -35.32 21.60
N SER A 497 -7.17 -34.90 22.68
CA SER A 497 -8.16 -35.76 23.31
C SER A 497 -9.41 -35.90 22.46
N PHE A 498 -9.72 -34.88 21.66
CA PHE A 498 -10.90 -34.95 20.79
C PHE A 498 -10.74 -36.03 19.73
N VAL A 499 -9.52 -36.20 19.19
CA VAL A 499 -9.29 -37.15 18.11
C VAL A 499 -9.02 -38.56 18.64
N GLU A 500 -9.22 -38.80 19.94
CA GLU A 500 -9.01 -40.13 20.50
C GLU A 500 -9.94 -41.15 19.85
N ARG A 501 -11.25 -40.96 20.02
CA ARG A 501 -12.22 -41.89 19.44
C ARG A 501 -12.18 -41.85 17.92
N VAL A 502 -11.93 -40.68 17.32
CA VAL A 502 -11.85 -40.59 15.88
C VAL A 502 -10.72 -41.49 15.35
N LYS A 503 -9.57 -41.46 16.02
CA LYS A 503 -8.45 -42.30 15.60
C LYS A 503 -8.72 -43.77 15.90
N LYS A 504 -9.34 -44.07 17.05
CA LYS A 504 -9.53 -45.48 17.41
C LYS A 504 -10.54 -46.15 16.49
N ARG A 505 -11.41 -45.38 15.87
CA ARG A 505 -12.40 -45.94 14.94
C ARG A 505 -11.91 -45.93 13.50
N GLY A 506 -10.65 -45.58 13.25
CA GLY A 506 -10.11 -45.66 11.91
C GLY A 506 -10.53 -44.56 10.95
N TYR A 507 -10.96 -43.41 11.47
CA TYR A 507 -11.35 -42.31 10.60
C TYR A 507 -10.21 -41.32 10.44
N GLU A 508 -9.89 -40.99 9.19
CA GLU A 508 -8.82 -40.06 8.88
C GLU A 508 -9.25 -38.64 9.20
N VAL A 509 -8.30 -37.83 9.67
CA VAL A 509 -8.57 -36.45 10.06
C VAL A 509 -7.52 -35.55 9.42
N VAL A 510 -7.84 -34.27 9.28
CA VAL A 510 -6.93 -33.31 8.70
C VAL A 510 -6.43 -32.36 9.78
N TYR A 511 -5.13 -32.11 9.80
CA TYR A 511 -4.50 -31.25 10.79
C TYR A 511 -4.48 -29.83 10.25
N MET A 512 -4.95 -28.88 11.03
CA MET A 512 -5.07 -27.47 10.62
C MET A 512 -4.12 -26.70 11.53
N THR A 513 -3.12 -26.03 10.94
CA THR A 513 -2.11 -25.33 11.74
C THR A 513 -1.93 -23.87 11.34
N GLU A 514 -2.47 -23.45 10.20
CA GLU A 514 -2.16 -22.05 9.92
C GLU A 514 -3.34 -21.15 10.30
N PRO A 515 -3.08 -19.92 10.73
CA PRO A 515 -4.17 -19.02 11.10
C PRO A 515 -5.16 -18.77 9.97
N ILE A 516 -4.69 -18.72 8.73
CA ILE A 516 -5.57 -18.49 7.59
C ILE A 516 -6.57 -19.62 7.41
N ASP A 517 -6.27 -20.81 7.95
CA ASP A 517 -7.14 -21.97 7.74
C ASP A 517 -8.55 -21.73 8.27
N GLU A 518 -8.69 -21.02 9.39
CA GLU A 518 -10.01 -20.80 9.95
C GLU A 518 -10.86 -19.93 9.04
N TYR A 519 -10.23 -19.03 8.28
CA TYR A 519 -10.97 -18.32 7.24
C TYR A 519 -11.43 -19.26 6.13
N VAL A 520 -10.60 -20.26 5.80
CA VAL A 520 -10.99 -21.21 4.76
C VAL A 520 -12.22 -22.00 5.18
N VAL A 521 -12.19 -22.58 6.38
CA VAL A 521 -13.32 -23.39 6.83
C VAL A 521 -14.58 -22.56 6.99
N GLN A 522 -14.45 -21.25 7.18
CA GLN A 522 -15.62 -20.37 7.11
C GLN A 522 -16.23 -20.40 5.71
N GLN A 523 -15.40 -20.37 4.67
CA GLN A 523 -15.88 -20.38 3.30
C GLN A 523 -15.95 -21.79 2.73
N MET A 524 -14.92 -22.59 2.96
CA MET A 524 -14.91 -23.99 2.51
C MET A 524 -15.78 -24.79 3.46
N ARG A 525 -17.08 -24.77 3.19
CA ARG A 525 -18.02 -25.52 4.01
C ARG A 525 -18.16 -26.96 3.55
N GLU A 526 -18.19 -27.19 2.24
CA GLU A 526 -18.33 -28.53 1.70
C GLU A 526 -17.41 -28.68 0.51
N TYR A 527 -16.93 -29.91 0.30
CA TYR A 527 -16.00 -30.22 -0.77
C TYR A 527 -16.43 -31.53 -1.41
N ASP A 528 -16.71 -31.49 -2.71
CA ASP A 528 -17.25 -32.64 -3.45
C ASP A 528 -18.51 -33.18 -2.79
N GLY A 529 -19.33 -32.26 -2.27
CA GLY A 529 -20.56 -32.63 -1.60
C GLY A 529 -20.38 -33.20 -0.21
N LYS A 530 -19.17 -33.14 0.35
CA LYS A 530 -18.91 -33.68 1.69
C LYS A 530 -18.67 -32.52 2.65
N THR A 531 -19.40 -32.53 3.76
CA THR A 531 -19.33 -31.44 4.72
C THR A 531 -17.98 -31.42 5.44
N LEU A 532 -17.58 -30.24 5.90
CA LEU A 532 -16.35 -30.08 6.66
C LEU A 532 -16.70 -29.95 8.13
N VAL A 533 -16.64 -31.07 8.85
CA VAL A 533 -17.11 -31.15 10.23
C VAL A 533 -15.89 -31.20 11.15
N SER A 534 -15.88 -30.32 12.15
CA SER A 534 -14.83 -30.34 13.15
C SER A 534 -15.24 -31.21 14.33
N VAL A 535 -14.29 -31.97 14.88
CA VAL A 535 -14.57 -32.77 16.07
C VAL A 535 -14.44 -31.97 17.35
N THR A 536 -14.06 -30.68 17.25
CA THR A 536 -13.95 -29.81 18.40
C THR A 536 -15.27 -29.16 18.77
N LYS A 537 -16.34 -29.44 18.03
CA LYS A 537 -17.62 -28.81 18.23
C LYS A 537 -18.64 -29.82 18.77
N GLU A 538 -19.75 -29.29 19.28
CA GLU A 538 -20.83 -30.15 19.74
C GLU A 538 -21.50 -30.84 18.56
N GLY A 539 -22.35 -31.82 18.87
CA GLY A 539 -23.04 -32.54 17.83
C GLY A 539 -22.15 -33.38 16.95
N LEU A 540 -20.98 -33.79 17.44
CA LEU A 540 -20.09 -34.64 16.65
C LEU A 540 -20.70 -36.02 16.50
N GLU A 541 -21.34 -36.26 15.36
CA GLU A 541 -22.06 -37.50 15.10
C GLU A 541 -21.11 -38.51 14.45
N LEU A 542 -20.78 -39.57 15.18
CA LEU A 542 -19.96 -40.64 14.66
C LEU A 542 -20.77 -41.91 14.55
N PRO A 543 -20.66 -42.65 13.45
CA PRO A 543 -21.37 -43.91 13.29
C PRO A 543 -21.37 -44.77 14.54
N GLU A 544 -22.56 -45.02 15.08
CA GLU A 544 -22.72 -45.75 16.33
C GLU A 544 -23.67 -46.93 16.15
N ASP A 545 -23.36 -48.01 16.85
CA ASP A 545 -24.18 -49.22 16.81
C ASP A 545 -25.20 -49.21 17.94
N GLU A 546 -26.03 -50.25 17.97
CA GLU A 546 -27.05 -50.36 19.01
C GLU A 546 -26.45 -50.48 20.40
N GLU A 547 -25.37 -51.25 20.56
CA GLU A 547 -24.72 -51.36 21.86
C GLU A 547 -24.18 -50.02 22.33
N GLU A 548 -23.60 -49.23 21.41
CA GLU A 548 -23.05 -47.94 21.79
C GLU A 548 -24.13 -46.99 22.29
N LYS A 549 -25.27 -46.93 21.60
CA LYS A 549 -26.34 -46.03 22.04
C LYS A 549 -27.00 -46.55 23.31
N LYS A 550 -27.09 -47.88 23.47
CA LYS A 550 -27.61 -48.46 24.70
C LYS A 550 -26.73 -48.06 25.88
N LYS A 551 -25.40 -48.19 25.72
CA LYS A 551 -24.47 -47.78 26.75
C LYS A 551 -24.55 -46.28 27.00
N ARG A 552 -24.76 -45.49 25.94
CA ARG A 552 -24.87 -44.05 26.11
C ARG A 552 -26.09 -43.69 26.96
N GLU A 553 -27.23 -44.32 26.70
CA GLU A 553 -28.43 -44.05 27.48
C GLU A 553 -28.23 -44.51 28.93
N GLU A 554 -27.61 -45.67 29.12
CA GLU A 554 -27.33 -46.13 30.48
C GLU A 554 -26.42 -45.15 31.21
N ASP A 555 -25.39 -44.65 30.54
CA ASP A 555 -24.48 -43.69 31.16
C ASP A 555 -25.18 -42.39 31.50
N LYS A 556 -26.06 -41.91 30.61
CA LYS A 556 -26.82 -40.70 30.92
C LYS A 556 -27.70 -40.90 32.15
N VAL A 557 -28.39 -42.05 32.22
CA VAL A 557 -29.25 -42.32 33.38
C VAL A 557 -28.41 -42.40 34.65
N LYS A 558 -27.26 -43.08 34.58
CA LYS A 558 -26.42 -43.25 35.76
C LYS A 558 -25.83 -41.94 36.24
N PHE A 559 -25.41 -41.08 35.30
CA PHE A 559 -24.65 -39.88 35.61
C PHE A 559 -25.50 -38.62 35.61
N GLU A 560 -26.83 -38.74 35.48
CA GLU A 560 -27.69 -37.57 35.38
C GLU A 560 -27.58 -36.69 36.63
N GLY A 561 -27.64 -37.31 37.82
CA GLY A 561 -27.49 -36.54 39.05
C GLY A 561 -26.13 -35.89 39.16
N LEU A 562 -25.07 -36.63 38.84
CA LEU A 562 -23.73 -36.05 38.84
C LEU A 562 -23.66 -34.89 37.86
N CYS A 563 -24.24 -35.06 36.67
CA CYS A 563 -24.32 -33.99 35.69
C CYS A 563 -24.97 -32.75 36.27
N LYS A 564 -26.08 -32.94 36.98
CA LYS A 564 -26.80 -31.80 37.56
C LYS A 564 -25.96 -31.10 38.62
N VAL A 565 -25.23 -31.88 39.44
CA VAL A 565 -24.46 -31.26 40.52
C VAL A 565 -23.28 -30.47 39.96
N MET A 566 -22.57 -31.03 38.97
CA MET A 566 -21.55 -30.25 38.28
C MET A 566 -22.13 -29.05 37.55
N LYS A 567 -23.36 -29.15 37.02
CA LYS A 567 -23.98 -27.98 36.41
C LYS A 567 -24.21 -26.88 37.46
N ASN A 568 -24.64 -27.29 38.66
CA ASN A 568 -24.83 -26.32 39.73
C ASN A 568 -23.51 -25.69 40.15
N ILE A 569 -22.46 -26.50 40.32
CA ILE A 569 -21.18 -25.97 40.78
C ILE A 569 -20.54 -25.06 39.75
N LEU A 570 -20.52 -25.49 38.48
CA LEU A 570 -19.88 -24.70 37.43
C LEU A 570 -20.74 -23.52 36.98
N ASP A 571 -22.04 -23.53 37.30
CA ASP A 571 -23.00 -22.48 36.98
C ASP A 571 -22.83 -21.92 35.57
N ASN A 572 -22.59 -20.62 35.44
CA ASN A 572 -22.55 -19.95 34.14
C ASN A 572 -21.38 -20.36 33.27
N LYS A 573 -20.29 -20.89 33.86
CA LYS A 573 -19.09 -21.20 33.07
C LYS A 573 -19.36 -22.24 31.98
N VAL A 574 -20.34 -23.11 32.18
CA VAL A 574 -20.73 -24.07 31.14
C VAL A 574 -22.22 -23.92 30.87
N GLU A 575 -22.57 -23.91 29.58
CA GLU A 575 -23.97 -23.86 29.21
C GLU A 575 -24.68 -25.14 29.59
N LYS A 576 -24.00 -26.27 29.44
CA LYS A 576 -24.54 -27.57 29.85
C LYS A 576 -23.38 -28.51 30.12
N VAL A 577 -23.70 -29.61 30.80
CA VAL A 577 -22.78 -30.73 30.97
C VAL A 577 -23.44 -31.96 30.40
N VAL A 578 -22.74 -32.65 29.50
CA VAL A 578 -23.24 -33.87 28.89
C VAL A 578 -22.15 -34.92 28.97
N VAL A 579 -22.56 -36.19 28.92
CA VAL A 579 -21.60 -37.29 28.92
C VAL A 579 -20.95 -37.37 27.54
N SER A 580 -19.63 -37.50 27.53
CA SER A 580 -18.89 -37.41 26.27
C SER A 580 -19.00 -38.69 25.47
N ASN A 581 -19.22 -38.54 24.17
CA ASN A 581 -19.21 -39.65 23.22
C ASN A 581 -17.96 -39.67 22.37
N ARG A 582 -16.89 -38.97 22.78
CA ARG A 582 -15.66 -38.89 22.00
C ARG A 582 -14.40 -39.10 22.82
N LEU A 583 -14.51 -39.30 24.13
CA LEU A 583 -13.35 -39.35 25.01
C LEU A 583 -13.13 -40.76 25.56
N VAL A 584 -11.86 -41.13 25.70
CA VAL A 584 -11.49 -42.42 26.27
C VAL A 584 -10.54 -42.19 27.45
N GLU A 585 -9.45 -41.47 27.20
CA GLU A 585 -8.43 -41.24 28.23
C GLU A 585 -8.69 -39.99 29.06
N SER A 586 -9.21 -38.92 28.45
CA SER A 586 -9.48 -37.71 29.21
C SER A 586 -10.83 -37.81 29.92
N PRO A 587 -10.86 -37.57 31.23
CA PRO A 587 -12.15 -37.61 31.95
C PRO A 587 -13.17 -36.61 31.43
N CYS A 588 -12.72 -35.44 30.97
CA CYS A 588 -13.65 -34.49 30.39
C CYS A 588 -12.87 -33.50 29.53
N CYS A 589 -13.57 -32.90 28.57
CA CYS A 589 -13.01 -31.87 27.70
C CYS A 589 -14.10 -30.88 27.34
N ILE A 590 -13.67 -29.73 26.80
CA ILE A 590 -14.55 -28.62 26.47
C ILE A 590 -14.82 -28.67 24.97
N VAL A 591 -16.10 -28.64 24.60
CA VAL A 591 -16.51 -28.55 23.20
C VAL A 591 -17.26 -27.24 23.01
N THR A 592 -17.38 -26.83 21.75
CA THR A 592 -17.99 -25.55 21.40
C THR A 592 -19.42 -25.75 20.91
N ALA A 593 -20.05 -24.63 20.56
CA ALA A 593 -21.41 -24.64 20.06
C ALA A 593 -21.46 -25.22 18.65
N GLN A 594 -22.69 -25.51 18.20
CA GLN A 594 -22.88 -26.03 16.85
C GLN A 594 -22.48 -25.01 15.80
N TYR A 595 -22.81 -23.73 16.03
CA TYR A 595 -22.51 -22.68 15.07
C TYR A 595 -21.50 -21.67 15.59
N GLY A 596 -20.99 -21.85 16.81
CA GLY A 596 -20.07 -20.88 17.38
C GLY A 596 -18.65 -21.07 16.91
N TRP A 597 -17.78 -20.18 17.39
CA TRP A 597 -16.36 -20.25 17.06
C TRP A 597 -15.71 -21.46 17.72
N SER A 598 -14.65 -21.96 17.09
CA SER A 598 -13.76 -22.86 17.78
C SER A 598 -12.76 -22.07 18.61
N ALA A 599 -12.06 -22.75 19.52
CA ALA A 599 -11.09 -22.07 20.36
C ALA A 599 -10.01 -21.41 19.51
N ASN A 600 -9.49 -22.13 18.51
CA ASN A 600 -8.52 -21.52 17.60
C ASN A 600 -9.14 -20.39 16.80
N MET A 601 -10.39 -20.57 16.35
CA MET A 601 -11.05 -19.52 15.58
C MET A 601 -11.26 -18.28 16.42
N GLU A 602 -11.71 -18.45 17.67
CA GLU A 602 -11.92 -17.30 18.55
C GLU A 602 -10.59 -16.62 18.85
N ARG A 603 -9.53 -17.40 19.05
CA ARG A 603 -8.21 -16.82 19.26
C ARG A 603 -7.78 -15.99 18.06
N ILE A 604 -8.04 -16.50 16.86
CA ILE A 604 -7.66 -15.79 15.64
C ILE A 604 -8.41 -14.47 15.55
N MET A 605 -9.72 -14.49 15.83
CA MET A 605 -10.48 -13.25 15.79
C MET A 605 -10.03 -12.24 16.85
N LYS A 606 -9.80 -12.71 18.08
CA LYS A 606 -9.48 -11.75 19.13
C LYS A 606 -8.02 -11.30 19.06
N ALA A 607 -7.19 -12.00 18.30
CA ALA A 607 -5.80 -11.60 18.13
C ALA A 607 -5.60 -10.56 17.05
N GLN A 608 -6.60 -10.31 16.21
CA GLN A 608 -6.48 -9.29 15.17
C GLN A 608 -6.42 -7.92 15.81
N ALA A 609 -5.57 -7.04 15.26
CA ALA A 609 -5.31 -5.76 15.90
C ALA A 609 -6.25 -4.67 15.42
N LEU A 610 -6.95 -4.88 14.30
CA LEU A 610 -7.78 -3.86 13.69
C LEU A 610 -9.27 -4.13 13.82
N ARG A 611 -9.69 -5.07 14.66
CA ARG A 611 -11.09 -5.40 14.82
C ARG A 611 -11.50 -5.24 16.29
N ASP A 612 -12.70 -4.71 16.50
CA ASP A 612 -13.26 -4.54 17.84
C ASP A 612 -13.96 -5.85 18.24
N THR A 613 -13.43 -6.53 19.26
CA THR A 613 -13.99 -7.80 19.68
C THR A 613 -15.37 -7.66 20.28
N SER A 614 -15.72 -6.48 20.81
CA SER A 614 -17.04 -6.30 21.40
C SER A 614 -18.15 -6.45 20.37
N THR A 615 -17.97 -5.91 19.17
CA THR A 615 -18.95 -6.04 18.11
C THR A 615 -19.09 -7.47 17.60
N MET A 616 -18.00 -8.21 17.53
CA MET A 616 -18.03 -9.56 16.96
C MET A 616 -18.26 -10.62 18.04
N GLY A 617 -18.36 -10.20 19.30
CA GLY A 617 -18.47 -11.12 20.42
C GLY A 617 -19.76 -11.89 20.56
N TYR A 618 -20.82 -11.47 19.86
CA TYR A 618 -22.09 -12.17 19.96
C TYR A 618 -22.00 -13.61 19.52
N MET A 619 -21.04 -13.94 18.65
CA MET A 619 -20.94 -15.23 17.99
C MET A 619 -20.10 -16.22 18.78
N ALA A 620 -19.31 -15.75 19.75
CA ALA A 620 -18.43 -16.59 20.55
C ALA A 620 -19.18 -17.79 21.14
N ALA A 621 -18.66 -18.99 20.91
CA ALA A 621 -19.41 -20.21 21.21
C ALA A 621 -19.59 -20.42 22.71
N LYS A 622 -20.70 -21.08 23.06
CA LYS A 622 -20.92 -21.51 24.44
C LYS A 622 -20.08 -22.74 24.75
N LYS A 623 -19.57 -22.81 25.98
CA LYS A 623 -18.72 -23.93 26.36
C LYS A 623 -19.55 -25.06 26.98
N HIS A 624 -19.35 -26.27 26.46
CA HIS A 624 -20.05 -27.45 26.95
C HIS A 624 -19.03 -28.44 27.49
N LEU A 625 -19.30 -28.98 28.67
CA LEU A 625 -18.38 -29.92 29.32
C LEU A 625 -18.82 -31.34 29.01
N GLU A 626 -18.01 -32.05 28.23
CA GLU A 626 -18.27 -33.44 27.87
C GLU A 626 -17.45 -34.36 28.76
N ILE A 627 -18.14 -35.11 29.62
CA ILE A 627 -17.49 -35.94 30.64
C ILE A 627 -17.42 -37.38 30.15
N ASN A 628 -16.32 -38.06 30.49
CA ASN A 628 -16.09 -39.43 30.05
C ASN A 628 -16.78 -40.38 31.01
N PRO A 629 -17.76 -41.18 30.56
CA PRO A 629 -18.47 -42.07 31.49
C PRO A 629 -17.62 -43.18 32.07
N ASP A 630 -16.70 -43.74 31.30
CA ASP A 630 -15.94 -44.92 31.73
C ASP A 630 -14.67 -44.57 32.50
N HIS A 631 -14.35 -43.28 32.64
CA HIS A 631 -13.12 -42.89 33.32
C HIS A 631 -13.25 -43.20 34.81
N SER A 632 -12.18 -43.76 35.38
CA SER A 632 -12.18 -44.08 36.80
C SER A 632 -12.33 -42.82 37.63
N ILE A 633 -11.69 -41.73 37.21
CA ILE A 633 -11.79 -40.46 37.93
C ILE A 633 -13.24 -39.98 37.96
N VAL A 634 -13.91 -40.04 36.81
CA VAL A 634 -15.30 -39.59 36.72
C VAL A 634 -16.20 -40.46 37.59
N GLU A 635 -16.02 -41.78 37.54
CA GLU A 635 -16.85 -42.67 38.34
C GLU A 635 -16.64 -42.45 39.83
N THR A 636 -15.39 -42.27 40.26
CA THR A 636 -15.11 -42.05 41.67
C THR A 636 -15.66 -40.70 42.13
N LEU A 637 -15.56 -39.67 41.28
CA LEU A 637 -16.16 -38.39 41.61
C LEU A 637 -17.67 -38.50 41.69
N ARG A 638 -18.28 -39.32 40.83
CA ARG A 638 -19.71 -39.58 40.92
C ARG A 638 -20.07 -40.21 42.26
N GLN A 639 -19.28 -41.20 42.68
CA GLN A 639 -19.52 -41.86 43.96
C GLN A 639 -19.40 -40.86 45.11
N LYS A 640 -18.37 -40.01 45.06
CA LYS A 640 -18.17 -39.02 46.12
C LYS A 640 -19.32 -38.01 46.15
N ALA A 641 -19.77 -37.55 44.98
CA ALA A 641 -20.85 -36.59 44.93
C ALA A 641 -22.16 -37.19 45.43
N GLU A 642 -22.43 -38.44 45.07
CA GLU A 642 -23.62 -39.12 45.59
C GLU A 642 -23.53 -39.32 47.09
N ALA A 643 -22.37 -39.69 47.61
CA ALA A 643 -22.19 -39.83 49.05
C ALA A 643 -22.34 -38.48 49.75
N ASP A 644 -21.75 -37.43 49.18
CA ASP A 644 -21.81 -36.11 49.79
C ASP A 644 -21.84 -35.08 48.65
N LYS A 645 -22.89 -34.26 48.63
CA LYS A 645 -23.03 -33.27 47.57
C LYS A 645 -22.33 -31.96 47.87
N ASN A 646 -22.16 -31.59 49.14
CA ASN A 646 -21.52 -30.34 49.52
C ASN A 646 -20.06 -30.53 49.93
N ASP A 647 -19.42 -31.60 49.49
CA ASP A 647 -18.02 -31.85 49.82
C ASP A 647 -17.13 -30.77 49.20
N LYS A 648 -16.34 -30.11 50.03
CA LYS A 648 -15.39 -29.11 49.53
C LYS A 648 -14.36 -29.77 48.64
N ALA A 649 -13.95 -31.00 48.97
CA ALA A 649 -13.03 -31.74 48.12
C ALA A 649 -13.63 -31.97 46.74
N VAL A 650 -14.92 -32.31 46.68
CA VAL A 650 -15.56 -32.57 45.39
C VAL A 650 -15.57 -31.31 44.53
N LYS A 651 -15.93 -30.16 45.13
CA LYS A 651 -15.99 -28.92 44.35
C LYS A 651 -14.59 -28.51 43.90
N ASP A 652 -13.58 -28.69 44.76
CA ASP A 652 -12.21 -28.38 44.36
C ASP A 652 -11.78 -29.27 43.20
N LEU A 653 -12.08 -30.57 43.28
CA LEU A 653 -11.71 -31.48 42.20
C LEU A 653 -12.40 -31.12 40.90
N VAL A 654 -13.70 -30.77 40.95
CA VAL A 654 -14.40 -30.48 39.71
C VAL A 654 -13.93 -29.18 39.10
N ILE A 655 -13.63 -28.16 39.92
CA ILE A 655 -13.15 -26.91 39.34
C ILE A 655 -11.75 -27.09 38.76
N LEU A 656 -10.90 -27.87 39.45
CA LEU A 656 -9.58 -28.16 38.91
C LEU A 656 -9.69 -28.93 37.60
N LEU A 657 -10.60 -29.90 37.54
CA LEU A 657 -10.78 -30.71 36.34
C LEU A 657 -11.27 -29.87 35.18
N TYR A 658 -12.21 -28.95 35.44
CA TYR A 658 -12.70 -28.06 34.39
C TYR A 658 -11.58 -27.14 33.90
N GLU A 659 -10.78 -26.60 34.82
CA GLU A 659 -9.68 -25.74 34.43
C GLU A 659 -8.67 -26.49 33.56
N THR A 660 -8.38 -27.75 33.92
CA THR A 660 -7.51 -28.56 33.09
C THR A 660 -8.13 -28.83 31.72
N ALA A 661 -9.43 -29.15 31.69
CA ALA A 661 -10.10 -29.47 30.43
C ALA A 661 -10.14 -28.27 29.50
N LEU A 662 -10.15 -27.06 30.06
CA LEU A 662 -10.06 -25.86 29.22
C LEU A 662 -8.74 -25.83 28.45
N LEU A 663 -7.64 -26.16 29.14
CA LEU A 663 -6.33 -26.11 28.50
C LEU A 663 -6.20 -27.16 27.41
N SER A 664 -6.67 -28.37 27.67
CA SER A 664 -6.58 -29.44 26.67
C SER A 664 -7.49 -29.17 25.48
N SER A 665 -8.46 -28.27 25.61
CA SER A 665 -9.36 -27.93 24.52
C SER A 665 -8.92 -26.70 23.74
N GLY A 666 -7.75 -26.13 24.07
CA GLY A 666 -7.26 -24.97 23.39
C GLY A 666 -7.77 -23.64 23.91
N PHE A 667 -8.68 -23.65 24.88
CA PHE A 667 -9.19 -22.41 25.45
C PHE A 667 -8.23 -21.88 26.50
N THR A 668 -8.19 -20.55 26.62
CA THR A 668 -7.42 -19.92 27.67
C THR A 668 -8.20 -19.91 28.97
N LEU A 669 -7.48 -19.81 30.08
CA LEU A 669 -8.10 -19.73 31.39
C LEU A 669 -8.53 -18.30 31.68
N ASP A 670 -9.72 -18.15 32.26
CA ASP A 670 -10.20 -16.82 32.60
C ASP A 670 -9.28 -16.11 33.58
N GLU A 671 -8.54 -16.88 34.38
CA GLU A 671 -7.46 -16.34 35.22
C GLU A 671 -6.47 -17.46 35.46
N PRO A 672 -5.31 -17.41 34.81
CA PRO A 672 -4.27 -18.41 35.11
C PRO A 672 -3.77 -18.36 36.54
N GLN A 673 -3.85 -17.20 37.19
CA GLN A 673 -3.30 -17.05 38.54
C GLN A 673 -4.04 -17.92 39.56
N VAL A 674 -5.38 -17.95 39.48
CA VAL A 674 -6.13 -18.73 40.46
C VAL A 674 -5.89 -20.23 40.25
N HIS A 675 -5.80 -20.66 38.99
CA HIS A 675 -5.46 -22.05 38.71
C HIS A 675 -4.08 -22.40 39.25
N ALA A 676 -3.09 -21.52 39.03
CA ALA A 676 -1.75 -21.76 39.53
C ALA A 676 -1.73 -21.82 41.05
N SER A 677 -2.49 -20.94 41.70
CA SER A 677 -2.58 -20.98 43.16
C SER A 677 -3.22 -22.28 43.62
N ARG A 678 -4.22 -22.77 42.87
CA ARG A 678 -4.83 -24.05 43.20
C ARG A 678 -3.82 -25.19 43.13
N ILE A 679 -2.97 -25.19 42.09
CA ILE A 679 -1.92 -26.21 42.03
C ILE A 679 -0.95 -26.05 43.19
N TYR A 680 -0.51 -24.82 43.46
CA TYR A 680 0.49 -24.60 44.50
C TYR A 680 -0.02 -25.03 45.87
N ARG A 681 -1.30 -24.75 46.15
CA ARG A 681 -1.91 -25.23 47.39
C ARG A 681 -1.95 -26.75 47.44
N MET A 682 -2.36 -27.38 46.34
CA MET A 682 -2.52 -28.84 46.33
C MET A 682 -1.21 -29.55 46.58
N ILE A 683 -0.16 -29.21 45.81
CA ILE A 683 1.09 -29.94 45.90
C ILE A 683 1.78 -29.70 47.24
N LYS A 684 1.33 -28.70 48.00
CA LYS A 684 1.72 -28.61 49.40
C LYS A 684 1.19 -29.81 50.18
N LEU A 685 -0.04 -30.24 49.89
CA LEU A 685 -0.59 -31.44 50.51
C LEU A 685 0.25 -32.66 50.15
N GLY A 686 0.65 -32.77 48.88
CA GLY A 686 1.53 -33.85 48.49
C GLY A 686 2.85 -33.83 49.23
N LEU A 687 3.40 -32.64 49.46
CA LEU A 687 4.60 -32.49 50.27
C LEU A 687 4.32 -32.44 51.76
N GLY A 688 3.05 -32.49 52.16
CA GLY A 688 2.71 -32.39 53.56
C GLY A 688 2.91 -31.02 54.16
N ILE A 689 2.93 -29.97 53.35
CA ILE A 689 3.14 -28.62 53.84
C ILE A 689 1.89 -28.09 54.51
N GLY B 10 21.83 31.42 -48.86
CA GLY B 10 20.74 31.09 -47.97
C GLY B 10 19.55 32.03 -48.05
N GLU B 11 18.38 31.45 -48.29
CA GLU B 11 17.13 32.19 -48.35
C GLU B 11 16.12 31.46 -47.47
N VAL B 12 15.62 32.16 -46.45
CA VAL B 12 14.72 31.59 -45.44
C VAL B 12 13.28 31.91 -45.79
N GLU B 13 12.41 30.91 -45.70
CA GLU B 13 10.98 31.07 -45.85
C GLU B 13 10.30 30.89 -44.49
N THR B 14 9.43 31.84 -44.13
CA THR B 14 8.69 31.77 -42.87
C THR B 14 7.22 31.51 -43.14
N PHE B 15 6.63 30.57 -42.40
CA PHE B 15 5.21 30.26 -42.49
C PHE B 15 4.63 30.12 -41.09
N ALA B 16 3.34 30.38 -40.98
CA ALA B 16 2.62 30.25 -39.72
C ALA B 16 2.02 28.85 -39.60
N PHE B 17 1.87 28.40 -38.35
CA PHE B 17 1.31 27.08 -38.11
C PHE B 17 -0.16 27.04 -38.51
N GLN B 18 -0.62 25.87 -38.94
CA GLN B 18 -2.00 25.66 -39.35
C GLN B 18 -2.59 24.49 -38.58
N ALA B 19 -3.90 24.34 -38.67
CA ALA B 19 -4.61 23.29 -37.95
C ALA B 19 -5.67 22.67 -38.85
N GLU B 20 -5.88 21.36 -38.69
CA GLU B 20 -6.89 20.62 -39.43
C GLU B 20 -8.15 20.55 -38.55
N ILE B 21 -9.24 21.15 -39.02
CA ILE B 21 -10.43 21.27 -38.20
C ILE B 21 -11.11 19.91 -38.01
N ALA B 22 -11.22 19.13 -39.09
CA ALA B 22 -11.95 17.87 -39.01
C ALA B 22 -11.30 16.89 -38.05
N GLN B 23 -9.97 16.75 -38.12
CA GLN B 23 -9.28 15.87 -37.18
C GLN B 23 -9.30 16.43 -35.76
N LEU B 24 -9.26 17.75 -35.63
CA LEU B 24 -9.33 18.36 -34.30
C LEU B 24 -10.67 18.07 -33.64
N MET B 25 -11.76 18.11 -34.40
CA MET B 25 -13.06 17.75 -33.84
C MET B 25 -13.06 16.32 -33.32
N SER B 26 -12.52 15.38 -34.10
CA SER B 26 -12.46 13.99 -33.66
C SER B 26 -11.61 13.85 -32.41
N LEU B 27 -10.48 14.57 -32.35
CA LEU B 27 -9.62 14.51 -31.18
C LEU B 27 -10.35 15.00 -29.94
N ILE B 28 -10.96 16.19 -30.02
CA ILE B 28 -11.63 16.76 -28.85
C ILE B 28 -12.83 15.91 -28.45
N ILE B 29 -13.43 15.20 -29.40
CA ILE B 29 -14.59 14.37 -29.08
C ILE B 29 -14.17 13.07 -28.39
N ASN B 30 -13.18 12.37 -28.95
CA ASN B 30 -12.91 11.00 -28.54
C ASN B 30 -11.72 10.84 -27.60
N THR B 31 -10.73 11.73 -27.66
CA THR B 31 -9.53 11.58 -26.86
C THR B 31 -9.38 12.58 -25.73
N PHE B 32 -10.39 13.42 -25.49
CA PHE B 32 -10.27 14.44 -24.44
C PHE B 32 -10.91 13.98 -23.13
N TYR B 33 -12.18 13.57 -23.19
CA TYR B 33 -12.96 13.31 -22.00
C TYR B 33 -13.17 11.80 -21.85
N SER B 34 -12.73 11.26 -20.72
CA SER B 34 -12.86 9.83 -20.48
C SER B 34 -14.29 9.45 -20.11
N ASN B 35 -14.95 10.27 -19.31
CA ASN B 35 -16.27 9.97 -18.78
C ASN B 35 -17.31 10.78 -19.54
N LYS B 36 -18.40 10.13 -19.95
CA LYS B 36 -19.41 10.79 -20.77
C LYS B 36 -20.23 11.79 -19.98
N GLU B 37 -20.46 11.52 -18.68
CA GLU B 37 -21.35 12.36 -17.88
C GLU B 37 -20.80 13.76 -17.64
N ILE B 38 -19.52 14.01 -17.93
CA ILE B 38 -18.94 15.32 -17.67
C ILE B 38 -19.50 16.38 -18.62
N PHE B 39 -20.26 15.96 -19.63
CA PHE B 39 -20.84 16.91 -20.57
C PHE B 39 -21.78 17.88 -19.86
N LEU B 40 -22.51 17.40 -18.85
CA LEU B 40 -23.44 18.26 -18.13
C LEU B 40 -22.70 19.30 -17.30
N ARG B 41 -21.52 18.97 -16.79
CA ARG B 41 -20.79 19.90 -15.94
C ARG B 41 -20.41 21.16 -16.70
N GLU B 42 -19.96 21.00 -17.95
CA GLU B 42 -19.54 22.15 -18.73
C GLU B 42 -20.72 23.05 -19.10
N LEU B 43 -21.88 22.46 -19.37
CA LEU B 43 -23.06 23.26 -19.68
C LEU B 43 -23.49 24.10 -18.49
N ILE B 44 -23.54 23.49 -17.30
CA ILE B 44 -23.86 24.24 -16.09
C ILE B 44 -22.80 25.30 -15.83
N SER B 45 -21.54 24.97 -16.09
CA SER B 45 -20.47 25.95 -15.92
C SER B 45 -20.67 27.15 -16.81
N ASN B 46 -21.02 26.93 -18.08
CA ASN B 46 -21.24 28.03 -19.02
C ASN B 46 -22.48 28.84 -18.64
N SER B 47 -23.53 28.17 -18.17
CA SER B 47 -24.71 28.89 -17.71
C SER B 47 -24.38 29.79 -16.53
N SER B 48 -23.60 29.26 -15.57
CA SER B 48 -23.13 30.08 -14.47
C SER B 48 -22.25 31.22 -14.94
N ASP B 49 -21.44 30.97 -15.98
CA ASP B 49 -20.64 32.04 -16.57
C ASP B 49 -21.54 33.17 -17.05
N ALA B 50 -22.57 32.84 -17.82
CA ALA B 50 -23.48 33.87 -18.33
C ALA B 50 -24.19 34.60 -17.20
N LEU B 51 -24.63 33.87 -16.18
CA LEU B 51 -25.31 34.51 -15.05
C LEU B 51 -24.38 35.46 -14.31
N ASP B 52 -23.12 35.06 -14.12
CA ASP B 52 -22.16 35.95 -13.46
C ASP B 52 -21.90 37.19 -14.33
N LYS B 53 -21.81 37.01 -15.64
CA LYS B 53 -21.62 38.15 -16.52
C LYS B 53 -22.77 39.14 -16.41
N ILE B 54 -24.01 38.65 -16.50
CA ILE B 54 -25.14 39.57 -16.43
C ILE B 54 -25.26 40.19 -15.04
N ARG B 55 -24.92 39.44 -14.00
CA ARG B 55 -24.97 39.98 -12.65
C ARG B 55 -23.95 41.11 -12.46
N TYR B 56 -22.73 40.91 -12.98
CA TYR B 56 -21.66 41.86 -12.69
C TYR B 56 -21.95 43.23 -13.30
N GLU B 57 -22.45 43.26 -14.53
CA GLU B 57 -22.76 44.55 -15.15
C GLU B 57 -23.90 45.25 -14.42
N SER B 58 -24.83 44.49 -13.84
CA SER B 58 -25.90 45.08 -13.05
C SER B 58 -25.38 45.83 -11.84
N LEU B 59 -24.21 45.44 -11.32
CA LEU B 59 -23.63 46.16 -10.18
C LEU B 59 -23.32 47.60 -10.52
N THR B 60 -23.09 47.90 -11.80
CA THR B 60 -22.86 49.28 -12.24
C THR B 60 -24.08 49.91 -12.87
N ASP B 61 -24.90 49.12 -13.58
CA ASP B 61 -26.11 49.64 -14.23
C ASP B 61 -27.25 48.67 -13.97
N PRO B 62 -28.11 48.95 -12.99
CA PRO B 62 -29.26 48.05 -12.73
C PRO B 62 -30.24 47.97 -13.89
N SER B 63 -30.22 48.94 -14.81
CA SER B 63 -31.17 48.92 -15.93
C SER B 63 -30.91 47.78 -16.89
N LYS B 64 -29.78 47.08 -16.76
CA LYS B 64 -29.54 45.91 -17.59
C LYS B 64 -30.57 44.83 -17.34
N LEU B 65 -30.98 44.64 -16.08
CA LEU B 65 -31.92 43.60 -15.70
C LEU B 65 -33.37 43.94 -16.03
N ASP B 66 -33.62 44.99 -16.84
CA ASP B 66 -34.99 45.30 -17.22
C ASP B 66 -35.60 44.18 -18.06
N SER B 67 -34.78 43.46 -18.83
CA SER B 67 -35.27 42.30 -19.56
C SER B 67 -35.57 41.12 -18.65
N GLY B 68 -35.02 41.10 -17.44
CA GLY B 68 -35.27 40.02 -16.51
C GLY B 68 -34.47 40.18 -15.22
N LYS B 69 -35.10 39.90 -14.09
CA LYS B 69 -34.44 40.09 -12.80
C LYS B 69 -34.13 38.78 -12.09
N GLU B 70 -34.61 37.65 -12.60
CA GLU B 70 -34.43 36.38 -11.92
C GLU B 70 -33.21 35.64 -12.47
N LEU B 71 -32.25 35.36 -11.59
CA LEU B 71 -31.03 34.64 -11.94
C LEU B 71 -31.24 33.18 -11.54
N TYR B 72 -31.39 32.32 -12.55
CA TYR B 72 -31.66 30.91 -12.29
C TYR B 72 -31.23 30.09 -13.50
N ILE B 73 -31.16 28.77 -13.29
CA ILE B 73 -30.91 27.81 -14.35
C ILE B 73 -32.03 26.78 -14.29
N LYS B 74 -32.54 26.38 -15.45
CA LYS B 74 -33.62 25.40 -15.53
C LYS B 74 -33.21 24.25 -16.43
N ILE B 75 -33.42 23.03 -15.96
CA ILE B 75 -33.17 21.82 -16.74
C ILE B 75 -34.53 21.19 -17.04
N ILE B 76 -34.80 20.98 -18.33
CA ILE B 76 -36.11 20.46 -18.75
C ILE B 76 -35.91 19.23 -19.61
N PRO B 77 -35.65 18.07 -19.02
CA PRO B 77 -35.59 16.84 -19.82
C PRO B 77 -36.97 16.50 -20.39
N ASN B 78 -36.97 15.83 -21.54
CA ASN B 78 -38.20 15.43 -22.21
C ASN B 78 -37.91 14.11 -22.92
N LYS B 79 -38.49 13.02 -22.41
CA LYS B 79 -38.24 11.70 -22.99
C LYS B 79 -38.95 11.53 -24.32
N SER B 80 -40.03 12.28 -24.56
CA SER B 80 -40.83 12.06 -25.77
C SER B 80 -40.04 12.38 -27.03
N GLU B 81 -39.37 13.53 -27.06
CA GLU B 81 -38.53 13.90 -28.21
C GLU B 81 -37.05 13.64 -27.97
N GLY B 82 -36.67 13.15 -26.80
CA GLY B 82 -35.27 12.94 -26.51
C GLY B 82 -34.46 14.21 -26.53
N THR B 83 -34.97 15.29 -25.95
CA THR B 83 -34.31 16.58 -25.93
C THR B 83 -33.97 16.96 -24.50
N PHE B 84 -32.70 17.26 -24.24
CA PHE B 84 -32.23 17.71 -22.95
C PHE B 84 -31.92 19.20 -23.06
N THR B 85 -32.78 20.03 -22.50
CA THR B 85 -32.74 21.46 -22.72
C THR B 85 -32.37 22.18 -21.42
N ILE B 86 -31.43 23.12 -21.52
CA ILE B 86 -31.01 23.95 -20.41
C ILE B 86 -31.28 25.41 -20.76
N ILE B 87 -31.98 26.12 -19.87
CA ILE B 87 -32.30 27.52 -20.06
C ILE B 87 -31.76 28.30 -18.87
N ASP B 88 -31.02 29.36 -19.15
CA ASP B 88 -30.49 30.26 -18.13
C ASP B 88 -30.72 31.70 -18.56
N THR B 89 -30.72 32.60 -17.59
CA THR B 89 -31.01 34.01 -17.81
C THR B 89 -29.74 34.87 -17.81
N GLY B 90 -28.66 34.36 -18.37
CA GLY B 90 -27.39 35.06 -18.34
C GLY B 90 -27.29 36.23 -19.29
N ILE B 91 -26.06 36.56 -19.71
CA ILE B 91 -25.83 37.73 -20.55
C ILE B 91 -26.42 37.53 -21.95
N GLY B 92 -26.34 36.32 -22.49
CA GLY B 92 -26.79 36.08 -23.85
C GLY B 92 -25.68 36.31 -24.87
N MET B 93 -26.06 36.23 -26.14
CA MET B 93 -25.11 36.35 -27.24
C MET B 93 -25.58 37.39 -28.25
N THR B 94 -24.61 38.13 -28.80
CA THR B 94 -24.82 38.79 -30.06
C THR B 94 -24.30 37.90 -31.19
N LYS B 95 -24.61 38.28 -32.43
CA LYS B 95 -24.16 37.48 -33.57
C LYS B 95 -22.64 37.40 -33.62
N ALA B 96 -21.96 38.54 -33.42
CA ALA B 96 -20.51 38.52 -33.38
C ALA B 96 -20.00 37.63 -32.25
N ASP B 97 -20.61 37.74 -31.07
CA ASP B 97 -20.20 36.92 -29.95
C ASP B 97 -20.38 35.44 -30.26
N LEU B 98 -21.55 35.05 -30.80
CA LEU B 98 -21.80 33.64 -31.00
C LEU B 98 -20.87 33.06 -32.05
N VAL B 99 -20.62 33.80 -33.14
CA VAL B 99 -19.72 33.25 -34.15
C VAL B 99 -18.30 33.17 -33.59
N ASN B 100 -17.83 34.24 -32.94
CA ASN B 100 -16.45 34.25 -32.46
C ASN B 100 -16.20 33.18 -31.41
N ASN B 101 -17.17 32.92 -30.55
CA ASN B 101 -16.97 31.93 -29.50
C ASN B 101 -17.25 30.50 -29.96
N LEU B 102 -18.42 30.25 -30.54
CA LEU B 102 -18.81 28.90 -30.90
C LEU B 102 -18.08 28.37 -32.12
N GLY B 103 -17.71 29.24 -33.06
CA GLY B 103 -17.05 28.78 -34.27
C GLY B 103 -15.55 28.62 -34.16
N THR B 104 -14.92 29.26 -33.18
CA THR B 104 -13.47 29.25 -33.03
C THR B 104 -13.09 28.28 -31.91
N ILE B 105 -12.50 27.15 -32.29
CA ILE B 105 -11.94 26.23 -31.31
C ILE B 105 -10.76 26.88 -30.61
N ALA B 106 -10.57 26.54 -29.33
CA ALA B 106 -9.50 27.07 -28.48
C ALA B 106 -9.64 28.56 -28.23
N LYS B 107 -10.82 29.13 -28.44
CA LYS B 107 -11.10 30.52 -28.13
C LYS B 107 -12.24 30.60 -27.12
N SER B 108 -11.99 31.27 -26.01
CA SER B 108 -12.96 31.40 -24.93
C SER B 108 -13.29 32.88 -24.74
N GLY B 109 -14.55 33.24 -24.95
CA GLY B 109 -14.97 34.60 -24.71
C GLY B 109 -14.86 35.00 -23.25
N THR B 110 -14.94 34.03 -22.34
CA THR B 110 -14.82 34.32 -20.92
C THR B 110 -13.43 34.85 -20.58
N LYS B 111 -12.38 34.23 -21.13
CA LYS B 111 -11.02 34.67 -20.85
C LYS B 111 -10.79 36.09 -21.38
N ALA B 112 -11.28 36.37 -22.59
CA ALA B 112 -11.18 37.72 -23.12
C ALA B 112 -11.95 38.71 -22.27
N PHE B 113 -13.12 38.30 -21.78
CA PHE B 113 -13.93 39.17 -20.93
C PHE B 113 -13.18 39.52 -19.65
N MET B 114 -12.58 38.51 -19.00
CA MET B 114 -11.80 38.80 -17.79
C MET B 114 -10.60 39.67 -18.09
N GLU B 115 -9.89 39.40 -19.19
CA GLU B 115 -8.75 40.23 -19.54
C GLU B 115 -9.16 41.66 -19.88
N ALA B 116 -10.40 41.86 -20.31
CA ALA B 116 -10.93 43.20 -20.51
C ALA B 116 -11.30 43.88 -19.20
N LEU B 117 -11.70 43.12 -18.19
CA LEU B 117 -12.06 43.71 -16.91
C LEU B 117 -10.84 44.22 -16.17
N GLN B 118 -11.07 45.16 -15.24
CA GLN B 118 -9.99 45.76 -14.50
C GLN B 118 -9.41 44.79 -13.48
N ALA B 119 -8.25 45.14 -12.94
CA ALA B 119 -7.62 44.32 -11.91
C ALA B 119 -8.47 44.32 -10.65
N GLY B 120 -8.53 43.16 -10.00
CA GLY B 120 -9.33 43.03 -8.78
C GLY B 120 -10.83 43.15 -9.01
N ALA B 121 -11.37 42.37 -9.94
CA ALA B 121 -12.80 42.42 -10.21
C ALA B 121 -13.62 41.61 -9.21
N ASP B 122 -12.98 40.83 -8.35
CA ASP B 122 -13.65 40.02 -7.32
C ASP B 122 -14.68 39.07 -7.92
N ILE B 123 -14.44 38.65 -9.17
CA ILE B 123 -15.24 37.62 -9.81
C ILE B 123 -14.30 36.65 -10.50
N SER B 124 -14.40 35.38 -10.13
CA SER B 124 -13.58 34.33 -10.74
C SER B 124 -14.49 33.39 -11.51
N MET B 125 -14.06 33.00 -12.70
CA MET B 125 -14.89 32.19 -13.57
C MET B 125 -14.18 30.88 -13.87
N ILE B 126 -14.90 29.96 -14.51
CA ILE B 126 -14.40 28.59 -14.63
C ILE B 126 -13.66 28.39 -15.96
N GLY B 127 -14.36 28.54 -17.08
CA GLY B 127 -13.80 28.11 -18.35
C GLY B 127 -12.66 29.01 -18.82
N GLN B 128 -11.58 28.38 -19.29
CA GLN B 128 -10.46 29.11 -19.86
C GLN B 128 -10.02 28.52 -21.19
N PHE B 129 -10.15 27.21 -21.37
CA PHE B 129 -9.60 26.55 -22.55
C PHE B 129 -10.40 26.84 -23.80
N GLY B 130 -11.71 27.04 -23.68
CA GLY B 130 -12.54 27.31 -24.83
C GLY B 130 -13.00 26.10 -25.60
N VAL B 131 -12.81 24.90 -25.06
CA VAL B 131 -13.27 23.69 -25.71
C VAL B 131 -14.28 22.91 -24.89
N GLY B 132 -14.66 23.37 -23.70
CA GLY B 132 -15.59 22.62 -22.88
C GLY B 132 -16.96 22.45 -23.50
N PHE B 133 -17.39 23.45 -24.29
CA PHE B 133 -18.73 23.40 -24.86
C PHE B 133 -18.90 22.20 -25.79
N TYR B 134 -17.88 21.90 -26.59
CA TYR B 134 -17.97 20.82 -27.56
C TYR B 134 -18.12 19.45 -26.90
N SER B 135 -17.89 19.35 -25.59
CA SER B 135 -18.12 18.11 -24.87
C SER B 135 -19.57 17.67 -24.95
N CYS B 136 -20.50 18.58 -25.26
CA CYS B 136 -21.89 18.19 -25.44
C CYS B 136 -22.05 17.16 -26.54
N TYR B 137 -21.16 17.19 -27.54
CA TYR B 137 -21.19 16.22 -28.63
C TYR B 137 -20.84 14.82 -28.17
N LEU B 138 -20.32 14.65 -26.95
CA LEU B 138 -20.07 13.31 -26.43
C LEU B 138 -21.35 12.49 -26.38
N VAL B 139 -22.46 13.13 -26.03
CA VAL B 139 -23.75 12.45 -25.93
C VAL B 139 -24.78 12.99 -26.91
N ALA B 140 -24.52 14.12 -27.55
CA ALA B 140 -25.48 14.74 -28.47
C ALA B 140 -24.93 14.72 -29.89
N ASP B 141 -25.79 14.38 -30.84
CA ASP B 141 -25.42 14.38 -32.25
C ASP B 141 -25.73 15.69 -32.97
N ARG B 142 -26.64 16.49 -32.41
CA ARG B 142 -27.04 17.74 -33.04
C ARG B 142 -27.35 18.74 -31.94
N VAL B 143 -26.76 19.93 -32.06
CA VAL B 143 -26.84 20.97 -31.03
C VAL B 143 -27.52 22.19 -31.63
N THR B 144 -28.56 22.67 -30.96
CA THR B 144 -29.23 23.92 -31.31
C THR B 144 -29.20 24.83 -30.10
N VAL B 145 -28.76 26.08 -30.30
CA VAL B 145 -28.57 27.03 -29.22
C VAL B 145 -29.46 28.25 -29.48
N HIS B 146 -30.21 28.64 -28.47
CA HIS B 146 -31.09 29.80 -28.55
C HIS B 146 -30.61 30.85 -27.56
N SER B 147 -30.27 32.03 -28.06
CA SER B 147 -29.72 33.09 -27.23
C SER B 147 -30.21 34.45 -27.70
N LYS B 148 -30.18 35.42 -26.78
CA LYS B 148 -30.69 36.76 -27.05
C LYS B 148 -29.99 37.74 -26.11
N HIS B 149 -29.19 38.63 -26.68
CA HIS B 149 -28.54 39.69 -25.92
C HIS B 149 -29.40 40.95 -25.98
N ASN B 150 -29.30 41.78 -24.94
CA ASN B 150 -30.11 42.99 -24.87
C ASN B 150 -29.78 43.95 -26.01
N ASP B 151 -28.51 44.08 -26.35
CA ASP B 151 -28.05 44.97 -27.40
C ASP B 151 -28.16 44.35 -28.79
N ASP B 152 -28.92 43.27 -28.94
CA ASP B 152 -29.02 42.59 -30.23
C ASP B 152 -30.35 41.86 -30.30
N GLU B 153 -30.54 41.14 -31.40
CA GLU B 153 -31.74 40.35 -31.60
C GLU B 153 -31.45 38.88 -31.29
N GLN B 154 -32.52 38.09 -31.19
CA GLN B 154 -32.39 36.65 -30.94
C GLN B 154 -32.00 35.94 -32.23
N TYR B 155 -31.00 35.05 -32.15
CA TYR B 155 -30.51 34.31 -33.30
C TYR B 155 -30.54 32.82 -33.02
N MET B 156 -30.34 32.04 -34.08
CA MET B 156 -30.38 30.58 -34.00
C MET B 156 -29.00 30.03 -34.36
N TRP B 157 -28.49 29.13 -33.52
CA TRP B 157 -27.20 28.50 -33.77
C TRP B 157 -27.36 26.99 -33.80
N GLU B 158 -26.76 26.35 -34.80
CA GLU B 158 -26.93 24.92 -35.02
C GLU B 158 -25.70 24.34 -35.71
N SER B 159 -25.32 23.14 -35.31
CA SER B 159 -24.23 22.41 -35.94
C SER B 159 -24.40 20.93 -35.65
N SER B 160 -23.79 20.11 -36.51
CA SER B 160 -23.77 18.66 -36.34
C SER B 160 -22.34 18.13 -36.22
N ALA B 161 -21.41 18.97 -35.80
CA ALA B 161 -19.99 18.64 -35.66
C ALA B 161 -19.38 18.16 -36.97
N GLY B 162 -19.90 18.61 -38.10
CA GLY B 162 -19.39 18.23 -39.40
C GLY B 162 -18.42 19.24 -39.98
N GLY B 163 -17.86 20.10 -39.12
CA GLY B 163 -16.94 21.13 -39.56
C GLY B 163 -17.59 22.42 -39.99
N SER B 164 -18.92 22.49 -40.03
CA SER B 164 -19.63 23.71 -40.40
C SER B 164 -20.84 23.88 -39.49
N PHE B 165 -21.24 25.13 -39.30
CA PHE B 165 -22.40 25.45 -38.48
C PHE B 165 -23.23 26.52 -39.17
N THR B 166 -24.52 26.52 -38.87
CA THR B 166 -25.48 27.42 -39.48
C THR B 166 -25.98 28.43 -38.45
N VAL B 167 -26.04 29.69 -38.85
CA VAL B 167 -26.53 30.78 -38.01
C VAL B 167 -27.65 31.51 -38.75
N ARG B 168 -28.76 31.74 -38.06
CA ARG B 168 -29.91 32.43 -38.63
C ARG B 168 -30.65 33.18 -37.53
N THR B 169 -31.41 34.20 -37.94
CA THR B 169 -32.20 34.98 -37.01
C THR B 169 -33.36 34.16 -36.47
N ASP B 170 -33.82 34.53 -35.28
CA ASP B 170 -34.91 33.82 -34.60
C ASP B 170 -36.12 34.73 -34.47
N HIS B 171 -37.29 34.20 -34.81
CA HIS B 171 -38.56 34.91 -34.66
C HIS B 171 -39.54 34.13 -33.79
N GLY B 172 -39.06 33.27 -32.90
CA GLY B 172 -39.92 32.48 -32.04
C GLY B 172 -40.32 33.20 -30.78
N GLU B 173 -40.44 32.46 -29.69
CA GLU B 173 -40.81 33.05 -28.41
C GLU B 173 -39.69 33.96 -27.91
N PRO B 174 -39.98 35.20 -27.55
CA PRO B 174 -38.92 36.11 -27.07
C PRO B 174 -38.42 35.66 -25.70
N LEU B 175 -37.22 35.11 -25.69
CA LEU B 175 -36.59 34.61 -24.47
C LEU B 175 -36.23 35.72 -23.49
N GLY B 176 -36.21 36.98 -23.94
CA GLY B 176 -35.92 38.08 -23.05
C GLY B 176 -34.44 38.31 -22.83
N ARG B 177 -33.81 37.43 -22.06
CA ARG B 177 -32.39 37.54 -21.79
C ARG B 177 -31.87 36.20 -21.30
N GLY B 178 -30.70 35.81 -21.79
CA GLY B 178 -30.06 34.56 -21.39
C GLY B 178 -29.74 33.69 -22.60
N THR B 179 -29.79 32.38 -22.38
CA THR B 179 -29.46 31.40 -23.41
C THR B 179 -30.28 30.14 -23.19
N LYS B 180 -30.62 29.47 -24.29
CA LYS B 180 -31.37 28.21 -24.27
C LYS B 180 -30.60 27.20 -25.11
N ILE B 181 -29.99 26.22 -24.45
CA ILE B 181 -29.20 25.18 -25.11
C ILE B 181 -30.10 23.96 -25.29
N VAL B 182 -30.17 23.46 -26.52
CA VAL B 182 -30.98 22.29 -26.85
C VAL B 182 -30.06 21.22 -27.43
N LEU B 183 -30.09 20.04 -26.84
CA LEU B 183 -29.29 18.91 -27.30
C LEU B 183 -30.21 17.75 -27.65
N HIS B 184 -30.10 17.26 -28.89
CA HIS B 184 -30.80 16.04 -29.29
C HIS B 184 -29.94 14.85 -28.90
N ILE B 185 -30.42 14.07 -27.92
CA ILE B 185 -29.60 13.02 -27.33
C ILE B 185 -29.42 11.89 -28.32
N LYS B 186 -28.28 11.20 -28.24
CA LYS B 186 -28.09 9.99 -29.02
C LYS B 186 -28.99 8.88 -28.52
N GLU B 187 -29.31 7.94 -29.41
CA GLU B 187 -30.32 6.93 -29.11
C GLU B 187 -29.90 6.04 -27.94
N ASP B 188 -28.64 5.61 -27.90
CA ASP B 188 -28.16 4.73 -26.85
C ASP B 188 -27.75 5.48 -25.59
N LEU B 189 -27.82 6.81 -25.60
CA LEU B 189 -27.56 7.63 -24.42
C LEU B 189 -28.84 8.08 -23.73
N ALA B 190 -29.93 7.33 -23.89
CA ALA B 190 -31.22 7.71 -23.32
C ALA B 190 -31.26 7.60 -21.80
N GLU B 191 -30.30 6.88 -21.20
CA GLU B 191 -30.27 6.75 -19.74
C GLU B 191 -30.13 8.10 -19.05
N TYR B 192 -29.52 9.09 -19.72
CA TYR B 192 -29.41 10.42 -19.13
C TYR B 192 -30.74 11.16 -19.08
N LEU B 193 -31.82 10.60 -19.61
CA LEU B 193 -33.13 11.19 -19.43
C LEU B 193 -33.81 10.75 -18.14
N GLU B 194 -33.25 9.76 -17.44
CA GLU B 194 -33.82 9.31 -16.17
C GLU B 194 -33.46 10.31 -15.07
N VAL B 195 -34.50 10.88 -14.43
CA VAL B 195 -34.29 12.03 -13.55
C VAL B 195 -33.28 11.72 -12.46
N ASN B 196 -33.23 10.46 -12.02
CA ASN B 196 -32.35 10.08 -10.92
C ASN B 196 -30.89 10.40 -11.23
N LYS B 197 -30.42 10.03 -12.42
CA LYS B 197 -29.02 10.29 -12.78
C LYS B 197 -28.74 11.78 -12.88
N ILE B 198 -29.70 12.57 -13.35
CA ILE B 198 -29.48 14.02 -13.37
C ILE B 198 -29.31 14.56 -11.96
N LYS B 199 -30.14 14.10 -11.02
CA LYS B 199 -29.95 14.53 -9.64
C LYS B 199 -28.58 14.10 -9.11
N GLU B 200 -28.18 12.85 -9.39
CA GLU B 200 -26.89 12.37 -8.91
C GLU B 200 -25.74 13.18 -9.50
N ILE B 201 -25.79 13.44 -10.81
CA ILE B 201 -24.71 14.18 -11.47
C ILE B 201 -24.65 15.61 -10.93
N VAL B 202 -25.80 16.26 -10.77
CA VAL B 202 -25.80 17.62 -10.25
C VAL B 202 -25.23 17.66 -8.84
N LYS B 203 -25.62 16.70 -7.99
CA LYS B 203 -25.11 16.70 -6.62
C LYS B 203 -23.62 16.37 -6.59
N LYS B 204 -23.16 15.50 -7.49
CA LYS B 204 -21.76 15.08 -7.48
C LYS B 204 -20.85 16.18 -7.99
N HIS B 205 -21.23 16.84 -9.08
CA HIS B 205 -20.35 17.81 -9.75
C HIS B 205 -20.74 19.26 -9.48
N SER B 206 -22.03 19.59 -9.54
CA SER B 206 -22.48 20.97 -9.42
C SER B 206 -23.25 21.23 -8.14
N GLN B 207 -22.86 20.62 -7.03
CA GLN B 207 -23.57 20.82 -5.77
C GLN B 207 -23.47 22.25 -5.25
N PHE B 208 -22.40 22.96 -5.60
CA PHE B 208 -22.10 24.25 -4.98
C PHE B 208 -21.97 25.37 -6.00
N ILE B 209 -22.81 25.38 -7.04
CA ILE B 209 -22.82 26.51 -7.97
C ILE B 209 -23.41 27.73 -7.29
N GLY B 210 -23.11 28.90 -7.83
CA GLY B 210 -23.49 30.16 -7.18
C GLY B 210 -24.92 30.60 -7.40
N TYR B 211 -25.71 29.85 -8.15
CA TYR B 211 -27.09 30.22 -8.40
C TYR B 211 -27.99 29.01 -8.29
N PRO B 212 -29.24 29.18 -7.87
CA PRO B 212 -30.14 28.04 -7.73
C PRO B 212 -30.47 27.41 -9.07
N ILE B 213 -30.46 26.08 -9.11
CA ILE B 213 -30.76 25.30 -10.31
C ILE B 213 -32.10 24.63 -10.10
N LYS B 214 -33.01 24.83 -11.04
CA LYS B 214 -34.35 24.23 -11.00
C LYS B 214 -34.35 22.96 -11.83
N LEU B 215 -35.28 22.06 -11.53
CA LEU B 215 -35.49 20.86 -12.32
C LEU B 215 -36.99 20.62 -12.46
N THR B 216 -37.46 20.61 -13.70
CA THR B 216 -38.87 20.38 -13.99
C THR B 216 -39.05 18.93 -14.41
N VAL B 217 -39.93 18.22 -13.72
CA VAL B 217 -40.11 16.79 -13.89
C VAL B 217 -41.57 16.51 -14.25
N GLU B 218 -41.77 15.56 -15.16
CA GLU B 218 -43.11 15.08 -15.50
C GLU B 218 -43.46 13.92 -14.57
N LYS B 219 -44.25 14.20 -13.54
CA LYS B 219 -44.61 13.20 -12.55
C LYS B 219 -46.03 12.69 -12.69
N GLU B 220 -46.98 13.56 -13.01
CA GLU B 220 -48.38 13.21 -13.11
C GLU B 220 -48.85 13.36 -14.56
N ARG B 221 -49.74 12.46 -14.96
CA ARG B 221 -50.21 12.42 -16.35
C ARG B 221 -51.61 13.00 -16.54
N GLU B 222 -52.42 13.08 -15.48
CA GLU B 222 -53.73 13.71 -15.59
C GLU B 222 -53.57 15.21 -15.43
N LYS B 223 -54.16 15.97 -16.34
CA LYS B 223 -54.05 17.42 -16.34
C LYS B 223 -55.39 18.05 -15.99
N GLU B 224 -55.32 19.28 -15.46
CA GLU B 224 -56.51 20.04 -15.08
C GLU B 224 -57.39 20.33 -16.29
N LYS B 267 -59.52 13.12 -14.81
CA LYS B 267 -58.94 13.67 -13.59
C LYS B 267 -59.62 13.11 -12.35
N LYS B 268 -58.87 13.05 -11.26
CA LYS B 268 -59.39 12.50 -10.00
C LYS B 268 -60.01 13.59 -9.14
N LYS B 269 -60.28 13.29 -7.87
CA LYS B 269 -60.93 14.25 -6.98
C LYS B 269 -60.10 15.52 -6.86
N THR B 270 -58.79 15.38 -6.65
CA THR B 270 -57.91 16.53 -6.58
C THR B 270 -57.44 16.92 -7.97
N ILE B 271 -56.88 18.12 -8.08
CA ILE B 271 -56.33 18.63 -9.32
C ILE B 271 -54.90 18.15 -9.45
N LYS B 272 -54.62 17.40 -10.52
CA LYS B 272 -53.29 16.84 -10.75
C LYS B 272 -52.53 17.74 -11.72
N GLU B 273 -51.30 18.10 -11.34
CA GLU B 273 -50.45 18.96 -12.14
C GLU B 273 -49.37 18.11 -12.80
N LYS B 274 -49.24 18.25 -14.13
CA LYS B 274 -48.30 17.42 -14.88
C LYS B 274 -46.85 17.67 -14.52
N TYR B 275 -46.49 18.87 -14.07
CA TYR B 275 -45.11 19.20 -13.77
C TYR B 275 -45.02 19.84 -12.39
N THR B 276 -44.03 19.37 -11.63
CA THR B 276 -43.71 19.92 -10.32
C THR B 276 -42.28 20.46 -10.37
N GLU B 277 -42.13 21.74 -10.02
CA GLU B 277 -40.82 22.38 -10.09
C GLU B 277 -40.00 22.01 -8.87
N ASP B 278 -38.88 21.33 -9.10
CA ASP B 278 -37.97 20.89 -8.05
C ASP B 278 -36.80 21.85 -7.98
N GLU B 279 -36.59 22.46 -6.81
CA GLU B 279 -35.51 23.42 -6.61
C GLU B 279 -34.33 22.85 -5.84
N GLU B 280 -34.54 21.87 -4.96
CA GLU B 280 -33.49 21.38 -4.07
C GLU B 280 -32.52 20.53 -4.88
N LEU B 281 -31.63 21.22 -5.60
CA LEU B 281 -30.51 20.59 -6.30
C LEU B 281 -29.18 21.17 -5.86
N ASN B 282 -29.14 22.45 -5.52
CA ASN B 282 -27.95 23.11 -5.01
C ASN B 282 -28.30 23.96 -3.79
N LYS B 283 -29.30 23.52 -3.03
CA LYS B 283 -29.76 24.27 -1.87
C LYS B 283 -28.68 24.46 -0.83
N THR B 284 -27.85 23.43 -0.59
CA THR B 284 -26.78 23.52 0.40
C THR B 284 -25.77 24.55 -0.05
N LYS B 285 -25.81 25.73 0.56
CA LYS B 285 -24.94 26.82 0.15
C LYS B 285 -23.57 26.66 0.77
N PRO B 286 -22.50 26.95 0.02
CA PRO B 286 -21.12 26.64 0.49
C PRO B 286 -20.65 27.54 1.64
N ILE B 287 -21.00 27.12 2.85
CA ILE B 287 -20.66 27.88 4.05
C ILE B 287 -19.16 28.11 4.19
N TRP B 288 -18.33 27.27 3.58
CA TRP B 288 -16.89 27.51 3.61
C TRP B 288 -16.50 28.80 2.92
N THR B 289 -17.30 29.26 1.95
CA THR B 289 -17.06 30.54 1.31
C THR B 289 -17.22 31.71 2.29
N ARG B 290 -18.20 31.66 3.18
CA ARG B 290 -18.38 32.70 4.17
C ARG B 290 -17.28 32.65 5.22
N ASN B 291 -17.15 33.76 5.96
CA ASN B 291 -16.21 33.81 7.06
C ASN B 291 -16.69 32.89 8.19
N ALA B 292 -15.74 32.23 8.85
CA ALA B 292 -16.11 31.27 9.88
C ALA B 292 -16.74 31.93 11.10
N ASP B 293 -16.32 33.15 11.43
CA ASP B 293 -16.83 33.83 12.61
C ASP B 293 -18.33 34.10 12.55
N ASP B 294 -18.92 34.11 11.35
CA ASP B 294 -20.33 34.39 11.17
C ASP B 294 -21.16 33.13 10.96
N ILE B 295 -20.60 31.95 11.19
CA ILE B 295 -21.28 30.68 11.00
C ILE B 295 -21.60 30.09 12.36
N THR B 296 -22.87 29.77 12.59
CA THR B 296 -23.28 29.16 13.84
C THR B 296 -23.02 27.66 13.81
N GLN B 297 -23.06 27.05 14.99
CA GLN B 297 -22.82 25.61 15.10
C GLN B 297 -23.93 24.82 14.41
N GLU B 298 -25.16 25.34 14.48
CA GLU B 298 -26.27 24.69 13.79
C GLU B 298 -26.05 24.66 12.28
N GLU B 299 -25.49 25.74 11.73
CA GLU B 299 -25.18 25.75 10.31
C GLU B 299 -24.16 24.67 9.96
N TYR B 300 -23.13 24.52 10.79
CA TYR B 300 -22.15 23.46 10.56
C TYR B 300 -22.80 22.08 10.62
N GLY B 301 -23.68 21.87 11.60
CA GLY B 301 -24.36 20.59 11.70
C GLY B 301 -25.25 20.30 10.50
N ASP B 302 -25.97 21.33 10.03
CA ASP B 302 -26.82 21.16 8.86
C ASP B 302 -25.98 20.84 7.62
N PHE B 303 -24.86 21.53 7.44
CA PHE B 303 -23.99 21.25 6.31
C PHE B 303 -23.45 19.82 6.38
N TYR B 304 -23.04 19.39 7.58
CA TYR B 304 -22.52 18.04 7.74
C TYR B 304 -23.60 17.00 7.44
N LYS B 305 -24.82 17.23 7.92
CA LYS B 305 -25.91 16.30 7.66
C LYS B 305 -26.25 16.25 6.17
N SER B 306 -26.25 17.41 5.50
CA SER B 306 -26.54 17.41 4.07
C SER B 306 -25.44 16.69 3.28
N LEU B 307 -24.18 16.92 3.63
CA LEU B 307 -23.08 16.34 2.87
C LEU B 307 -22.97 14.83 3.10
N THR B 308 -23.03 14.39 4.36
CA THR B 308 -22.78 13.00 4.70
C THR B 308 -24.05 12.17 4.86
N ASN B 309 -25.23 12.78 4.73
CA ASN B 309 -26.52 12.12 4.92
C ASN B 309 -26.66 11.54 6.33
N ASP B 310 -25.83 12.00 7.26
CA ASP B 310 -25.91 11.53 8.64
C ASP B 310 -27.12 12.14 9.34
N TRP B 311 -27.74 11.33 10.22
CA TRP B 311 -28.81 11.81 11.07
C TRP B 311 -28.31 12.40 12.38
N GLU B 312 -27.12 11.99 12.84
CA GLU B 312 -26.48 12.60 13.98
C GLU B 312 -25.62 13.78 13.55
N ASP B 313 -25.30 14.64 14.52
CA ASP B 313 -24.44 15.76 14.25
C ASP B 313 -22.97 15.34 14.21
N HIS B 314 -22.12 16.29 13.84
CA HIS B 314 -20.69 16.08 13.89
C HIS B 314 -20.19 16.08 15.34
N LEU B 315 -18.95 15.62 15.52
CA LEU B 315 -18.31 15.77 16.83
C LEU B 315 -17.57 17.10 16.92
N ALA B 316 -16.95 17.54 15.82
CA ALA B 316 -16.25 18.81 15.78
C ALA B 316 -16.10 19.24 14.33
N VAL B 317 -15.84 20.53 14.13
CA VAL B 317 -15.60 21.08 12.80
C VAL B 317 -14.25 21.79 12.81
N LYS B 318 -13.43 21.48 11.82
CA LYS B 318 -12.19 22.19 11.55
C LYS B 318 -12.34 22.94 10.24
N HIS B 319 -12.18 24.26 10.29
CA HIS B 319 -12.25 25.11 9.12
C HIS B 319 -10.96 25.90 9.01
N PHE B 320 -10.37 25.90 7.82
CA PHE B 320 -9.14 26.68 7.60
C PHE B 320 -8.99 26.91 6.11
N SER B 321 -8.29 27.99 5.78
CA SER B 321 -7.96 28.34 4.41
C SER B 321 -6.46 28.56 4.29
N VAL B 322 -5.97 28.54 3.06
CA VAL B 322 -4.56 28.70 2.76
C VAL B 322 -4.41 29.73 1.66
N GLU B 323 -3.45 30.64 1.81
CA GLU B 323 -3.24 31.72 0.87
C GLU B 323 -1.81 31.73 0.37
N GLY B 324 -1.61 32.29 -0.81
CA GLY B 324 -0.31 32.31 -1.45
C GLY B 324 -0.38 31.87 -2.89
N GLN B 325 0.68 31.25 -3.39
CA GLN B 325 0.63 30.68 -4.73
C GLN B 325 -0.37 29.54 -4.83
N LEU B 326 -0.44 28.68 -3.81
CA LEU B 326 -1.43 27.61 -3.73
C LEU B 326 -2.47 28.03 -2.72
N GLU B 327 -3.62 28.51 -3.19
CA GLU B 327 -4.68 29.03 -2.33
C GLU B 327 -5.86 28.09 -2.37
N PHE B 328 -6.39 27.75 -1.20
CA PHE B 328 -7.55 26.88 -1.10
C PHE B 328 -8.23 27.08 0.25
N ARG B 329 -9.49 26.65 0.33
CA ARG B 329 -10.25 26.64 1.56
C ARG B 329 -10.63 25.21 1.90
N ALA B 330 -10.71 24.91 3.20
CA ALA B 330 -11.02 23.56 3.65
C ALA B 330 -11.99 23.62 4.81
N LEU B 331 -12.86 22.62 4.88
CA LEU B 331 -13.86 22.48 5.94
C LEU B 331 -13.96 21.00 6.26
N LEU B 332 -13.66 20.62 7.50
CA LEU B 332 -13.56 19.23 7.91
C LEU B 332 -14.52 18.94 9.05
N PHE B 333 -14.96 17.67 9.13
CA PHE B 333 -15.89 17.21 10.15
C PHE B 333 -15.39 15.91 10.74
N VAL B 334 -15.75 15.65 12.00
CA VAL B 334 -15.43 14.41 12.70
C VAL B 334 -16.75 13.73 13.04
N PRO B 335 -17.04 12.56 12.45
CA PRO B 335 -18.30 11.87 12.76
C PRO B 335 -18.35 11.42 14.21
N ARG B 336 -19.57 11.34 14.74
CA ARG B 336 -19.75 10.96 16.13
C ARG B 336 -19.56 9.48 16.37
N ARG B 337 -19.91 8.64 15.37
CA ARG B 337 -19.79 7.19 15.50
C ARG B 337 -18.77 6.67 14.49
N ALA B 338 -17.92 5.76 14.95
CA ALA B 338 -16.99 5.10 14.04
C ALA B 338 -17.77 4.18 13.09
N PRO B 339 -17.52 4.28 11.79
CA PRO B 339 -18.22 3.40 10.84
C PRO B 339 -17.83 1.94 11.06
N PHE B 340 -18.80 1.05 10.82
CA PHE B 340 -18.57 -0.38 10.98
C PHE B 340 -17.55 -0.92 9.99
N ASP B 341 -17.35 -0.23 8.86
CA ASP B 341 -16.42 -0.67 7.83
C ASP B 341 -15.24 0.29 7.67
N LEU B 342 -14.71 0.81 8.79
CA LEU B 342 -13.67 1.83 8.72
C LEU B 342 -12.36 1.27 8.17
N PHE B 343 -11.99 0.05 8.55
CA PHE B 343 -10.73 -0.55 8.13
C PHE B 343 -10.92 -1.71 7.15
N GLU B 344 -12.02 -1.70 6.41
CA GLU B 344 -12.29 -2.77 5.45
C GLU B 344 -11.56 -2.48 4.14
N ASN B 345 -10.89 -3.50 3.59
CA ASN B 345 -9.94 -3.29 2.51
C ASN B 345 -10.59 -2.99 1.17
N LYS B 346 -11.70 -3.67 0.84
CA LYS B 346 -12.29 -3.56 -0.49
C LYS B 346 -12.90 -2.20 -0.77
N LYS B 347 -13.06 -1.34 0.23
CA LYS B 347 -13.80 -0.10 0.10
C LYS B 347 -12.88 1.07 -0.25
N ARG B 348 -13.51 2.24 -0.41
CA ARG B 348 -12.82 3.43 -0.88
C ARG B 348 -11.90 4.01 0.19
N LYS B 349 -10.75 4.54 -0.24
CA LYS B 349 -9.71 4.96 0.68
C LYS B 349 -10.06 6.22 1.46
N ASN B 350 -10.56 7.27 0.80
CA ASN B 350 -10.77 8.54 1.48
C ASN B 350 -12.10 9.13 1.04
N ASN B 351 -12.63 10.02 1.90
CA ASN B 351 -13.91 10.67 1.66
C ASN B 351 -13.78 12.18 1.60
N ILE B 352 -12.60 12.68 1.27
CA ILE B 352 -12.36 14.12 1.17
C ILE B 352 -12.49 14.51 -0.29
N LYS B 353 -13.46 15.39 -0.58
CA LYS B 353 -13.76 15.76 -1.96
C LYS B 353 -13.00 17.03 -2.34
N LEU B 354 -12.52 17.07 -3.59
CA LEU B 354 -11.71 18.16 -4.09
C LEU B 354 -12.54 19.06 -5.00
N TYR B 355 -12.41 20.37 -4.81
CA TYR B 355 -13.10 21.36 -5.63
C TYR B 355 -12.11 22.45 -6.06
N VAL B 356 -12.34 23.00 -7.25
CA VAL B 356 -11.70 24.23 -7.68
C VAL B 356 -12.79 25.17 -8.18
N ARG B 357 -12.76 26.42 -7.71
CA ARG B 357 -13.74 27.44 -8.09
C ARG B 357 -15.17 26.90 -8.00
N ARG B 358 -15.43 26.14 -6.94
CA ARG B 358 -16.71 25.53 -6.61
C ARG B 358 -17.19 24.49 -7.61
N VAL B 359 -16.29 23.87 -8.39
CA VAL B 359 -16.65 22.77 -9.27
C VAL B 359 -15.90 21.52 -8.81
N PHE B 360 -16.53 20.36 -8.96
CA PHE B 360 -15.98 19.12 -8.43
C PHE B 360 -14.95 18.54 -9.38
N ILE B 361 -13.86 18.01 -8.82
CA ILE B 361 -12.76 17.44 -9.60
C ILE B 361 -12.60 15.95 -9.31
N MET B 362 -12.24 15.60 -8.08
CA MET B 362 -11.94 14.22 -7.73
C MET B 362 -12.52 13.91 -6.36
N ASP B 363 -13.14 12.73 -6.25
CA ASP B 363 -13.79 12.32 -5.02
C ASP B 363 -12.83 11.62 -4.07
N ASN B 364 -12.18 10.55 -4.53
CA ASN B 364 -11.26 9.77 -3.71
C ASN B 364 -9.86 9.90 -4.32
N CYS B 365 -9.13 10.93 -3.90
CA CYS B 365 -7.76 11.15 -4.33
C CYS B 365 -6.85 10.52 -3.27
N GLU B 366 -6.16 9.46 -3.65
CA GLU B 366 -5.31 8.73 -2.70
C GLU B 366 -4.12 9.56 -2.22
N ASP B 367 -3.79 10.65 -2.92
CA ASP B 367 -2.59 11.41 -2.62
C ASP B 367 -2.76 12.46 -1.52
N LEU B 368 -4.00 12.74 -1.08
CA LEU B 368 -4.21 13.88 -0.20
C LEU B 368 -4.22 13.54 1.29
N ILE B 369 -4.64 12.34 1.67
CA ILE B 369 -4.53 11.95 3.08
C ILE B 369 -4.01 10.53 3.22
N PRO B 370 -3.31 10.20 4.29
CA PRO B 370 -2.92 8.81 4.53
C PRO B 370 -4.10 7.95 4.96
N GLU B 371 -3.81 6.65 5.13
CA GLU B 371 -4.87 5.69 5.44
C GLU B 371 -5.44 5.92 6.84
N TYR B 372 -4.59 6.19 7.82
CA TYR B 372 -5.04 6.20 9.21
C TYR B 372 -5.97 7.38 9.52
N LEU B 373 -6.08 8.35 8.61
CA LEU B 373 -7.04 9.43 8.75
C LEU B 373 -8.16 9.35 7.71
N ASN B 374 -8.56 8.14 7.32
CA ASN B 374 -9.58 7.98 6.29
C ASN B 374 -10.97 8.35 6.78
N PHE B 375 -11.19 8.39 8.09
CA PHE B 375 -12.53 8.67 8.61
C PHE B 375 -12.91 10.14 8.50
N ILE B 376 -11.95 11.01 8.17
CA ILE B 376 -12.24 12.44 8.12
C ILE B 376 -13.21 12.75 6.99
N LYS B 377 -14.24 13.53 7.30
CA LYS B 377 -15.21 13.98 6.33
C LYS B 377 -15.09 15.49 6.12
N GLY B 378 -15.18 15.90 4.86
CA GLY B 378 -15.12 17.31 4.54
C GLY B 378 -14.86 17.52 3.06
N VAL B 379 -14.77 18.79 2.68
CA VAL B 379 -14.54 19.19 1.31
C VAL B 379 -13.46 20.27 1.28
N VAL B 380 -12.78 20.37 0.14
CA VAL B 380 -11.73 21.35 -0.07
C VAL B 380 -11.96 22.03 -1.41
N ASP B 381 -11.85 23.36 -1.45
CA ASP B 381 -12.06 24.14 -2.66
C ASP B 381 -10.86 25.05 -2.88
N SER B 382 -10.40 25.13 -4.12
CA SER B 382 -9.29 26.00 -4.51
C SER B 382 -9.73 26.88 -5.67
N GLU B 383 -8.80 27.72 -6.15
CA GLU B 383 -9.10 28.61 -7.25
C GLU B 383 -8.02 28.63 -8.34
N ASP B 384 -6.87 28.00 -8.10
CA ASP B 384 -5.71 28.14 -8.99
C ASP B 384 -5.09 26.83 -9.44
N LEU B 385 -5.76 25.69 -9.23
CA LEU B 385 -5.14 24.42 -9.58
C LEU B 385 -5.04 24.28 -11.09
N PRO B 386 -3.85 23.96 -11.63
CA PRO B 386 -3.73 23.72 -13.06
C PRO B 386 -4.37 22.41 -13.48
N LEU B 387 -5.51 22.49 -14.15
CA LEU B 387 -6.26 21.30 -14.53
C LEU B 387 -5.78 20.76 -15.88
N ASN B 388 -6.10 19.50 -16.13
CA ASN B 388 -5.83 18.92 -17.44
C ASN B 388 -6.90 19.32 -18.44
N ILE B 389 -6.84 18.74 -19.63
CA ILE B 389 -7.78 19.10 -20.68
C ILE B 389 -9.20 18.69 -20.32
N SER B 390 -9.35 17.67 -19.48
CA SER B 390 -10.66 17.20 -19.05
C SER B 390 -11.05 17.70 -17.66
N ARG B 391 -10.20 18.51 -17.01
CA ARG B 391 -10.44 18.99 -15.65
C ARG B 391 -10.70 17.84 -14.69
N GLU B 392 -9.92 16.77 -14.85
CA GLU B 392 -10.01 15.61 -13.97
C GLU B 392 -8.75 15.38 -13.15
N MET B 393 -7.57 15.49 -13.74
CA MET B 393 -6.32 15.35 -13.01
C MET B 393 -5.67 16.72 -12.89
N LEU B 394 -4.48 16.74 -12.30
CA LEU B 394 -3.66 17.94 -12.27
C LEU B 394 -2.43 17.73 -13.15
N GLN B 395 -2.06 18.78 -13.87
CA GLN B 395 -0.85 18.74 -14.70
C GLN B 395 0.41 18.67 -13.86
N GLN B 396 0.33 18.90 -12.56
CA GLN B 396 1.44 18.67 -11.66
C GLN B 396 0.88 17.90 -10.45
N ASN B 397 1.14 16.60 -10.41
CA ASN B 397 0.59 15.75 -9.36
C ASN B 397 1.21 16.03 -7.99
N LYS B 398 2.39 16.66 -7.95
CA LYS B 398 3.03 16.92 -6.65
C LYS B 398 2.32 18.04 -5.91
N ILE B 399 1.41 18.76 -6.57
CA ILE B 399 0.59 19.75 -5.88
C ILE B 399 -0.25 19.07 -4.80
N LEU B 400 -0.83 17.91 -5.13
CA LEU B 400 -1.63 17.16 -4.17
C LEU B 400 -0.83 16.86 -2.91
N LYS B 401 0.44 16.49 -3.07
CA LYS B 401 1.26 16.16 -1.91
C LYS B 401 1.65 17.42 -1.12
N VAL B 402 1.41 18.61 -1.67
CA VAL B 402 1.61 19.83 -0.91
C VAL B 402 0.38 20.14 -0.07
N ILE B 403 -0.81 19.99 -0.67
CA ILE B 403 -2.05 20.12 0.10
C ILE B 403 -2.13 19.03 1.17
N ARG B 404 -1.64 17.84 0.84
CA ARG B 404 -1.67 16.72 1.77
C ARG B 404 -0.93 17.04 3.07
N LYS B 405 0.20 17.74 2.96
CA LYS B 405 1.03 17.99 4.15
C LYS B 405 0.33 18.91 5.14
N ASN B 406 -0.37 19.94 4.66
CA ASN B 406 -0.98 20.89 5.58
C ASN B 406 -2.23 20.32 6.23
N LEU B 407 -3.02 19.55 5.48
CA LEU B 407 -4.30 19.06 6.00
C LEU B 407 -4.07 18.07 7.15
N VAL B 408 -3.01 17.26 7.05
CA VAL B 408 -2.67 16.34 8.14
C VAL B 408 -2.34 17.12 9.40
N LYS B 409 -1.56 18.20 9.26
CA LYS B 409 -1.24 19.05 10.40
C LYS B 409 -2.50 19.66 10.99
N LYS B 410 -3.43 20.11 10.14
CA LYS B 410 -4.66 20.70 10.63
C LYS B 410 -5.51 19.67 11.38
N CYS B 411 -5.58 18.44 10.87
CA CYS B 411 -6.32 17.38 11.56
C CYS B 411 -5.68 17.07 12.90
N LEU B 412 -4.35 17.05 12.97
CA LEU B 412 -3.67 16.84 14.24
C LEU B 412 -3.97 17.97 15.22
N GLU B 413 -3.99 19.20 14.72
CA GLU B 413 -4.34 20.34 15.58
C GLU B 413 -5.76 20.21 16.10
N LEU B 414 -6.70 19.80 15.23
CA LEU B 414 -8.08 19.62 15.66
C LEU B 414 -8.19 18.54 16.73
N PHE B 415 -7.50 17.41 16.53
CA PHE B 415 -7.54 16.35 17.53
C PHE B 415 -6.89 16.79 18.83
N GLU B 416 -5.87 17.66 18.75
CA GLU B 416 -5.31 18.27 19.95
C GLU B 416 -6.34 19.18 20.63
N GLU B 417 -7.19 19.83 19.84
CA GLU B 417 -8.17 20.75 20.42
C GLU B 417 -9.33 20.01 21.06
N LEU B 418 -9.42 18.70 20.85
CA LEU B 418 -10.49 17.92 21.47
C LEU B 418 -10.10 17.44 22.86
N ALA B 419 -8.80 17.31 23.12
CA ALA B 419 -8.34 16.69 24.36
C ALA B 419 -8.61 17.55 25.60
N GLU B 420 -8.73 18.86 25.45
CA GLU B 420 -8.95 19.72 26.62
C GLU B 420 -10.29 19.46 27.29
N ASP B 421 -11.27 18.93 26.56
CA ASP B 421 -12.55 18.52 27.13
C ASP B 421 -12.54 17.00 27.25
N LYS B 422 -12.38 16.51 28.48
CA LYS B 422 -12.21 15.08 28.69
C LYS B 422 -13.45 14.29 28.28
N GLU B 423 -14.64 14.84 28.55
CA GLU B 423 -15.88 14.09 28.31
C GLU B 423 -16.04 13.75 26.84
N ASN B 424 -15.96 14.75 25.95
CA ASN B 424 -16.07 14.48 24.52
C ASN B 424 -14.87 13.68 24.02
N TYR B 425 -13.68 14.01 24.51
CA TYR B 425 -12.49 13.27 24.08
C TYR B 425 -12.57 11.81 24.50
N LYS B 426 -13.30 11.51 25.58
CA LYS B 426 -13.53 10.13 25.95
C LYS B 426 -14.31 9.39 24.88
N LYS B 427 -15.37 10.01 24.36
CA LYS B 427 -16.13 9.41 23.27
C LYS B 427 -15.27 9.28 22.01
N TYR B 428 -14.46 10.30 21.72
CA TYR B 428 -13.57 10.22 20.56
C TYR B 428 -12.61 9.04 20.70
N TYR B 429 -12.02 8.87 21.88
CA TYR B 429 -11.11 7.76 22.11
C TYR B 429 -11.82 6.42 21.97
N GLU B 430 -13.02 6.32 22.53
CA GLU B 430 -13.80 5.08 22.43
C GLU B 430 -14.06 4.73 20.97
N GLN B 431 -14.44 5.71 20.16
CA GLN B 431 -14.79 5.43 18.78
C GLN B 431 -13.57 5.19 17.89
N PHE B 432 -12.46 5.90 18.15
CA PHE B 432 -11.32 5.88 17.24
C PHE B 432 -10.00 5.65 17.96
N SER B 433 -9.95 4.70 18.90
CA SER B 433 -8.67 4.34 19.49
C SER B 433 -7.72 3.73 18.46
N LYS B 434 -8.26 2.90 17.56
CA LYS B 434 -7.43 2.19 16.59
C LYS B 434 -6.73 3.14 15.63
N ASN B 435 -7.44 4.17 15.15
CA ASN B 435 -6.88 5.05 14.14
C ASN B 435 -5.68 5.81 14.68
N LEU B 436 -5.76 6.28 15.92
CA LEU B 436 -4.62 6.93 16.55
C LEU B 436 -3.44 5.98 16.66
N LYS B 437 -3.69 4.72 17.05
CA LYS B 437 -2.62 3.76 17.21
C LYS B 437 -2.04 3.33 15.86
N LEU B 438 -2.90 3.13 14.87
CA LEU B 438 -2.41 2.72 13.55
C LEU B 438 -1.52 3.80 12.93
N GLY B 439 -1.80 5.07 13.24
CA GLY B 439 -0.97 6.14 12.71
C GLY B 439 0.40 6.18 13.34
N ILE B 440 0.55 5.61 14.52
CA ILE B 440 1.86 5.56 15.17
C ILE B 440 2.84 4.75 14.32
N HIS B 441 2.38 3.61 13.80
CA HIS B 441 3.28 2.66 13.16
C HIS B 441 3.70 3.13 11.78
N GLU B 442 2.85 3.88 11.09
CA GLU B 442 3.13 4.28 9.71
C GLU B 442 3.59 5.72 9.59
N ASP B 443 2.97 6.66 10.30
CA ASP B 443 3.34 8.07 10.24
C ASP B 443 4.48 8.28 11.22
N ALA B 444 5.70 7.97 10.77
CA ALA B 444 6.88 8.22 11.60
C ALA B 444 7.15 9.71 11.75
N GLN B 445 6.60 10.53 10.86
CA GLN B 445 6.84 11.97 10.93
C GLN B 445 6.11 12.60 12.10
N ASN B 446 4.85 12.20 12.34
CA ASN B 446 4.02 12.78 13.37
C ASN B 446 3.88 11.90 14.60
N ARG B 447 4.82 10.97 14.82
CA ARG B 447 4.73 10.04 15.93
C ARG B 447 4.76 10.76 17.28
N THR B 448 5.62 11.77 17.41
CA THR B 448 5.76 12.47 18.69
C THR B 448 4.47 13.15 19.10
N LYS B 449 3.85 13.91 18.17
CA LYS B 449 2.62 14.61 18.50
C LYS B 449 1.47 13.65 18.79
N LEU B 450 1.37 12.58 18.00
CA LEU B 450 0.28 11.63 18.17
C LEU B 450 0.39 10.86 19.48
N ALA B 451 1.59 10.81 20.07
CA ALA B 451 1.78 10.05 21.30
C ALA B 451 1.00 10.66 22.47
N ASP B 452 0.91 11.98 22.52
CA ASP B 452 0.21 12.64 23.63
C ASP B 452 -1.29 12.37 23.62
N LEU B 453 -1.84 11.92 22.48
CA LEU B 453 -3.27 11.66 22.38
C LEU B 453 -3.66 10.27 22.87
N LEU B 454 -2.81 9.60 23.63
CA LEU B 454 -3.09 8.23 24.03
C LEU B 454 -3.50 8.15 25.50
N ARG B 455 -4.46 7.27 25.79
CA ARG B 455 -5.00 7.08 27.13
C ARG B 455 -5.07 5.59 27.40
N TYR B 456 -4.71 5.18 28.63
CA TYR B 456 -4.75 3.77 29.01
C TYR B 456 -5.21 3.61 30.44
N HIS B 457 -5.72 2.42 30.75
CA HIS B 457 -5.86 2.00 32.13
C HIS B 457 -4.48 1.72 32.73
N THR B 458 -4.29 2.12 33.98
CA THR B 458 -3.04 1.89 34.67
C THR B 458 -3.32 1.20 36.00
N SER B 459 -2.26 0.76 36.67
CA SER B 459 -2.39 0.11 37.96
C SER B 459 -2.87 1.07 39.05
N ALA B 460 -2.80 2.38 38.82
CA ALA B 460 -3.29 3.36 39.78
C ALA B 460 -4.35 4.28 39.21
N SER B 461 -4.72 4.14 37.93
CA SER B 461 -5.77 4.95 37.34
C SER B 461 -7.16 4.41 37.61
N GLY B 462 -7.28 3.20 38.15
CA GLY B 462 -8.60 2.62 38.35
C GLY B 462 -9.24 2.27 37.02
N ASP B 463 -10.54 2.53 36.92
CA ASP B 463 -11.27 2.28 35.69
C ASP B 463 -11.10 3.40 34.65
N GLU B 464 -10.44 4.49 35.01
CA GLU B 464 -10.24 5.61 34.09
C GLU B 464 -9.07 5.35 33.16
N ALA B 465 -9.22 5.77 31.91
CA ALA B 465 -8.11 5.78 30.97
C ALA B 465 -7.26 7.02 31.21
N CYS B 466 -5.95 6.82 31.31
CA CYS B 466 -5.03 7.88 31.68
C CYS B 466 -3.93 8.00 30.64
N SER B 467 -3.49 9.24 30.43
CA SER B 467 -2.47 9.54 29.44
C SER B 467 -1.08 9.18 29.96
N LEU B 468 -0.13 9.09 29.03
CA LEU B 468 1.26 8.87 29.41
C LEU B 468 1.82 10.06 30.18
N LYS B 469 1.33 11.27 29.90
CA LYS B 469 1.78 12.45 30.63
C LYS B 469 1.41 12.35 32.11
N GLU B 470 0.18 11.92 32.41
CA GLU B 470 -0.19 11.67 33.80
C GLU B 470 0.69 10.59 34.40
N TYR B 471 1.00 9.56 33.61
CA TYR B 471 1.81 8.44 34.10
C TYR B 471 3.19 8.91 34.52
N VAL B 472 3.86 9.70 33.68
CA VAL B 472 5.19 10.19 34.04
C VAL B 472 5.08 11.19 35.19
N SER B 473 4.02 12.01 35.20
CA SER B 473 3.84 12.97 36.29
C SER B 473 3.65 12.29 37.63
N ARG B 474 3.10 11.08 37.66
CA ARG B 474 2.89 10.36 38.92
C ARG B 474 4.07 9.49 39.32
N MET B 475 5.17 9.52 38.56
CA MET B 475 6.30 8.64 38.87
C MET B 475 7.25 9.19 39.91
N LYS B 476 7.88 8.27 40.63
CA LYS B 476 8.85 8.59 41.66
C LYS B 476 10.13 9.13 41.03
N GLU B 477 10.95 9.77 41.87
CA GLU B 477 12.21 10.31 41.39
C GLU B 477 13.18 9.21 40.94
N ASN B 478 13.18 8.06 41.62
CA ASN B 478 14.16 7.02 41.34
C ASN B 478 13.86 6.21 40.08
N GLN B 479 12.60 6.12 39.66
CA GLN B 479 12.24 5.32 38.49
C GLN B 479 12.66 6.03 37.21
N LYS B 480 13.26 5.27 36.29
CA LYS B 480 13.72 5.79 35.00
C LYS B 480 12.94 5.22 33.82
N HIS B 481 12.06 4.25 34.04
CA HIS B 481 11.42 3.54 32.93
C HIS B 481 9.92 3.49 33.13
N ILE B 482 9.20 3.40 32.02
CA ILE B 482 7.76 3.21 32.00
C ILE B 482 7.49 1.71 31.99
N TYR B 483 7.05 1.17 33.12
CA TYR B 483 6.74 -0.25 33.21
C TYR B 483 5.36 -0.49 32.61
N TYR B 484 5.31 -1.36 31.58
CA TYR B 484 4.07 -1.69 30.91
C TYR B 484 3.96 -3.19 30.78
N ILE B 485 2.72 -3.68 30.71
CA ILE B 485 2.45 -5.11 30.59
C ILE B 485 1.38 -5.32 29.52
N THR B 486 1.66 -6.24 28.60
CA THR B 486 0.75 -6.59 27.52
C THR B 486 -0.04 -7.83 27.91
N GLY B 487 -1.27 -7.89 27.41
CA GLY B 487 -2.13 -9.03 27.73
C GLY B 487 -3.45 -8.94 27.00
N GLU B 488 -4.38 -9.79 27.43
CA GLU B 488 -5.70 -9.84 26.81
C GLU B 488 -6.73 -8.99 27.54
N ASN B 489 -6.66 -8.91 28.86
CA ASN B 489 -7.64 -8.15 29.62
C ASN B 489 -6.95 -7.47 30.80
N ARG B 490 -7.63 -6.46 31.35
CA ARG B 490 -7.08 -5.71 32.48
C ARG B 490 -6.89 -6.59 33.70
N ASP B 491 -7.85 -7.48 33.99
CA ASP B 491 -7.75 -8.33 35.17
C ASP B 491 -6.60 -9.34 35.04
N GLN B 492 -6.40 -9.91 33.85
CA GLN B 492 -5.29 -10.83 33.65
C GLN B 492 -3.96 -10.17 33.95
N VAL B 493 -3.71 -9.00 33.35
CA VAL B 493 -2.43 -8.34 33.55
C VAL B 493 -2.30 -7.83 34.99
N ALA B 494 -3.43 -7.50 35.62
CA ALA B 494 -3.38 -7.06 37.01
C ALA B 494 -3.03 -8.20 37.96
N ASN B 495 -3.52 -9.40 37.68
CA ASN B 495 -3.35 -10.54 38.58
C ASN B 495 -2.13 -11.39 38.24
N SER B 496 -1.30 -10.97 37.29
CA SER B 496 -0.14 -11.75 36.91
C SER B 496 0.88 -11.79 38.05
N SER B 497 1.68 -12.86 38.08
CA SER B 497 2.67 -13.02 39.14
C SER B 497 3.86 -12.09 38.95
N PHE B 498 4.07 -11.58 37.73
CA PHE B 498 5.20 -10.69 37.48
C PHE B 498 5.05 -9.37 38.22
N VAL B 499 3.84 -8.79 38.22
CA VAL B 499 3.61 -7.48 38.80
C VAL B 499 3.56 -7.50 40.33
N GLU B 500 3.78 -8.66 40.95
CA GLU B 500 3.71 -8.75 42.41
C GLU B 500 4.69 -7.79 43.07
N ARG B 501 6.00 -8.00 42.85
CA ARG B 501 6.99 -7.11 43.45
C ARG B 501 6.91 -5.71 42.86
N VAL B 502 6.53 -5.58 41.58
CA VAL B 502 6.39 -4.26 40.99
C VAL B 502 5.32 -3.46 41.71
N LYS B 503 4.17 -4.09 41.97
CA LYS B 503 3.09 -3.39 42.66
C LYS B 503 3.42 -3.16 44.13
N LYS B 504 4.05 -4.14 44.79
CA LYS B 504 4.27 -4.01 46.23
C LYS B 504 5.32 -2.96 46.54
N ARG B 505 6.12 -2.57 45.55
CA ARG B 505 7.09 -1.49 45.73
C ARG B 505 6.55 -0.14 45.30
N GLY B 506 5.27 -0.06 44.93
CA GLY B 506 4.64 1.22 44.65
C GLY B 506 4.92 1.81 43.29
N TYR B 507 5.21 0.99 42.29
CA TYR B 507 5.48 1.51 40.95
C TYR B 507 4.29 1.23 40.03
N GLU B 508 3.76 2.29 39.43
CA GLU B 508 2.57 2.19 38.59
C GLU B 508 2.90 1.52 37.27
N VAL B 509 1.98 0.69 36.78
CA VAL B 509 2.15 -0.11 35.58
C VAL B 509 0.99 0.15 34.63
N VAL B 510 1.31 0.38 33.35
CA VAL B 510 0.28 0.54 32.33
C VAL B 510 -0.21 -0.85 31.90
N TYR B 511 -1.51 -0.97 31.69
CA TYR B 511 -2.11 -2.22 31.23
C TYR B 511 -2.40 -2.13 29.74
N MET B 512 -1.78 -3.02 28.96
CA MET B 512 -2.04 -3.16 27.53
C MET B 512 -2.97 -4.36 27.34
N THR B 513 -4.11 -4.11 26.69
CA THR B 513 -5.09 -5.16 26.45
C THR B 513 -5.41 -5.35 24.98
N GLU B 514 -5.16 -4.35 24.13
CA GLU B 514 -5.49 -4.51 22.72
C GLU B 514 -4.35 -5.23 21.99
N PRO B 515 -4.68 -6.03 20.97
CA PRO B 515 -3.62 -6.68 20.18
C PRO B 515 -2.66 -5.70 19.53
N ILE B 516 -3.16 -4.52 19.13
CA ILE B 516 -2.33 -3.54 18.44
C ILE B 516 -1.29 -2.92 19.37
N ASP B 517 -1.44 -3.11 20.69
CA ASP B 517 -0.51 -2.51 21.63
C ASP B 517 0.92 -2.98 21.41
N GLU B 518 1.11 -4.23 21.01
CA GLU B 518 2.46 -4.72 20.77
C GLU B 518 3.11 -4.03 19.58
N TYR B 519 2.33 -3.73 18.54
CA TYR B 519 2.88 -3.04 17.38
C TYR B 519 3.29 -1.61 17.71
N VAL B 520 2.47 -0.89 18.49
CA VAL B 520 2.75 0.52 18.74
C VAL B 520 3.98 0.68 19.64
N VAL B 521 4.13 -0.20 20.62
CA VAL B 521 5.28 -0.10 21.53
C VAL B 521 6.58 -0.47 20.82
N GLN B 522 6.49 -1.14 19.67
CA GLN B 522 7.70 -1.48 18.91
C GLN B 522 8.44 -0.22 18.49
N GLN B 523 7.75 0.70 17.83
CA GLN B 523 8.33 2.00 17.50
C GLN B 523 8.40 2.92 18.71
N MET B 524 7.39 2.90 19.57
CA MET B 524 7.34 3.77 20.74
C MET B 524 8.30 3.17 21.79
N ARG B 525 9.59 3.37 21.52
CA ARG B 525 10.62 2.86 22.40
C ARG B 525 10.71 3.67 23.69
N GLU B 526 10.53 4.98 23.59
CA GLU B 526 10.61 5.86 24.75
C GLU B 526 9.70 7.06 24.55
N TYR B 527 9.10 7.53 25.64
CA TYR B 527 8.23 8.69 25.60
C TYR B 527 8.75 9.71 26.59
N ASP B 528 8.91 10.95 26.13
CA ASP B 528 9.40 12.05 26.97
C ASP B 528 10.74 11.70 27.60
N GLY B 529 11.56 10.94 26.87
CA GLY B 529 12.85 10.50 27.35
C GLY B 529 12.83 9.33 28.30
N LYS B 530 11.66 8.74 28.55
CA LYS B 530 11.53 7.61 29.47
C LYS B 530 11.35 6.32 28.68
N THR B 531 12.22 5.36 28.91
CA THR B 531 12.20 4.11 28.15
C THR B 531 10.98 3.27 28.50
N LEU B 532 10.42 2.62 27.49
CA LEU B 532 9.30 1.71 27.68
C LEU B 532 9.83 0.32 27.97
N VAL B 533 9.72 -0.11 29.23
CA VAL B 533 10.29 -1.38 29.68
C VAL B 533 9.15 -2.31 30.07
N SER B 534 9.10 -3.49 29.46
CA SER B 534 8.12 -4.50 29.82
C SER B 534 8.69 -5.40 30.92
N VAL B 535 7.95 -5.51 32.03
CA VAL B 535 8.42 -6.29 33.17
C VAL B 535 8.37 -7.79 32.92
N THR B 536 7.69 -8.24 31.86
CA THR B 536 7.63 -9.64 31.51
C THR B 536 8.94 -10.16 30.93
N LYS B 537 9.87 -9.27 30.60
CA LYS B 537 11.16 -9.65 30.01
C LYS B 537 12.22 -9.79 31.10
N GLU B 538 13.34 -10.39 30.72
CA GLU B 538 14.47 -10.49 31.63
C GLU B 538 15.09 -9.12 31.86
N GLY B 539 15.98 -9.05 32.85
CA GLY B 539 16.66 -7.81 33.13
C GLY B 539 15.79 -6.71 33.68
N LEU B 540 14.63 -7.05 34.25
CA LEU B 540 13.78 -6.05 34.88
C LEU B 540 14.49 -5.48 36.10
N GLU B 541 14.97 -4.25 35.97
CA GLU B 541 15.79 -3.62 37.01
C GLU B 541 14.90 -2.84 37.96
N LEU B 542 15.01 -3.13 39.24
CA LEU B 542 14.33 -2.43 40.31
C LEU B 542 15.36 -1.83 41.26
N PRO B 543 15.15 -0.59 41.71
CA PRO B 543 16.15 0.03 42.59
C PRO B 543 16.14 -0.57 43.98
N GLU B 544 17.21 -1.29 44.32
CA GLU B 544 17.29 -2.05 45.55
C GLU B 544 18.47 -1.55 46.38
N ASP B 545 18.38 -1.77 47.70
CA ASP B 545 19.42 -1.35 48.62
C ASP B 545 20.50 -2.42 48.73
N GLU B 546 21.52 -2.13 49.55
CA GLU B 546 22.61 -3.06 49.76
C GLU B 546 22.13 -4.35 50.41
N GLU B 547 21.22 -4.25 51.38
CA GLU B 547 20.71 -5.43 52.06
C GLU B 547 19.96 -6.34 51.08
N GLU B 548 19.16 -5.76 50.19
CA GLU B 548 18.44 -6.55 49.21
C GLU B 548 19.40 -7.28 48.27
N LYS B 549 20.45 -6.59 47.83
CA LYS B 549 21.45 -7.22 46.97
C LYS B 549 22.17 -8.34 47.69
N LYS B 550 22.52 -8.13 48.96
CA LYS B 550 23.19 -9.16 49.73
C LYS B 550 22.30 -10.39 49.90
N LYS B 551 21.01 -10.16 50.20
CA LYS B 551 20.08 -11.27 50.34
C LYS B 551 19.93 -12.02 49.03
N ARG B 552 19.84 -11.30 47.91
CA ARG B 552 19.73 -11.96 46.61
C ARG B 552 20.97 -12.80 46.32
N GLU B 553 22.16 -12.26 46.60
CA GLU B 553 23.39 -13.02 46.37
C GLU B 553 23.43 -14.27 47.25
N GLU B 554 22.99 -14.14 48.50
CA GLU B 554 22.91 -15.32 49.37
C GLU B 554 21.94 -16.34 48.80
N ASP B 555 20.83 -15.87 48.23
CA ASP B 555 19.89 -16.78 47.58
C ASP B 555 20.55 -17.53 46.42
N LYS B 556 21.30 -16.82 45.58
CA LYS B 556 21.96 -17.48 44.46
C LYS B 556 22.96 -18.52 44.95
N VAL B 557 23.77 -18.16 45.94
CA VAL B 557 24.81 -19.10 46.40
C VAL B 557 24.18 -20.28 47.11
N LYS B 558 23.03 -20.08 47.77
CA LYS B 558 22.36 -21.20 48.42
C LYS B 558 21.69 -22.11 47.42
N PHE B 559 21.12 -21.55 46.35
CA PHE B 559 20.33 -22.31 45.39
C PHE B 559 21.10 -22.66 44.12
N GLU B 560 22.41 -22.47 44.11
CA GLU B 560 23.20 -22.68 42.90
C GLU B 560 23.04 -24.10 42.36
N GLY B 561 23.37 -25.10 43.17
CA GLY B 561 23.27 -26.48 42.71
C GLY B 561 21.85 -26.87 42.35
N LEU B 562 20.87 -26.34 43.08
CA LEU B 562 19.48 -26.62 42.76
C LEU B 562 19.13 -26.12 41.37
N CYS B 563 19.61 -24.92 41.00
CA CYS B 563 19.36 -24.41 39.66
C CYS B 563 19.93 -25.33 38.60
N LYS B 564 21.10 -25.91 38.86
CA LYS B 564 21.66 -26.91 37.95
C LYS B 564 20.75 -28.12 37.89
N VAL B 565 20.15 -28.51 39.02
CA VAL B 565 19.25 -29.66 39.03
C VAL B 565 18.05 -29.41 38.14
N MET B 566 17.41 -28.24 38.29
CA MET B 566 16.35 -27.86 37.34
C MET B 566 16.85 -27.90 35.91
N LYS B 567 17.98 -27.25 35.63
CA LYS B 567 18.43 -27.11 34.25
C LYS B 567 18.65 -28.46 33.59
N ASN B 568 19.28 -29.39 34.29
CA ASN B 568 19.49 -30.72 33.71
C ASN B 568 18.20 -31.52 33.67
N ILE B 569 17.26 -31.22 34.56
CA ILE B 569 15.98 -31.94 34.52
C ILE B 569 15.15 -31.53 33.31
N LEU B 570 15.08 -30.23 33.02
CA LEU B 570 14.25 -29.75 31.91
C LEU B 570 14.91 -29.92 30.56
N ASP B 571 16.24 -30.08 30.51
CA ASP B 571 16.99 -30.17 29.27
C ASP B 571 16.80 -28.94 28.39
N ASN B 572 16.11 -29.12 27.25
CA ASN B 572 16.08 -28.09 26.21
C ASN B 572 15.05 -26.99 26.45
N LYS B 573 13.96 -27.27 27.19
CA LYS B 573 12.83 -26.34 27.23
C LYS B 573 13.17 -25.00 27.86
N VAL B 574 14.18 -24.93 28.71
CA VAL B 574 14.55 -23.68 29.37
C VAL B 574 16.06 -23.46 29.22
N GLU B 575 16.44 -22.25 28.81
CA GLU B 575 17.86 -21.96 28.61
C GLU B 575 18.59 -21.79 29.93
N LYS B 576 17.98 -21.13 30.91
CA LYS B 576 18.62 -20.94 32.21
C LYS B 576 17.57 -20.85 33.29
N VAL B 577 17.94 -21.32 34.48
CA VAL B 577 17.11 -21.23 35.68
C VAL B 577 17.83 -20.32 36.67
N VAL B 578 17.16 -19.26 37.10
CA VAL B 578 17.75 -18.24 37.95
C VAL B 578 16.78 -17.91 39.07
N VAL B 579 17.32 -17.35 40.15
CA VAL B 579 16.50 -16.97 41.29
C VAL B 579 15.78 -15.66 40.97
N SER B 580 14.46 -15.67 41.12
CA SER B 580 13.63 -14.54 40.69
C SER B 580 13.84 -13.34 41.60
N ASN B 581 13.92 -12.16 40.98
CA ASN B 581 13.89 -10.89 41.70
C ASN B 581 12.59 -10.15 41.50
N ARG B 582 11.57 -10.79 40.91
CA ARG B 582 10.28 -10.17 40.67
C ARG B 582 9.12 -10.90 41.32
N LEU B 583 9.32 -12.11 41.81
CA LEU B 583 8.25 -12.88 42.47
C LEU B 583 8.35 -12.74 43.98
N VAL B 584 7.19 -12.78 44.63
CA VAL B 584 7.11 -12.68 46.09
C VAL B 584 6.42 -13.92 46.64
N GLU B 585 5.29 -14.30 46.03
CA GLU B 585 4.50 -15.43 46.51
C GLU B 585 4.59 -16.65 45.62
N SER B 586 4.40 -16.50 44.30
CA SER B 586 4.44 -17.63 43.40
C SER B 586 5.85 -18.22 43.34
N PRO B 587 5.95 -19.55 43.35
CA PRO B 587 7.30 -20.17 43.34
C PRO B 587 8.11 -19.84 42.10
N CYS B 588 7.52 -19.92 40.91
CA CYS B 588 8.32 -19.77 39.70
C CYS B 588 7.49 -19.09 38.62
N CYS B 589 8.20 -18.53 37.64
CA CYS B 589 7.59 -17.85 36.51
C CYS B 589 8.52 -17.97 35.31
N ILE B 590 7.96 -17.73 34.12
CA ILE B 590 8.70 -17.78 32.87
C ILE B 590 8.84 -16.35 32.36
N VAL B 591 10.08 -15.87 32.30
CA VAL B 591 10.36 -14.54 31.77
C VAL B 591 10.96 -14.70 30.38
N THR B 592 10.93 -13.61 29.61
CA THR B 592 11.41 -13.61 28.24
C THR B 592 12.74 -12.88 28.13
N ALA B 593 13.40 -13.08 26.98
CA ALA B 593 14.71 -12.48 26.75
C ALA B 593 14.60 -10.97 26.60
N GLN B 594 15.76 -10.31 26.65
CA GLN B 594 15.79 -8.85 26.57
C GLN B 594 15.28 -8.34 25.23
N TYR B 595 15.65 -9.00 24.14
CA TYR B 595 15.33 -8.52 22.80
C TYR B 595 14.44 -9.49 22.01
N GLY B 596 14.02 -10.60 22.61
CA GLY B 596 13.11 -11.49 21.93
C GLY B 596 11.68 -11.00 21.97
N TRP B 597 10.80 -11.74 21.29
CA TRP B 597 9.39 -11.41 21.31
C TRP B 597 8.79 -11.65 22.70
N SER B 598 7.91 -10.76 23.12
CA SER B 598 7.23 -10.91 24.39
C SER B 598 6.18 -12.01 24.30
N ALA B 599 5.69 -12.42 25.48
CA ALA B 599 4.71 -13.50 25.53
C ALA B 599 3.46 -13.15 24.73
N ASN B 600 2.90 -11.95 24.96
CA ASN B 600 1.73 -11.54 24.19
C ASN B 600 2.07 -11.32 22.72
N MET B 601 3.33 -10.98 22.44
CA MET B 601 3.72 -10.66 21.08
C MET B 601 3.64 -11.89 20.16
N GLU B 602 4.25 -13.00 20.58
CA GLU B 602 4.36 -14.16 19.69
C GLU B 602 2.99 -14.77 19.43
N ARG B 603 2.09 -14.71 20.41
CA ARG B 603 0.71 -15.16 20.20
C ARG B 603 0.05 -14.35 19.09
N ILE B 604 0.24 -13.03 19.11
CA ILE B 604 -0.29 -12.18 18.04
C ILE B 604 0.38 -12.54 16.72
N MET B 605 1.70 -12.71 16.73
CA MET B 605 2.42 -13.10 15.53
C MET B 605 1.96 -14.47 15.03
N LYS B 606 1.78 -15.42 15.95
CA LYS B 606 1.40 -16.77 15.55
C LYS B 606 -0.02 -16.83 15.02
N ALA B 607 -0.79 -15.75 15.19
CA ALA B 607 -2.19 -15.77 14.80
C ALA B 607 -2.49 -15.00 13.53
N GLN B 608 -1.51 -14.30 12.96
CA GLN B 608 -1.75 -13.58 11.71
C GLN B 608 -1.77 -14.56 10.55
N ALA B 609 -2.67 -14.33 9.59
CA ALA B 609 -2.95 -15.33 8.56
C ALA B 609 -1.95 -15.28 7.41
N LEU B 610 -1.32 -14.14 7.17
CA LEU B 610 -0.55 -13.93 5.94
C LEU B 610 0.93 -13.61 6.20
N ARG B 611 1.41 -13.79 7.43
CA ARG B 611 2.81 -13.49 7.70
C ARG B 611 3.71 -14.59 7.16
N ASP B 612 5.00 -14.29 7.05
CA ASP B 612 5.96 -15.23 6.48
C ASP B 612 6.57 -16.08 7.60
N THR B 613 6.61 -17.39 7.41
CA THR B 613 7.12 -18.29 8.44
C THR B 613 8.61 -18.58 8.28
N SER B 614 9.27 -17.99 7.28
CA SER B 614 10.69 -18.25 7.10
C SER B 614 11.54 -17.55 8.14
N THR B 615 10.98 -16.54 8.81
CA THR B 615 11.75 -15.74 9.76
C THR B 615 11.41 -16.04 11.21
N MET B 616 10.30 -16.73 11.48
CA MET B 616 9.81 -16.87 12.86
C MET B 616 10.82 -17.58 13.74
N GLY B 617 11.79 -18.28 13.15
CA GLY B 617 12.83 -18.90 13.94
C GLY B 617 13.73 -17.91 14.64
N TYR B 618 14.01 -16.76 14.00
CA TYR B 618 15.02 -15.85 14.52
C TYR B 618 14.58 -15.07 15.76
N MET B 619 13.41 -14.43 15.75
CA MET B 619 13.01 -13.60 16.88
C MET B 619 12.22 -14.36 17.94
N ALA B 620 12.14 -15.69 17.85
CA ALA B 620 11.51 -16.47 18.90
C ALA B 620 12.32 -16.36 20.18
N ALA B 621 11.69 -15.81 21.23
CA ALA B 621 12.40 -15.56 22.47
C ALA B 621 12.75 -16.87 23.18
N LYS B 622 13.82 -16.83 23.97
CA LYS B 622 14.23 -18.01 24.73
C LYS B 622 13.64 -17.95 26.13
N LYS B 623 13.10 -19.08 26.59
CA LYS B 623 12.41 -19.14 27.85
C LYS B 623 13.40 -19.28 29.01
N HIS B 624 13.21 -18.44 30.03
CA HIS B 624 14.00 -18.51 31.26
C HIS B 624 13.06 -18.75 32.42
N LEU B 625 13.47 -19.63 33.33
CA LEU B 625 12.65 -19.99 34.48
C LEU B 625 13.19 -19.32 35.73
N GLU B 626 12.50 -18.28 36.19
CA GLU B 626 12.83 -17.59 37.43
C GLU B 626 12.16 -18.32 38.59
N ILE B 627 12.87 -18.39 39.72
CA ILE B 627 12.39 -19.16 40.88
C ILE B 627 12.40 -18.25 42.11
N ASN B 628 11.34 -18.36 42.91
CA ASN B 628 11.20 -17.55 44.12
C ASN B 628 12.08 -18.13 45.21
N PRO B 629 13.06 -17.39 45.74
CA PRO B 629 13.93 -17.95 46.79
C PRO B 629 13.21 -18.30 48.08
N ASP B 630 12.17 -17.55 48.47
CA ASP B 630 11.60 -17.70 49.80
C ASP B 630 10.35 -18.57 49.84
N HIS B 631 9.96 -19.19 48.73
CA HIS B 631 8.80 -20.07 48.71
C HIS B 631 9.09 -21.32 49.54
N SER B 632 8.05 -21.86 50.18
CA SER B 632 8.22 -23.07 50.98
C SER B 632 8.42 -24.30 50.08
N ILE B 633 7.64 -24.39 49.00
CA ILE B 633 7.73 -25.55 48.12
C ILE B 633 9.11 -25.62 47.48
N VAL B 634 9.67 -24.48 47.08
CA VAL B 634 10.99 -24.49 46.47
C VAL B 634 12.05 -24.92 47.48
N GLU B 635 11.90 -24.54 48.74
CA GLU B 635 12.83 -24.99 49.78
C GLU B 635 12.72 -26.49 49.99
N THR B 636 11.49 -27.01 50.01
CA THR B 636 11.31 -28.46 50.13
C THR B 636 11.93 -29.20 48.96
N LEU B 637 11.74 -28.67 47.74
CA LEU B 637 12.34 -29.31 46.57
C LEU B 637 13.86 -29.22 46.61
N ARG B 638 14.40 -28.12 47.12
CA ARG B 638 15.84 -28.01 47.29
C ARG B 638 16.37 -29.07 48.23
N GLN B 639 15.70 -29.25 49.37
CA GLN B 639 16.13 -30.28 50.32
C GLN B 639 16.03 -31.67 49.71
N LYS B 640 14.93 -31.94 49.00
CA LYS B 640 14.74 -33.25 48.41
C LYS B 640 15.78 -33.54 47.32
N ALA B 641 16.08 -32.54 46.49
CA ALA B 641 17.10 -32.71 45.46
C ALA B 641 18.47 -32.91 46.07
N GLU B 642 18.78 -32.17 47.14
CA GLU B 642 20.04 -32.38 47.84
C GLU B 642 20.12 -33.79 48.43
N ALA B 643 18.99 -34.31 48.92
CA ALA B 643 18.98 -35.67 49.44
C ALA B 643 19.17 -36.69 48.33
N ASP B 644 18.48 -36.51 47.20
CA ASP B 644 18.55 -37.46 46.09
C ASP B 644 18.46 -36.67 44.79
N LYS B 645 19.47 -36.83 43.93
CA LYS B 645 19.46 -36.17 42.64
C LYS B 645 18.63 -36.92 41.61
N ASN B 646 18.30 -38.19 41.86
CA ASN B 646 17.62 -39.04 40.90
C ASN B 646 16.18 -39.36 41.30
N ASP B 647 15.59 -38.56 42.19
CA ASP B 647 14.22 -38.83 42.64
C ASP B 647 13.25 -38.61 41.49
N LYS B 648 12.54 -39.69 41.12
CA LYS B 648 11.52 -39.59 40.07
C LYS B 648 10.41 -38.64 40.49
N ALA B 649 10.02 -38.68 41.76
CA ALA B 649 9.00 -37.76 42.26
C ALA B 649 9.46 -36.31 42.12
N VAL B 650 10.73 -36.03 42.41
CA VAL B 650 11.26 -34.68 42.25
C VAL B 650 11.20 -34.26 40.79
N LYS B 651 11.55 -35.17 39.88
CA LYS B 651 11.47 -34.87 38.46
C LYS B 651 10.05 -34.52 38.03
N ASP B 652 9.07 -35.31 38.51
CA ASP B 652 7.68 -35.04 38.17
C ASP B 652 7.22 -33.70 38.73
N LEU B 653 7.61 -33.40 39.97
CA LEU B 653 7.26 -32.11 40.56
C LEU B 653 7.86 -30.95 39.76
N VAL B 654 9.13 -31.09 39.34
CA VAL B 654 9.77 -30.03 38.58
C VAL B 654 9.07 -29.83 37.24
N ILE B 655 8.74 -30.92 36.55
CA ILE B 655 8.10 -30.81 35.25
C ILE B 655 6.71 -30.17 35.39
N LEU B 656 5.94 -30.63 36.39
CA LEU B 656 4.61 -30.06 36.60
C LEU B 656 4.70 -28.58 36.99
N LEU B 657 5.69 -28.23 37.81
CA LEU B 657 5.86 -26.84 38.24
C LEU B 657 6.22 -25.95 37.06
N TYR B 658 7.09 -26.44 36.16
CA TYR B 658 7.41 -25.67 34.97
C TYR B 658 6.19 -25.53 34.06
N GLU B 659 5.40 -26.61 33.95
CA GLU B 659 4.17 -26.54 33.16
C GLU B 659 3.23 -25.47 33.71
N THR B 660 3.10 -25.41 35.04
CA THR B 660 2.33 -24.35 35.67
C THR B 660 2.94 -22.98 35.39
N ALA B 661 4.27 -22.88 35.43
CA ALA B 661 4.95 -21.61 35.19
C ALA B 661 4.65 -21.08 33.79
N LEU B 662 4.67 -21.95 32.78
CA LEU B 662 4.35 -21.52 31.43
C LEU B 662 2.94 -20.97 31.35
N LEU B 663 1.98 -21.65 31.99
CA LEU B 663 0.60 -21.21 31.96
C LEU B 663 0.42 -19.88 32.70
N SER B 664 1.09 -19.73 33.85
CA SER B 664 1.00 -18.49 34.60
C SER B 664 1.62 -17.32 33.86
N SER B 665 2.65 -17.57 33.06
CA SER B 665 3.32 -16.54 32.28
C SER B 665 2.61 -16.23 30.97
N GLY B 666 1.56 -16.97 30.63
CA GLY B 666 0.81 -16.74 29.42
C GLY B 666 1.22 -17.60 28.24
N PHE B 667 2.35 -18.29 28.32
CA PHE B 667 2.78 -19.16 27.23
C PHE B 667 1.83 -20.33 27.06
N THR B 668 1.49 -20.62 25.81
CA THR B 668 0.72 -21.82 25.49
C THR B 668 1.61 -23.04 25.63
N LEU B 669 1.05 -24.12 26.15
CA LEU B 669 1.79 -25.35 26.33
C LEU B 669 2.14 -25.96 24.98
N ASP B 670 3.38 -26.47 24.87
CA ASP B 670 3.75 -27.19 23.66
C ASP B 670 2.86 -28.39 23.43
N GLU B 671 2.52 -29.12 24.49
CA GLU B 671 1.51 -30.18 24.43
C GLU B 671 0.65 -30.09 25.69
N PRO B 672 -0.57 -29.56 25.57
CA PRO B 672 -1.48 -29.59 26.72
C PRO B 672 -1.83 -31.00 27.17
N GLN B 673 -1.76 -31.98 26.27
CA GLN B 673 -2.17 -33.34 26.62
C GLN B 673 -1.29 -33.94 27.70
N VAL B 674 0.03 -33.73 27.62
CA VAL B 674 0.93 -34.36 28.59
C VAL B 674 0.76 -33.72 29.96
N HIS B 675 0.57 -32.39 29.99
CA HIS B 675 0.27 -31.72 31.26
C HIS B 675 -1.04 -32.20 31.85
N ALA B 676 -2.07 -32.36 31.01
CA ALA B 676 -3.35 -32.87 31.48
C ALA B 676 -3.21 -34.29 32.03
N SER B 677 -2.43 -35.13 31.33
CA SER B 677 -2.21 -36.49 31.81
C SER B 677 -1.48 -36.48 33.15
N ARG B 678 -0.49 -35.61 33.31
CA ARG B 678 0.21 -35.50 34.58
C ARG B 678 -0.73 -35.10 35.70
N ILE B 679 -1.62 -34.15 35.43
CA ILE B 679 -2.54 -33.71 36.49
C ILE B 679 -3.57 -34.80 36.78
N TYR B 680 -3.97 -35.56 35.76
CA TYR B 680 -4.89 -36.68 35.98
C TYR B 680 -4.24 -37.75 36.84
N ARG B 681 -2.96 -38.03 36.58
CA ARG B 681 -2.21 -38.99 37.39
C ARG B 681 -2.12 -38.52 38.84
N MET B 682 -1.92 -37.22 39.03
CA MET B 682 -1.71 -36.68 40.38
C MET B 682 -2.97 -36.78 41.21
N ILE B 683 -4.11 -36.36 40.65
CA ILE B 683 -5.37 -36.39 41.39
C ILE B 683 -5.79 -37.83 41.68
N LYS B 684 -5.29 -38.79 40.89
CA LYS B 684 -5.47 -40.19 41.25
C LYS B 684 -4.75 -40.51 42.56
N LEU B 685 -3.53 -39.96 42.72
CA LEU B 685 -2.80 -40.16 43.97
C LEU B 685 -3.45 -39.40 45.12
N GLY B 686 -3.87 -38.16 44.87
CA GLY B 686 -4.52 -37.39 45.92
C GLY B 686 -5.80 -38.03 46.42
N LEU B 687 -6.58 -38.63 45.52
CA LEU B 687 -7.76 -39.39 45.89
C LEU B 687 -7.42 -40.80 46.36
N GLY B 688 -6.34 -41.39 45.86
CA GLY B 688 -6.01 -42.76 46.21
C GLY B 688 -6.44 -43.78 45.19
N ILE B 689 -6.55 -43.39 43.92
CA ILE B 689 -6.95 -44.30 42.87
C ILE B 689 -5.83 -45.28 42.56
N ALA C 419 -13.35 -10.76 7.60
CA ALA C 419 -12.40 -10.11 6.72
C ALA C 419 -10.97 -10.36 7.17
N ILE C 420 -10.00 -9.88 6.38
CA ILE C 420 -8.59 -10.05 6.67
C ILE C 420 -8.00 -8.67 6.99
N VAL C 421 -6.92 -8.68 7.77
CA VAL C 421 -6.26 -7.46 8.20
C VAL C 421 -4.82 -7.48 7.70
N THR C 422 -4.08 -6.42 8.02
CA THR C 422 -2.77 -6.23 7.42
C THR C 422 -1.65 -6.57 8.41
N GLN C 423 -0.43 -6.58 7.89
CA GLN C 423 0.77 -6.69 8.71
C GLN C 423 1.65 -5.49 8.38
N TRP C 424 2.79 -5.39 9.08
CA TRP C 424 3.57 -4.18 9.00
C TRP C 424 5.06 -4.52 9.12
N CYS C 425 5.87 -3.50 9.41
CA CYS C 425 7.32 -3.58 9.28
C CYS C 425 7.97 -3.94 10.62
N GLU C 426 8.51 -5.15 10.70
CA GLU C 426 9.33 -5.58 11.83
C GLU C 426 10.49 -6.41 11.29
N GLY C 427 11.65 -6.25 11.91
CA GLY C 427 12.83 -6.97 11.45
C GLY C 427 13.93 -7.03 12.49
N SER C 428 15.01 -7.72 12.14
CA SER C 428 16.16 -7.90 13.01
C SER C 428 17.43 -7.66 12.23
N SER C 429 18.47 -7.24 12.93
CA SER C 429 19.70 -6.77 12.27
C SER C 429 20.65 -7.93 11.96
N LEU C 430 21.58 -7.67 11.03
CA LEU C 430 22.68 -8.60 10.77
C LEU C 430 23.57 -8.77 11.99
N TYR C 431 23.80 -7.68 12.73
CA TYR C 431 24.69 -7.76 13.89
C TYR C 431 24.19 -8.78 14.90
N LYS C 432 22.93 -8.65 15.33
CA LYS C 432 22.37 -9.60 16.27
C LYS C 432 22.41 -11.01 15.69
N HIS C 433 21.98 -11.16 14.44
CA HIS C 433 21.87 -12.47 13.82
C HIS C 433 23.22 -13.21 13.81
N LEU C 434 24.28 -12.50 13.44
CA LEU C 434 25.53 -13.22 13.18
C LEU C 434 26.46 -13.20 14.39
N HIS C 435 26.48 -12.11 15.16
CA HIS C 435 27.36 -12.02 16.32
C HIS C 435 26.72 -12.56 17.60
N VAL C 436 25.40 -12.75 17.63
CA VAL C 436 24.70 -13.24 18.81
C VAL C 436 23.99 -14.56 18.54
N GLN C 437 23.05 -14.56 17.59
CA GLN C 437 22.38 -15.79 17.20
C GLN C 437 23.27 -16.68 16.33
N GLU C 438 24.22 -16.11 15.61
CA GLU C 438 25.16 -16.87 14.79
C GLU C 438 24.44 -17.81 13.83
N THR C 439 23.39 -17.29 13.19
CA THR C 439 22.61 -18.08 12.25
C THR C 439 23.47 -18.50 11.07
N LYS C 440 23.37 -19.77 10.69
CA LYS C 440 24.19 -20.33 9.61
C LYS C 440 23.56 -19.99 8.28
N PHE C 441 23.88 -18.81 7.78
CA PHE C 441 23.42 -18.38 6.46
C PHE C 441 24.14 -19.19 5.38
N GLN C 442 23.37 -19.64 4.40
CA GLN C 442 23.96 -20.37 3.29
C GLN C 442 24.77 -19.43 2.41
N MET C 443 25.64 -20.01 1.59
CA MET C 443 26.50 -19.22 0.71
C MET C 443 25.68 -18.34 -0.23
N PHE C 444 24.64 -18.90 -0.84
CA PHE C 444 23.79 -18.11 -1.70
C PHE C 444 23.04 -17.04 -0.91
N GLN C 445 22.66 -17.34 0.33
CA GLN C 445 22.00 -16.33 1.16
C GLN C 445 22.92 -15.16 1.44
N LEU C 446 24.18 -15.43 1.80
CA LEU C 446 25.13 -14.37 2.05
C LEU C 446 25.38 -13.56 0.78
N ILE C 447 25.44 -14.23 -0.36
CA ILE C 447 25.60 -13.54 -1.64
C ILE C 447 24.39 -12.66 -1.92
N ASP C 448 23.19 -13.13 -1.57
CA ASP C 448 21.99 -12.33 -1.79
C ASP C 448 21.98 -11.09 -0.90
N ILE C 449 22.39 -11.23 0.36
CA ILE C 449 22.53 -10.04 1.21
C ILE C 449 23.54 -9.08 0.62
N ALA C 450 24.65 -9.61 0.12
CA ALA C 450 25.63 -8.77 -0.56
C ALA C 450 24.99 -7.99 -1.71
N ARG C 451 24.23 -8.69 -2.55
CA ARG C 451 23.61 -8.07 -3.71
C ARG C 451 22.62 -6.98 -3.31
N GLN C 452 21.74 -7.29 -2.35
CA GLN C 452 20.73 -6.32 -1.94
C GLN C 452 21.37 -5.11 -1.25
N THR C 453 22.40 -5.33 -0.44
CA THR C 453 23.10 -4.21 0.19
C THR C 453 23.77 -3.34 -0.87
N ALA C 454 24.38 -3.95 -1.88
CA ALA C 454 25.00 -3.19 -2.95
C ALA C 454 23.96 -2.39 -3.73
N GLN C 455 22.80 -3.00 -4.00
CA GLN C 455 21.75 -2.30 -4.73
C GLN C 455 21.22 -1.11 -3.92
N GLY C 456 20.94 -1.33 -2.64
CA GLY C 456 20.45 -0.24 -1.80
C GLY C 456 21.48 0.88 -1.66
N MET C 457 22.76 0.52 -1.62
CA MET C 457 23.81 1.53 -1.62
C MET C 457 23.83 2.31 -2.93
N ASP C 458 23.70 1.60 -4.06
CA ASP C 458 23.75 2.26 -5.36
C ASP C 458 22.60 3.25 -5.51
N TYR C 459 21.39 2.86 -5.13
CA TYR C 459 20.26 3.78 -5.22
C TYR C 459 20.47 4.98 -4.31
N LEU C 460 21.05 4.75 -3.12
CA LEU C 460 21.39 5.85 -2.24
C LEU C 460 22.42 6.77 -2.91
N HIS C 461 23.41 6.17 -3.58
CA HIS C 461 24.40 6.98 -4.30
C HIS C 461 23.83 7.53 -5.60
N ALA C 462 22.88 6.81 -6.21
CA ALA C 462 22.24 7.32 -7.42
C ALA C 462 21.49 8.60 -7.15
N LYS C 463 20.94 8.75 -5.95
CA LYS C 463 20.34 10.00 -5.50
C LYS C 463 21.32 10.85 -4.71
N ASN C 464 22.61 10.81 -5.08
CA ASN C 464 23.72 11.55 -4.46
C ASN C 464 23.58 11.66 -2.94
N ILE C 465 23.09 10.60 -2.30
CA ILE C 465 23.01 10.54 -0.85
C ILE C 465 24.18 9.77 -0.29
N ILE C 466 24.66 10.19 0.88
CA ILE C 466 25.84 9.62 1.49
C ILE C 466 25.45 8.99 2.83
N HIS C 467 25.90 7.77 3.06
CA HIS C 467 25.76 7.15 4.37
C HIS C 467 27.07 7.25 5.14
N ARG C 468 26.95 7.43 6.45
CA ARG C 468 28.12 7.70 7.27
C ARG C 468 28.35 6.70 8.40
N ASP C 469 27.42 5.79 8.66
CA ASP C 469 27.57 4.85 9.77
C ASP C 469 27.19 3.44 9.33
N MET C 470 27.70 3.01 8.18
CA MET C 470 27.48 1.64 7.72
C MET C 470 28.04 0.64 8.73
N LYS C 471 27.22 -0.34 9.08
CA LYS C 471 27.58 -1.42 9.99
C LYS C 471 26.38 -2.35 10.07
N SER C 472 26.64 -3.57 10.55
CA SER C 472 25.57 -4.55 10.69
C SER C 472 24.49 -4.10 11.66
N ASN C 473 24.79 -3.15 12.54
CA ASN C 473 23.79 -2.63 13.46
C ASN C 473 22.74 -1.79 12.75
N ASN C 474 23.14 -1.01 11.75
CA ASN C 474 22.24 -0.08 11.06
C ASN C 474 21.54 -0.70 9.86
N ILE C 475 21.75 -1.99 9.60
CA ILE C 475 21.11 -2.69 8.51
C ILE C 475 20.41 -3.91 9.08
N PHE C 476 19.17 -4.15 8.66
CA PHE C 476 18.29 -5.11 9.29
C PHE C 476 17.76 -6.11 8.26
N LEU C 477 17.62 -7.37 8.69
CA LEU C 477 16.90 -8.37 7.89
C LEU C 477 15.42 -8.27 8.25
N HIS C 478 14.63 -7.85 7.28
CA HIS C 478 13.20 -7.72 7.47
C HIS C 478 12.52 -9.07 7.27
N GLU C 479 11.19 -9.08 7.28
CA GLU C 479 10.46 -10.31 7.06
C GLU C 479 10.62 -10.78 5.61
N GLY C 480 10.64 -12.09 5.42
CA GLY C 480 10.95 -12.63 4.11
C GLY C 480 12.39 -12.46 3.71
N LEU C 481 13.27 -12.19 4.67
CA LEU C 481 14.68 -11.86 4.40
C LEU C 481 14.80 -10.61 3.53
N THR C 482 13.87 -9.68 3.70
CA THR C 482 14.02 -8.34 3.10
C THR C 482 15.13 -7.63 3.85
N VAL C 483 15.87 -6.78 3.15
CA VAL C 483 16.96 -6.03 3.77
C VAL C 483 16.68 -4.55 3.60
N LYS C 484 16.66 -3.81 4.72
CA LYS C 484 16.26 -2.40 4.73
C LYS C 484 17.39 -1.57 5.33
N ILE C 485 18.07 -0.80 4.49
CA ILE C 485 19.09 0.13 4.96
C ILE C 485 18.41 1.35 5.57
N GLY C 486 19.02 1.90 6.60
CA GLY C 486 18.40 2.95 7.38
C GLY C 486 17.52 2.47 8.51
N ASP C 487 17.44 1.15 8.72
CA ASP C 487 16.64 0.59 9.80
C ASP C 487 17.32 0.80 11.15
N PHE C 488 17.23 2.00 11.70
CA PHE C 488 17.72 2.25 13.05
C PHE C 488 16.71 1.64 14.02
N GLY C 489 16.79 0.32 14.14
CA GLY C 489 15.75 -0.43 14.82
C GLY C 489 15.05 -1.37 13.87
N LEU C 490 13.97 -1.99 14.36
CA LEU C 490 13.23 -2.97 13.56
C LEU C 490 12.56 -2.37 12.34
N ALA C 491 12.39 -1.05 12.29
CA ALA C 491 11.76 -0.40 11.14
C ALA C 491 12.34 0.99 10.93
N PRO C 506 29.64 7.59 14.91
CA PRO C 506 29.19 6.29 14.39
C PRO C 506 28.95 5.26 15.49
N THR C 507 28.77 5.74 16.72
CA THR C 507 28.55 4.88 17.89
C THR C 507 29.63 3.80 17.99
N GLY C 508 30.87 4.28 18.04
CA GLY C 508 32.02 3.41 17.98
C GLY C 508 32.05 2.66 16.66
N SER C 509 32.08 1.33 16.73
CA SER C 509 31.93 0.46 15.57
C SER C 509 32.92 0.78 14.46
N VAL C 510 34.15 1.17 14.82
CA VAL C 510 35.10 1.67 13.83
C VAL C 510 35.58 0.55 12.92
N LEU C 511 35.28 -0.71 13.27
CA LEU C 511 35.70 -1.84 12.45
C LEU C 511 35.16 -1.75 11.03
N TRP C 512 34.06 -1.02 10.83
CA TRP C 512 33.51 -0.75 9.52
C TRP C 512 33.99 0.57 8.93
N MET C 513 34.26 1.57 9.77
CA MET C 513 34.69 2.88 9.28
C MET C 513 36.01 2.80 8.53
N ALA C 514 36.09 3.52 7.41
CA ALA C 514 37.26 3.49 6.57
C ALA C 514 38.41 4.26 7.21
N PRO C 515 39.66 3.88 6.90
CA PRO C 515 40.82 4.55 7.51
C PRO C 515 40.87 6.06 7.27
N GLU C 516 40.52 6.51 6.07
CA GLU C 516 40.57 7.95 5.79
C GLU C 516 39.55 8.72 6.63
N VAL C 517 38.43 8.09 6.97
CA VAL C 517 37.49 8.71 7.90
C VAL C 517 38.07 8.72 9.30
N ILE C 518 38.90 7.73 9.62
CA ILE C 518 39.37 7.54 11.00
C ILE C 518 40.33 8.64 11.42
N ARG C 519 41.27 9.02 10.54
CA ARG C 519 42.26 10.03 10.93
C ARG C 519 41.61 11.39 11.14
N MET C 520 40.38 11.59 10.63
CA MET C 520 39.63 12.83 10.79
C MET C 520 40.34 14.00 10.11
N GLN C 521 41.23 13.69 9.15
CA GLN C 521 42.06 14.74 8.57
C GLN C 521 41.21 15.73 7.77
N ASP C 522 40.38 15.20 6.86
CA ASP C 522 39.50 16.03 6.05
C ASP C 522 38.35 16.54 6.91
N ASN C 523 37.82 17.71 6.54
CA ASN C 523 36.66 18.23 7.24
C ASN C 523 35.46 17.29 7.10
N ASN C 524 35.26 16.71 5.92
CA ASN C 524 34.24 15.69 5.72
C ASN C 524 34.86 14.52 4.94
N PRO C 525 35.57 13.62 5.64
CA PRO C 525 36.16 12.47 4.96
C PRO C 525 35.13 11.46 4.46
N PHE C 526 33.87 11.57 4.90
CA PHE C 526 32.81 10.67 4.43
C PHE C 526 32.64 10.83 2.92
N SER C 527 32.60 9.69 2.22
CA SER C 527 32.51 9.70 0.76
C SER C 527 31.90 8.39 0.29
N PHE C 528 31.67 8.31 -1.01
CA PHE C 528 31.13 7.09 -1.61
C PHE C 528 32.09 5.91 -1.43
N GLN C 529 33.39 6.18 -1.59
CA GLN C 529 34.37 5.10 -1.45
C GLN C 529 34.63 4.74 0.01
N SER C 530 34.45 5.68 0.93
CA SER C 530 34.43 5.30 2.34
C SER C 530 33.29 4.35 2.62
N ASP C 531 32.12 4.60 2.02
CA ASP C 531 31.01 3.67 2.10
C ASP C 531 31.36 2.35 1.41
N VAL C 532 32.17 2.41 0.36
CA VAL C 532 32.63 1.17 -0.28
C VAL C 532 33.46 0.35 0.68
N TYR C 533 34.36 1.00 1.43
CA TYR C 533 35.18 0.29 2.40
C TYR C 533 34.31 -0.29 3.52
N SER C 534 33.35 0.49 4.01
CA SER C 534 32.46 -0.01 5.06
C SER C 534 31.63 -1.19 4.58
N TYR C 535 31.10 -1.11 3.36
CA TYR C 535 30.37 -2.23 2.81
C TYR C 535 31.29 -3.42 2.56
N GLY C 536 32.56 -3.16 2.28
CA GLY C 536 33.52 -4.26 2.17
C GLY C 536 33.73 -4.95 3.49
N ILE C 537 33.75 -4.19 4.59
CA ILE C 537 33.75 -4.81 5.91
C ILE C 537 32.46 -5.60 6.12
N VAL C 538 31.36 -5.12 5.54
CA VAL C 538 30.10 -5.87 5.60
C VAL C 538 30.25 -7.21 4.89
N LEU C 539 30.87 -7.21 3.71
CA LEU C 539 31.15 -8.49 3.03
C LEU C 539 32.11 -9.34 3.85
N TYR C 540 33.03 -8.70 4.57
CA TYR C 540 33.93 -9.45 5.44
C TYR C 540 33.13 -10.19 6.52
N GLU C 541 32.15 -9.51 7.11
CA GLU C 541 31.25 -10.17 8.05
C GLU C 541 30.48 -11.29 7.37
N LEU C 542 30.02 -11.05 6.14
CA LEU C 542 29.23 -12.04 5.42
C LEU C 542 30.04 -13.31 5.16
N MET C 543 31.30 -13.16 4.74
CA MET C 543 32.13 -14.26 4.30
C MET C 543 33.03 -14.82 5.39
N THR C 544 33.05 -14.23 6.58
CA THR C 544 33.89 -14.72 7.66
C THR C 544 33.05 -15.02 8.89
N GLY C 545 32.01 -14.22 9.13
CA GLY C 545 31.18 -14.42 10.30
C GLY C 545 31.77 -13.91 11.60
N GLU C 546 32.88 -13.19 11.54
CA GLU C 546 33.54 -12.66 12.73
C GLU C 546 34.04 -11.24 12.44
N LEU C 547 34.01 -10.39 13.47
CA LEU C 547 34.47 -9.02 13.36
C LEU C 547 35.93 -8.95 12.91
N PRO C 548 36.27 -7.99 12.06
CA PRO C 548 37.66 -7.84 11.64
C PRO C 548 38.55 -7.42 12.80
N TYR C 549 39.82 -7.79 12.69
CA TYR C 549 40.82 -7.53 13.74
C TYR C 549 40.38 -8.14 15.08
N SER C 550 39.84 -9.35 15.03
CA SER C 550 39.35 -10.03 16.22
C SER C 550 40.45 -10.31 17.23
N HIS C 551 41.69 -10.47 16.78
CA HIS C 551 42.81 -10.75 17.66
C HIS C 551 43.19 -9.58 18.55
N ILE C 552 42.42 -8.49 18.53
CA ILE C 552 42.77 -7.25 19.22
C ILE C 552 41.65 -6.95 20.21
N ASN C 553 42.01 -6.76 21.47
CA ASN C 553 41.05 -6.41 22.50
C ASN C 553 41.02 -4.91 22.82
N ASN C 554 41.90 -4.12 22.23
CA ASN C 554 41.93 -2.68 22.44
C ASN C 554 41.40 -1.96 21.20
N ARG C 555 40.40 -1.11 21.39
CA ARG C 555 39.84 -0.35 20.27
C ARG C 555 40.82 0.71 19.78
N ASP C 556 41.45 1.44 20.69
CA ASP C 556 42.37 2.50 20.30
C ASP C 556 43.60 1.96 19.59
N GLN C 557 44.03 0.74 19.93
CA GLN C 557 45.13 0.11 19.20
C GLN C 557 44.70 -0.24 17.78
N ILE C 558 43.46 -0.74 17.63
CA ILE C 558 42.88 -0.91 16.31
C ILE C 558 42.83 0.42 15.59
N ILE C 559 42.45 1.48 16.31
CA ILE C 559 42.45 2.82 15.73
C ILE C 559 43.83 3.14 15.17
N PHE C 560 44.86 2.87 15.98
CA PHE C 560 46.21 3.29 15.63
C PHE C 560 46.70 2.56 14.38
N MET C 561 46.45 1.25 14.28
CA MET C 561 46.96 0.57 13.09
C MET C 561 46.10 0.82 11.86
N VAL C 562 44.78 0.62 11.95
CA VAL C 562 43.97 0.73 10.75
C VAL C 562 43.98 2.16 10.22
N GLY C 563 44.14 3.13 11.12
CA GLY C 563 44.29 4.50 10.66
C GLY C 563 45.59 4.71 9.91
N ARG C 564 46.69 4.19 10.43
CA ARG C 564 48.00 4.35 9.83
C ARG C 564 48.25 3.39 8.67
N GLY C 565 47.34 2.46 8.40
CA GLY C 565 47.53 1.51 7.34
C GLY C 565 48.29 0.26 7.73
N TYR C 566 48.52 0.04 9.03
CA TYR C 566 49.23 -1.15 9.46
C TYR C 566 48.36 -2.40 9.42
N ALA C 567 47.06 -2.26 9.67
CA ALA C 567 46.16 -3.39 9.78
C ALA C 567 45.16 -3.40 8.62
N SER C 568 44.93 -4.59 8.08
CA SER C 568 43.97 -4.81 7.01
C SER C 568 43.07 -5.96 7.43
N PRO C 569 41.85 -6.04 6.91
CA PRO C 569 41.03 -7.23 7.19
C PRO C 569 41.72 -8.49 6.72
N ASP C 570 41.75 -9.48 7.60
CA ASP C 570 42.47 -10.73 7.32
C ASP C 570 41.64 -11.55 6.34
N LEU C 571 41.97 -11.44 5.06
CA LEU C 571 41.19 -12.07 4.00
C LEU C 571 41.35 -13.58 3.97
N SER C 572 42.32 -14.15 4.70
CA SER C 572 42.47 -15.59 4.76
C SER C 572 41.37 -16.26 5.57
N LYS C 573 40.69 -15.52 6.43
CA LYS C 573 39.64 -16.08 7.28
C LYS C 573 38.31 -16.26 6.55
N LEU C 574 38.24 -15.91 5.27
CA LEU C 574 37.03 -16.14 4.51
C LEU C 574 36.76 -17.65 4.41
N TYR C 575 35.50 -17.99 4.19
CA TYR C 575 35.09 -19.40 4.16
C TYR C 575 35.85 -20.15 3.06
N LYS C 576 35.97 -21.47 3.24
CA LYS C 576 36.75 -22.27 2.31
C LYS C 576 36.05 -22.43 0.96
N ASN C 577 34.73 -22.40 0.94
CA ASN C 577 33.96 -22.46 -0.29
C ASN C 577 33.80 -21.11 -0.97
N CYS C 578 34.61 -20.12 -0.59
CA CYS C 578 34.46 -18.77 -1.12
C CYS C 578 34.82 -18.71 -2.60
N PRO C 579 33.93 -18.24 -3.45
CA PRO C 579 34.31 -17.98 -4.85
C PRO C 579 35.37 -16.89 -4.95
N LYS C 580 36.16 -16.95 -6.01
CA LYS C 580 37.30 -16.05 -6.14
C LYS C 580 36.86 -14.63 -6.45
N ALA C 581 35.77 -14.47 -7.20
CA ALA C 581 35.33 -13.13 -7.60
C ALA C 581 34.96 -12.28 -6.40
N MET C 582 34.17 -12.83 -5.47
CA MET C 582 33.82 -12.08 -4.27
C MET C 582 35.05 -11.81 -3.43
N LYS C 583 35.97 -12.76 -3.37
CA LYS C 583 37.18 -12.58 -2.58
C LYS C 583 37.99 -11.39 -3.10
N ARG C 584 38.17 -11.32 -4.41
CA ARG C 584 38.86 -10.18 -5.00
C ARG C 584 38.06 -8.90 -4.81
N LEU C 585 36.73 -8.99 -4.85
CA LEU C 585 35.90 -7.80 -4.65
C LEU C 585 36.07 -7.23 -3.25
N VAL C 586 36.01 -8.08 -2.23
CA VAL C 586 36.19 -7.61 -0.85
C VAL C 586 37.62 -7.12 -0.65
N ALA C 587 38.59 -7.75 -1.32
CA ALA C 587 39.95 -7.23 -1.28
C ALA C 587 40.01 -5.81 -1.82
N ASP C 588 39.35 -5.57 -2.96
CA ASP C 588 39.32 -4.24 -3.55
C ASP C 588 38.64 -3.23 -2.63
N CYS C 589 37.55 -3.64 -1.99
CA CYS C 589 36.82 -2.73 -1.11
C CYS C 589 37.62 -2.37 0.13
N VAL C 590 38.41 -3.30 0.66
CA VAL C 590 39.17 -3.04 1.88
C VAL C 590 40.54 -2.49 1.54
N LYS C 591 40.79 -2.23 0.27
CA LYS C 591 42.03 -1.57 -0.12
C LYS C 591 42.09 -0.17 0.48
N LYS C 592 43.24 0.16 1.07
CA LYS C 592 43.35 1.38 1.86
C LYS C 592 43.27 2.63 0.99
N VAL C 593 43.59 2.52 -0.29
CA VAL C 593 43.50 3.67 -1.19
C VAL C 593 42.03 3.87 -1.55
N LYS C 594 41.49 5.02 -1.17
CA LYS C 594 40.06 5.29 -1.36
C LYS C 594 39.70 5.37 -2.84
N GLU C 595 40.59 5.93 -3.67
CA GLU C 595 40.31 6.04 -5.10
C GLU C 595 40.32 4.69 -5.80
N GLU C 596 41.17 3.75 -5.36
CA GLU C 596 41.23 2.44 -5.96
C GLU C 596 39.98 1.61 -5.69
N ARG C 597 39.31 1.83 -4.54
CA ARG C 597 38.08 1.11 -4.26
C ARG C 597 37.06 1.36 -5.37
N PRO C 598 36.67 0.32 -6.10
CA PRO C 598 35.75 0.50 -7.23
C PRO C 598 34.37 0.96 -6.78
N LEU C 599 33.78 1.82 -7.61
CA LEU C 599 32.50 2.46 -7.39
C LEU C 599 31.33 1.49 -7.64
N PHE C 600 30.26 1.68 -6.86
CA PHE C 600 29.24 0.66 -6.56
C PHE C 600 28.62 -0.05 -7.77
N PRO C 601 28.32 0.63 -8.88
CA PRO C 601 27.96 -0.13 -10.09
C PRO C 601 28.99 -1.17 -10.49
N GLN C 602 30.28 -0.88 -10.32
CA GLN C 602 31.28 -1.91 -10.58
C GLN C 602 31.18 -3.05 -9.57
N ILE C 603 30.83 -2.74 -8.32
CA ILE C 603 30.60 -3.80 -7.34
C ILE C 603 29.47 -4.71 -7.80
N LEU C 604 28.33 -4.12 -8.17
CA LEU C 604 27.18 -4.92 -8.56
C LEU C 604 27.47 -5.72 -9.83
N SER C 605 28.20 -5.11 -10.77
CA SER C 605 28.64 -5.84 -11.95
C SER C 605 29.51 -7.03 -11.58
N SER C 606 30.41 -6.85 -10.63
CA SER C 606 31.26 -7.95 -10.19
C SER C 606 30.44 -9.06 -9.54
N ILE C 607 29.43 -8.70 -8.75
CA ILE C 607 28.64 -9.74 -8.09
C ILE C 607 27.80 -10.51 -9.10
N GLU C 608 27.13 -9.82 -10.03
CA GLU C 608 26.19 -10.53 -10.90
C GLU C 608 26.91 -11.55 -11.78
N LEU C 609 28.09 -11.22 -12.30
CA LEU C 609 28.82 -12.17 -13.13
C LEU C 609 29.20 -13.41 -12.34
N LEU C 610 29.61 -13.23 -11.09
CA LEU C 610 29.87 -14.38 -10.22
C LEU C 610 28.57 -15.07 -9.83
N GLN C 611 27.51 -14.28 -9.62
CA GLN C 611 26.24 -14.83 -9.17
C GLN C 611 25.63 -15.78 -10.19
N HIS C 612 25.74 -15.42 -11.48
CA HIS C 612 25.26 -16.32 -12.53
C HIS C 612 26.14 -17.56 -12.68
N SER C 613 27.36 -17.52 -12.17
CA SER C 613 28.24 -18.69 -12.15
C SER C 613 28.13 -19.49 -10.86
N LEU C 614 27.20 -19.14 -9.99
CA LEU C 614 27.08 -19.82 -8.70
C LEU C 614 26.80 -21.31 -8.79
N PRO C 615 25.87 -21.81 -9.61
CA PRO C 615 25.52 -23.25 -9.55
C PRO C 615 26.69 -24.19 -9.82
N LYS C 616 27.87 -23.68 -10.17
CA LYS C 616 29.04 -24.54 -10.37
C LYS C 616 29.40 -25.29 -9.09
N VAL D 2 -2.55 29.68 -20.95
CA VAL D 2 -2.62 28.63 -19.95
C VAL D 2 -1.23 28.18 -19.54
N ASP D 3 -0.44 29.12 -19.01
CA ASP D 3 0.93 28.83 -18.60
C ASP D 3 0.93 28.06 -17.29
N TYR D 4 1.45 26.83 -17.31
CA TYR D 4 1.52 25.99 -16.13
C TYR D 4 2.95 25.85 -15.59
N SER D 5 3.86 26.71 -16.02
CA SER D 5 5.28 26.57 -15.68
C SER D 5 5.56 26.80 -14.21
N VAL D 6 4.64 27.46 -13.51
CA VAL D 6 4.90 27.83 -12.11
C VAL D 6 4.94 26.60 -11.23
N TRP D 7 4.00 25.68 -11.40
CA TRP D 7 3.83 24.54 -10.50
C TRP D 7 4.70 23.35 -10.84
N ASP D 8 5.40 23.37 -11.98
CA ASP D 8 6.13 22.18 -12.40
C ASP D 8 7.38 21.90 -11.56
N HIS D 9 7.77 22.83 -10.69
CA HIS D 9 8.94 22.67 -9.84
C HIS D 9 8.48 22.50 -8.40
N ILE D 10 8.18 21.27 -8.00
CA ILE D 10 7.74 20.97 -6.64
C ILE D 10 8.52 19.78 -6.12
N GLU D 11 9.03 19.90 -4.91
CA GLU D 11 9.79 18.84 -4.24
C GLU D 11 9.05 18.42 -2.97
N VAL D 12 8.63 17.16 -2.91
CA VAL D 12 7.99 16.61 -1.73
C VAL D 12 8.75 15.37 -1.27
N ASP D 14 8.27 13.11 1.56
CA ASP D 14 7.49 11.93 1.89
C ASP D 14 6.60 11.50 0.72
N ASP D 15 7.24 11.10 -0.38
CA ASP D 15 6.53 10.57 -1.53
C ASP D 15 6.80 9.08 -1.63
N GLU D 16 5.74 8.28 -1.57
CA GLU D 16 5.89 6.83 -1.66
C GLU D 16 6.25 6.39 -3.07
N ASP D 17 5.80 7.11 -4.10
CA ASP D 17 6.09 6.74 -5.48
C ASP D 17 7.57 6.63 -5.76
N GLU D 18 8.41 7.48 -5.15
CA GLU D 18 9.85 7.39 -5.27
C GLU D 18 10.40 6.75 -3.99
N THR D 19 10.32 5.43 -3.94
CA THR D 19 10.83 4.66 -2.81
C THR D 19 11.50 3.40 -3.34
N HIS D 20 12.48 2.91 -2.59
CA HIS D 20 13.22 1.72 -2.97
C HIS D 20 12.87 0.56 -2.07
N PRO D 21 12.55 -0.61 -2.63
CA PRO D 21 12.07 -1.72 -1.79
C PRO D 21 13.06 -2.20 -0.74
N ASN D 22 14.35 -1.94 -0.91
CA ASN D 22 15.37 -2.39 0.04
C ASN D 22 15.86 -1.27 0.95
N ILE D 23 15.14 -0.15 1.03
CA ILE D 23 15.48 0.95 1.93
C ILE D 23 14.28 1.21 2.83
N ASP D 24 14.54 1.43 4.12
CA ASP D 24 13.49 1.78 5.05
C ASP D 24 12.84 3.10 4.63
N THR D 25 11.54 3.05 4.36
CA THR D 25 10.85 4.21 3.80
C THR D 25 10.91 5.40 4.74
N ALA D 26 10.71 5.16 6.03
CA ALA D 26 10.77 6.25 7.00
C ALA D 26 12.16 6.87 7.05
N SER D 27 13.20 6.03 7.02
CA SER D 27 14.57 6.55 7.03
C SER D 27 14.85 7.39 5.78
N LEU D 28 14.37 6.92 4.62
CA LEU D 28 14.59 7.67 3.38
C LEU D 28 13.86 9.01 3.42
N PHE D 29 12.62 9.02 3.94
CA PHE D 29 11.89 10.27 4.08
C PHE D 29 12.62 11.23 5.01
N ARG D 30 13.12 10.73 6.14
CA ARG D 30 13.86 11.56 7.08
C ARG D 30 15.13 12.11 6.44
N TRP D 31 15.82 11.28 5.65
CA TRP D 31 17.02 11.71 4.97
C TRP D 31 16.72 12.83 3.99
N ARG D 32 15.65 12.69 3.21
CA ARG D 32 15.24 13.73 2.28
C ARG D 32 14.90 15.03 3.02
N HIS D 33 14.17 14.91 4.13
CA HIS D 33 13.79 16.09 4.90
C HIS D 33 15.02 16.80 5.46
N GLN D 34 15.97 16.02 5.99
CA GLN D 34 17.19 16.61 6.52
C GLN D 34 17.98 17.30 5.41
N ALA D 35 18.01 16.69 4.22
CA ALA D 35 18.68 17.32 3.09
C ALA D 35 18.03 18.63 2.70
N ARG D 36 16.70 18.67 2.72
CA ARG D 36 15.99 19.92 2.44
C ARG D 36 16.33 21.00 3.47
N VAL D 37 16.31 20.61 4.75
CA VAL D 37 16.64 21.56 5.81
C VAL D 37 18.05 22.09 5.63
N GLU D 38 18.99 21.19 5.32
CA GLU D 38 20.36 21.59 5.11
C GLU D 38 20.48 22.56 3.93
N ARG D 39 19.80 22.28 2.82
CA ARG D 39 20.04 23.13 1.66
C ARG D 39 19.44 24.52 1.88
N MET D 40 18.27 24.60 2.51
CA MET D 40 17.75 25.94 2.76
C MET D 40 18.55 26.66 3.85
N GLU D 41 19.20 25.93 4.76
CA GLU D 41 19.96 26.64 5.79
C GLU D 41 21.29 27.15 5.25
N GLN D 42 21.95 26.37 4.38
CA GLN D 42 23.18 26.88 3.76
C GLN D 42 22.87 27.98 2.76
N PHE D 43 21.71 27.91 2.10
CA PHE D 43 21.39 28.92 1.10
C PHE D 43 21.23 30.31 1.72
N GLN D 44 20.58 30.39 2.89
CA GLN D 44 20.40 31.68 3.53
C GLN D 44 21.72 32.24 4.05
N LYS D 45 22.57 31.37 4.58
CA LYS D 45 23.89 31.81 5.04
C LYS D 45 24.72 32.33 3.87
N GLU D 46 24.64 31.67 2.71
CA GLU D 46 25.31 32.20 1.53
C GLU D 46 24.62 33.47 1.03
N LYS D 47 23.32 33.58 1.24
CA LYS D 47 22.60 34.79 0.85
C LYS D 47 23.08 36.00 1.64
N GLU D 48 23.27 35.85 2.95
CA GLU D 48 23.72 36.98 3.77
C GLU D 48 25.21 37.25 3.53
N LEU D 102 26.27 37.99 -6.19
CA LEU D 102 24.93 38.19 -5.65
C LEU D 102 23.89 38.19 -6.76
N GLU D 103 24.30 38.64 -7.96
CA GLU D 103 23.38 38.61 -9.10
C GLU D 103 23.11 37.17 -9.54
N GLU D 104 24.15 36.33 -9.57
CA GLU D 104 23.95 34.90 -9.81
C GLU D 104 23.18 34.27 -8.65
N MET D 105 23.40 34.77 -7.43
CA MET D 105 22.64 34.31 -6.28
C MET D 105 21.15 34.54 -6.49
N ARG D 106 20.79 35.63 -7.18
CA ARG D 106 19.39 35.99 -7.35
C ARG D 106 18.65 35.02 -8.28
N LYS D 107 19.38 34.34 -9.17
CA LYS D 107 18.71 33.52 -10.16
C LYS D 107 18.27 32.18 -9.59
N LYS D 108 19.08 31.59 -8.71
CA LYS D 108 18.81 30.22 -8.27
C LYS D 108 17.60 30.16 -7.34
N GLU D 109 17.35 31.22 -6.58
CA GLU D 109 16.17 31.25 -5.72
C GLU D 109 14.89 31.21 -6.54
N LYS D 110 14.87 31.92 -7.67
CA LYS D 110 13.70 31.91 -8.55
C LYS D 110 13.54 30.55 -9.23
N SER D 111 14.60 29.76 -9.33
CA SER D 111 14.57 28.49 -10.03
C SER D 111 14.45 27.29 -9.11
N MET D 112 14.36 27.50 -7.80
CA MET D 112 14.20 26.38 -6.88
C MET D 112 12.83 25.75 -7.05
N PRO D 113 12.74 24.42 -7.04
CA PRO D 113 11.44 23.78 -6.83
C PRO D 113 10.73 24.35 -5.63
N TRP D 114 9.46 24.71 -5.82
CA TRP D 114 8.64 25.14 -4.69
C TRP D 114 8.39 23.97 -3.75
N ASN D 115 8.31 24.27 -2.45
CA ASN D 115 8.11 23.25 -1.44
C ASN D 115 6.88 23.60 -0.61
N VAL D 116 6.52 22.69 0.29
CA VAL D 116 5.34 22.89 1.13
C VAL D 116 5.48 24.14 1.98
N ASP D 117 6.67 24.36 2.55
CA ASP D 117 6.88 25.51 3.43
C ASP D 117 6.77 26.84 2.69
N THR D 118 7.21 26.90 1.44
CA THR D 118 7.33 28.16 0.73
C THR D 118 6.22 28.42 -0.27
N LEU D 119 5.45 27.40 -0.65
CA LEU D 119 4.45 27.58 -1.70
C LEU D 119 3.30 28.46 -1.26
N SER D 120 2.91 28.40 0.02
CA SER D 120 1.72 29.10 0.47
C SER D 120 1.76 29.30 1.98
N LYS D 121 0.82 30.11 2.47
CA LYS D 121 0.70 30.40 3.89
C LYS D 121 -0.75 30.27 4.33
N ASP D 122 -0.95 30.24 5.65
CA ASP D 122 -2.26 29.96 6.22
C ASP D 122 -3.19 31.16 6.10
N GLY D 123 -4.42 30.90 5.64
CA GLY D 123 -5.50 31.85 5.83
C GLY D 123 -6.41 31.40 6.96
N PHE D 124 -6.29 32.08 8.09
CA PHE D 124 -6.82 31.59 9.36
C PHE D 124 -8.33 31.47 9.31
N SER D 125 -8.86 30.38 9.89
CA SER D 125 -10.28 30.17 10.09
C SER D 125 -10.48 29.47 11.43
N LYS D 126 -11.73 29.19 11.76
CA LYS D 126 -12.11 28.77 13.11
C LYS D 126 -12.20 27.24 13.22
N SER D 127 -11.79 26.73 14.38
CA SER D 127 -12.02 25.35 14.77
C SER D 127 -12.95 25.33 15.99
N MET D 128 -13.87 24.38 16.02
CA MET D 128 -14.92 24.34 17.03
C MET D 128 -15.12 22.94 17.56
N VAL D 129 -15.77 22.85 18.71
CA VAL D 129 -16.14 21.59 19.35
C VAL D 129 -17.66 21.58 19.55
N ASN D 130 -18.31 20.51 19.12
CA ASN D 130 -19.77 20.42 19.13
C ASN D 130 -20.21 19.86 20.48
N THR D 131 -20.93 20.68 21.25
CA THR D 131 -21.43 20.27 22.55
C THR D 131 -22.88 19.80 22.40
N LYS D 132 -23.08 18.49 22.48
CA LYS D 132 -24.40 17.88 22.40
C LYS D 132 -24.39 16.67 23.30
N PRO D 133 -25.46 16.44 24.07
CA PRO D 133 -25.46 15.32 25.03
C PRO D 133 -25.55 13.97 24.32
N GLU D 134 -24.52 13.15 24.51
CA GLU D 134 -24.56 11.78 24.03
C GLU D 134 -25.46 10.94 24.93
N LYS D 135 -26.33 10.14 24.30
CA LYS D 135 -27.36 9.39 25.01
C LYS D 135 -28.22 10.33 25.84
N THR D 136 -28.87 11.27 25.16
CA THR D 136 -29.62 12.32 25.83
C THR D 136 -30.81 11.76 26.58
N GLU D 137 -31.35 12.57 27.50
CA GLU D 137 -32.49 12.17 28.31
C GLU D 137 -33.75 12.08 27.47
#